data_2WIT
#
_entry.id   2WIT
#
_cell.length_a   118.095
_cell.length_b   129.422
_cell.length_c   182.942
_cell.angle_alpha   90.00
_cell.angle_beta   90.00
_cell.angle_gamma   90.00
#
_symmetry.space_group_name_H-M   'P 21 21 21'
#
loop_
_entity.id
_entity.type
_entity.pdbx_description
1 polymer 'GLYCINE BETAINE TRANSPORTER BETP'
2 non-polymer 'TRIMETHYL GLYCINE'
#
_entity_poly.entity_id   1
_entity_poly.type   'polypeptide(L)'
_entity_poly.pdbx_seq_one_letter_code
;LENPTNLEGKLADAAAAIILEGEDTQASLNWSVIVPALVIVLATVVWGIGFKDSFTNFASSALSAVVDNLGWAFILFGTV
FVFFIVVIAASKFGTIRLGRIDEAPEFRTVSWIS(MSE)(MSE)FAAG(MSE)GIGL(MSE)FYGTTEPLTFYRNGVPGH
DEHNVGVA(MSE)STT(MSE)FHWTLHPWAIYAIVGLAIAYSTFRVGRKQLLSSAFVPLIGEKGAEGWLGKLIDILAIIA
TVFGTACSLGLGALQIGAGLSAANIIEDPSDWTIVGIVSVLTLAFIFSAISGVGKGIQYLSNAN(MSE)VLAALLAIFVF
VVGPTVSILNLLPGSIGNYLSNFFQ(MSE)AGRTA(MSE)SADGTAGEWLGSWTIFYWAWWISWSPFVG(MSE)FLARIS
RGRSIREFILGVLLVPAGVSTVWFSIFGGTAIVFEQNGESIWGDGAAEEQLFGLLHALPGGQI(MSE)GIIA(MSE)ILL
GTFFITSADSASTV(MSE)GT(MSE)SQHGQLEANKWVTAAWGVATAAIGLTLLLSGGDNALSNLQNVTIVAATPFLFVV
IGL(MSE)FALVKDLSNDVIYLEYREQQRFNARLARERRVHNEHRKRELAAKRRRERKASGAGKRR
;
_entity_poly.pdbx_strand_id   A,B,C
#
loop_
_chem_comp.id
_chem_comp.type
_chem_comp.name
_chem_comp.formula
BET non-polymer 'TRIMETHYL GLYCINE' 'C5 H12 N O2 1'
#
# COMPACT_ATOMS: atom_id res chain seq x y z
N SER A 28 -0.97 -32.56 41.25
CA SER A 28 0.32 -32.24 40.63
C SER A 28 0.47 -30.75 40.42
N LEU A 29 0.64 -30.01 41.52
CA LEU A 29 0.80 -28.56 41.47
C LEU A 29 2.27 -28.16 41.34
N ASN A 30 2.59 -27.41 40.29
CA ASN A 30 3.95 -26.95 40.07
C ASN A 30 4.24 -25.72 40.92
N TRP A 31 4.64 -25.95 42.17
CA TRP A 31 4.92 -24.86 43.10
C TRP A 31 6.13 -24.03 42.70
N SER A 32 6.93 -24.55 41.79
CA SER A 32 8.11 -23.84 41.31
C SER A 32 7.70 -22.52 40.66
N VAL A 33 6.49 -22.49 40.11
CA VAL A 33 5.96 -21.29 39.46
C VAL A 33 5.02 -20.56 40.40
N ILE A 34 4.22 -21.32 41.15
CA ILE A 34 3.24 -20.74 42.07
C ILE A 34 3.87 -19.83 43.11
N VAL A 35 4.91 -20.33 43.77
CA VAL A 35 5.57 -19.57 44.83
C VAL A 35 6.03 -18.19 44.40
N PRO A 36 6.94 -18.13 43.40
CA PRO A 36 7.44 -16.82 42.95
C PRO A 36 6.32 -15.93 42.44
N ALA A 37 5.28 -16.55 41.89
CA ALA A 37 4.14 -15.80 41.36
C ALA A 37 3.38 -15.10 42.49
N LEU A 38 2.92 -15.87 43.47
CA LEU A 38 2.19 -15.32 44.59
C LEU A 38 3.05 -14.37 45.42
N VAL A 39 4.36 -14.62 45.43
CA VAL A 39 5.29 -13.77 46.17
C VAL A 39 5.26 -12.36 45.59
N ILE A 40 5.35 -12.26 44.28
CA ILE A 40 5.33 -10.96 43.60
C ILE A 40 3.93 -10.38 43.60
N VAL A 41 2.93 -11.23 43.50
CA VAL A 41 1.54 -10.80 43.51
C VAL A 41 1.18 -10.14 44.83
N LEU A 42 1.33 -10.89 45.92
CA LEU A 42 1.02 -10.38 47.24
C LEU A 42 1.91 -9.21 47.62
N ALA A 43 3.13 -9.20 47.08
CA ALA A 43 4.07 -8.12 47.34
C ALA A 43 3.47 -6.78 46.93
N THR A 44 3.07 -6.69 45.67
CA THR A 44 2.47 -5.47 45.14
C THR A 44 1.16 -5.14 45.86
N VAL A 45 0.46 -6.18 46.29
CA VAL A 45 -0.81 -6.01 47.00
C VAL A 45 -0.60 -5.22 48.29
N VAL A 46 0.23 -5.78 49.17
CA VAL A 46 0.52 -5.14 50.45
C VAL A 46 1.29 -3.83 50.27
N TRP A 47 2.29 -3.86 49.40
CA TRP A 47 3.13 -2.70 49.15
C TRP A 47 2.36 -1.58 48.44
N GLY A 48 1.08 -1.83 48.16
CA GLY A 48 0.25 -0.86 47.48
C GLY A 48 -1.03 -0.51 48.21
N ILE A 49 -1.70 -1.52 48.76
CA ILE A 49 -2.96 -1.33 49.46
C ILE A 49 -2.80 -0.42 50.68
N GLY A 50 -1.61 -0.46 51.29
CA GLY A 50 -1.33 0.34 52.47
C GLY A 50 0.16 0.49 52.70
N PHE A 51 0.51 0.94 53.90
CA PHE A 51 1.91 1.14 54.28
C PHE A 51 2.62 2.03 53.27
N LYS A 52 3.36 1.41 52.36
CA LYS A 52 4.08 2.14 51.32
C LYS A 52 3.14 2.50 50.18
N ASP A 53 2.08 3.23 50.49
CA ASP A 53 1.08 3.62 49.50
C ASP A 53 1.65 4.63 48.51
N SER A 54 2.18 5.72 49.02
CA SER A 54 2.74 6.77 48.19
C SER A 54 3.98 6.29 47.44
N PHE A 55 4.53 5.17 47.90
CA PHE A 55 5.71 4.58 47.27
C PHE A 55 5.34 3.84 45.98
N THR A 56 4.12 3.32 45.93
CA THR A 56 3.63 2.64 44.75
C THR A 56 3.47 3.65 43.62
N ASN A 57 2.96 4.83 43.95
CA ASN A 57 2.78 5.90 42.98
C ASN A 57 4.13 6.47 42.55
N PHE A 58 5.17 6.14 43.30
CA PHE A 58 6.52 6.57 42.97
C PHE A 58 7.10 5.64 41.92
N ALA A 59 6.68 4.38 41.95
CA ALA A 59 7.11 3.38 40.98
C ALA A 59 6.46 3.67 39.63
N SER A 60 5.29 4.30 39.67
CA SER A 60 4.58 4.67 38.46
C SER A 60 5.26 5.86 37.78
N SER A 61 5.97 6.64 38.58
CA SER A 61 6.71 7.79 38.08
C SER A 61 8.02 7.30 37.45
N ALA A 62 8.68 6.36 38.11
CA ALA A 62 9.91 5.78 37.60
C ALA A 62 9.57 4.82 36.46
N LEU A 63 8.28 4.59 36.27
CA LEU A 63 7.80 3.72 35.20
C LEU A 63 7.83 4.47 33.86
N SER A 64 7.67 5.78 33.91
CA SER A 64 7.69 6.60 32.71
C SER A 64 9.04 6.48 32.01
N ALA A 65 9.99 5.80 32.65
CA ALA A 65 11.31 5.60 32.09
C ALA A 65 11.31 4.46 31.08
N VAL A 66 10.45 3.47 31.31
CA VAL A 66 10.33 2.33 30.41
C VAL A 66 9.65 2.75 29.12
N VAL A 67 8.82 3.78 29.20
CA VAL A 67 8.11 4.31 28.04
C VAL A 67 9.09 5.10 27.20
N ASP A 68 10.09 5.67 27.86
CA ASP A 68 11.11 6.46 27.17
C ASP A 68 12.16 5.54 26.54
N ASN A 69 12.60 4.55 27.31
CA ASN A 69 13.62 3.62 26.86
C ASN A 69 13.10 2.56 25.89
N LEU A 70 12.24 1.68 26.39
CA LEU A 70 11.68 0.61 25.56
C LEU A 70 10.47 1.06 24.76
N GLY A 71 10.32 2.37 24.60
CA GLY A 71 9.22 2.94 23.85
C GLY A 71 9.23 2.47 22.40
N TRP A 72 10.41 2.54 21.78
CA TRP A 72 10.57 2.12 20.40
C TRP A 72 10.33 0.61 20.25
N ALA A 73 10.62 -0.13 21.32
CA ALA A 73 10.46 -1.58 21.31
C ALA A 73 9.01 -1.96 21.09
N PHE A 74 8.11 -1.38 21.88
CA PHE A 74 6.68 -1.67 21.77
C PHE A 74 6.14 -1.25 20.41
N ILE A 75 6.65 -0.15 19.89
CA ILE A 75 6.18 0.40 18.60
C ILE A 75 6.76 -0.33 17.40
N LEU A 76 8.07 -0.52 17.41
CA LEU A 76 8.74 -1.21 16.30
C LEU A 76 8.21 -2.62 16.12
N PHE A 77 8.39 -3.45 17.14
CA PHE A 77 7.96 -4.84 17.09
C PHE A 77 6.43 -4.94 17.03
N GLY A 78 5.75 -3.98 17.65
CA GLY A 78 4.31 -3.96 17.68
C GLY A 78 3.71 -4.17 16.30
N THR A 79 4.35 -3.59 15.29
CA THR A 79 3.92 -3.73 13.90
C THR A 79 4.50 -5.00 13.29
N VAL A 80 5.68 -5.39 13.78
CA VAL A 80 6.34 -6.60 13.30
C VAL A 80 5.44 -7.81 13.51
N PHE A 81 4.72 -7.83 14.63
CA PHE A 81 3.82 -8.92 14.94
C PHE A 81 2.79 -9.07 13.83
N VAL A 82 2.34 -7.95 13.28
CA VAL A 82 1.34 -7.93 12.22
C VAL A 82 1.89 -8.51 10.93
N PHE A 83 3.09 -8.07 10.55
CA PHE A 83 3.72 -8.56 9.33
C PHE A 83 4.11 -10.03 9.48
N PHE A 84 4.70 -10.37 10.62
CA PHE A 84 5.15 -11.74 10.89
C PHE A 84 4.00 -12.75 10.85
N ILE A 85 2.88 -12.39 11.45
CA ILE A 85 1.74 -13.29 11.52
C ILE A 85 1.02 -13.41 10.17
N VAL A 86 1.21 -12.41 9.33
CA VAL A 86 0.60 -12.41 7.99
C VAL A 86 1.45 -13.20 7.02
N VAL A 87 2.77 -13.06 7.16
CA VAL A 87 3.71 -13.78 6.30
C VAL A 87 3.58 -15.28 6.50
N ILE A 88 3.47 -15.70 7.76
CA ILE A 88 3.33 -17.12 8.09
C ILE A 88 2.02 -17.66 7.52
N ALA A 89 0.94 -16.92 7.74
CA ALA A 89 -0.37 -17.34 7.27
C ALA A 89 -0.40 -17.45 5.74
N ALA A 90 0.40 -16.62 5.08
CA ALA A 90 0.48 -16.63 3.63
C ALA A 90 1.43 -17.68 3.11
N SER A 91 2.48 -17.98 3.89
CA SER A 91 3.47 -18.95 3.49
C SER A 91 2.94 -20.38 3.49
N LYS A 92 3.80 -21.33 3.14
CA LYS A 92 3.41 -22.74 3.08
C LYS A 92 3.03 -23.29 4.45
N PHE A 93 3.47 -22.62 5.51
CA PHE A 93 3.16 -23.05 6.86
C PHE A 93 1.66 -22.99 7.13
N GLY A 94 0.96 -22.16 6.37
CA GLY A 94 -0.47 -21.98 6.52
C GLY A 94 -1.28 -23.25 6.29
N THR A 95 -0.82 -24.08 5.36
CA THR A 95 -1.50 -25.31 5.02
C THR A 95 -1.43 -26.34 6.15
N ILE A 96 -0.46 -26.18 7.04
CA ILE A 96 -0.27 -27.11 8.15
C ILE A 96 -1.48 -27.14 9.08
N ARG A 97 -1.90 -28.34 9.46
CA ARG A 97 -3.03 -28.52 10.37
C ARG A 97 -2.54 -28.45 11.82
N LEU A 98 -3.37 -27.87 12.68
CA LEU A 98 -3.01 -27.74 14.10
C LEU A 98 -3.35 -29.01 14.87
N GLY A 99 -2.60 -30.08 14.61
CA GLY A 99 -2.80 -31.35 15.27
C GLY A 99 -2.30 -32.50 14.41
N ARG A 100 -3.11 -33.56 14.33
CA ARG A 100 -2.76 -34.72 13.52
C ARG A 100 -2.76 -34.34 12.05
N ILE A 101 -1.92 -35.01 11.27
CA ILE A 101 -1.83 -34.74 9.82
C ILE A 101 -3.19 -34.86 9.17
N ASP A 102 -3.62 -33.78 8.52
CA ASP A 102 -4.92 -33.76 7.85
C ASP A 102 -6.06 -34.07 8.81
N GLU A 103 -6.12 -33.31 9.90
CA GLU A 103 -7.18 -33.49 10.88
C GLU A 103 -8.27 -32.44 10.70
N ALA A 104 -9.53 -32.88 10.82
CA ALA A 104 -10.66 -31.97 10.66
C ALA A 104 -11.01 -31.30 11.98
N PRO A 105 -11.29 -29.99 11.94
CA PRO A 105 -11.64 -29.20 13.12
C PRO A 105 -12.83 -29.79 13.86
N GLU A 106 -12.85 -29.65 15.18
CA GLU A 106 -13.94 -30.18 15.99
C GLU A 106 -15.22 -29.38 15.80
N PHE A 107 -15.16 -28.09 16.14
CA PHE A 107 -16.31 -27.21 16.03
C PHE A 107 -16.55 -26.79 14.58
N ARG A 108 -17.80 -26.46 14.26
CA ARG A 108 -18.16 -26.04 12.91
C ARG A 108 -17.48 -24.72 12.55
N THR A 109 -17.50 -24.37 11.27
CA THR A 109 -16.91 -23.12 10.81
C THR A 109 -17.64 -21.93 11.41
N VAL A 110 -18.97 -22.00 11.39
CA VAL A 110 -19.80 -20.94 11.94
C VAL A 110 -19.68 -20.89 13.46
N SER A 111 -19.62 -22.07 14.08
CA SER A 111 -19.50 -22.17 15.53
C SER A 111 -18.17 -21.59 15.99
N TRP A 112 -17.13 -21.83 15.21
CA TRP A 112 -15.79 -21.33 15.52
C TRP A 112 -15.77 -19.80 15.45
N ILE A 113 -16.46 -19.25 14.45
CA ILE A 113 -16.56 -17.80 14.28
C ILE A 113 -17.36 -17.19 15.43
N SER A 114 -18.38 -17.90 15.89
CA SER A 114 -19.22 -17.44 16.99
C SER A 114 -18.39 -17.33 18.28
N MSE A 115 -17.52 -18.31 18.51
CA MSE A 115 -16.66 -18.31 19.68
C MSE A 115 -15.57 -17.26 19.54
O MSE A 115 -14.89 -16.91 20.51
CB MSE A 115 -16.05 -19.69 19.90
CG MSE A 115 -17.05 -20.82 19.88
SE MSE A 115 -16.29 -22.55 20.32
CE MSE A 115 -16.05 -22.31 22.20
N MSE A 116 -15.42 -16.74 18.33
CA MSE A 116 -14.45 -15.68 18.04
C MSE A 116 -15.00 -14.35 18.53
O MSE A 116 -14.25 -13.49 19.01
CB MSE A 116 -14.14 -15.62 16.56
CG MSE A 116 -13.27 -16.73 16.03
SE MSE A 116 -11.39 -16.27 15.89
CE MSE A 116 -11.09 -15.60 17.66
N PHE A 117 -16.32 -14.18 18.42
CA PHE A 117 -16.98 -12.96 18.87
C PHE A 117 -16.95 -12.90 20.39
N ALA A 118 -16.99 -14.05 21.03
CA ALA A 118 -16.96 -14.13 22.50
C ALA A 118 -15.68 -13.52 23.03
N ALA A 119 -14.61 -13.62 22.24
CA ALA A 119 -13.33 -13.05 22.62
C ALA A 119 -13.25 -11.59 22.18
N GLY A 120 -14.00 -11.24 21.14
CA GLY A 120 -14.04 -9.89 20.62
C GLY A 120 -14.69 -8.94 21.60
N MSE A 121 -15.66 -9.45 22.35
CA MSE A 121 -16.36 -8.67 23.36
C MSE A 121 -15.65 -8.76 24.71
O MSE A 121 -15.24 -9.85 25.13
CB MSE A 121 -17.81 -9.11 23.50
CG MSE A 121 -18.73 -8.68 22.37
SE MSE A 121 -18.95 -6.75 22.27
CE MSE A 121 -20.27 -6.65 20.88
N GLY A 122 -15.47 -7.63 25.37
CA GLY A 122 -14.81 -7.61 26.65
C GLY A 122 -15.08 -6.32 27.39
N ILE A 123 -14.55 -6.23 28.61
CA ILE A 123 -14.73 -5.04 29.43
C ILE A 123 -14.08 -3.83 28.76
N GLY A 124 -13.06 -4.09 27.94
CA GLY A 124 -12.34 -3.04 27.26
C GLY A 124 -13.20 -2.21 26.34
N LEU A 125 -13.92 -2.87 25.43
CA LEU A 125 -14.79 -2.17 24.49
C LEU A 125 -15.87 -1.38 25.19
N MSE A 126 -16.33 -1.89 26.33
CA MSE A 126 -17.35 -1.21 27.12
C MSE A 126 -16.79 0.08 27.72
O MSE A 126 -17.51 1.06 27.88
CB MSE A 126 -17.84 -2.12 28.24
CG MSE A 126 -18.65 -3.31 27.78
SE MSE A 126 -20.43 -2.86 27.16
CE MSE A 126 -21.16 -2.18 28.79
N PHE A 127 -15.50 0.06 28.03
CA PHE A 127 -14.84 1.20 28.66
C PHE A 127 -14.43 2.29 27.67
N TYR A 128 -13.50 1.94 26.78
CA TYR A 128 -12.95 2.90 25.83
C TYR A 128 -13.76 3.03 24.55
N GLY A 129 -14.60 2.05 24.26
CA GLY A 129 -15.40 2.04 23.05
C GLY A 129 -16.15 3.32 22.75
N THR A 130 -16.56 4.01 23.81
CA THR A 130 -17.34 5.23 23.65
C THR A 130 -16.52 6.50 23.90
N THR A 131 -15.51 6.39 24.74
CA THR A 131 -14.68 7.53 25.12
C THR A 131 -13.52 7.76 24.18
N GLU A 132 -12.77 6.71 23.90
CA GLU A 132 -11.56 6.79 23.07
C GLU A 132 -11.77 7.55 21.77
N PRO A 133 -12.75 7.14 20.95
CA PRO A 133 -12.99 7.85 19.69
C PRO A 133 -13.40 9.29 19.90
N LEU A 134 -13.95 9.59 21.08
CA LEU A 134 -14.39 10.94 21.42
C LEU A 134 -13.22 11.83 21.83
N THR A 135 -12.35 11.30 22.69
CA THR A 135 -11.20 12.05 23.17
C THR A 135 -10.29 12.45 22.01
N PHE A 136 -10.33 11.68 20.93
CA PHE A 136 -9.50 11.96 19.76
C PHE A 136 -10.16 12.99 18.86
N TYR A 137 -11.48 13.10 18.96
CA TYR A 137 -12.22 14.08 18.17
C TYR A 137 -12.19 15.44 18.86
N ARG A 138 -12.11 15.41 20.18
CA ARG A 138 -12.09 16.63 20.96
C ARG A 138 -10.68 17.21 21.07
N ASN A 139 -9.74 16.37 21.54
CA ASN A 139 -8.37 16.80 21.73
C ASN A 139 -7.49 16.66 20.49
N GLY A 140 -7.70 15.58 19.75
CA GLY A 140 -6.90 15.31 18.56
C GLY A 140 -5.66 14.50 18.88
N VAL A 141 -5.03 13.95 17.84
CA VAL A 141 -3.82 13.15 18.01
C VAL A 141 -2.59 13.88 17.50
N PRO A 142 -1.41 13.57 18.06
CA PRO A 142 -0.16 14.21 17.68
C PRO A 142 0.09 14.19 16.17
N GLY A 143 0.17 15.38 15.58
CA GLY A 143 0.41 15.52 14.16
C GLY A 143 -0.85 15.63 13.32
N HIS A 144 -1.95 15.98 13.97
CA HIS A 144 -3.22 16.13 13.28
C HIS A 144 -4.11 17.19 13.95
N ASP A 145 -5.04 17.73 13.17
CA ASP A 145 -5.98 18.72 13.68
C ASP A 145 -7.05 18.07 14.53
N GLU A 146 -7.73 18.88 15.34
CA GLU A 146 -8.80 18.39 16.19
C GLU A 146 -10.10 18.33 15.42
N HIS A 147 -11.13 17.79 16.06
CA HIS A 147 -12.44 17.67 15.42
C HIS A 147 -12.34 16.96 14.08
N ASN A 148 -11.46 15.96 14.01
CA ASN A 148 -11.27 15.19 12.79
C ASN A 148 -11.80 13.77 12.93
N VAL A 149 -12.95 13.50 12.31
CA VAL A 149 -13.60 12.21 12.39
C VAL A 149 -12.72 11.08 11.84
N GLY A 150 -12.19 11.29 10.65
CA GLY A 150 -11.35 10.30 9.99
C GLY A 150 -10.21 9.81 10.86
N VAL A 151 -9.37 10.73 11.31
CA VAL A 151 -8.22 10.40 12.14
C VAL A 151 -8.66 9.83 13.48
N ALA A 152 -9.78 10.31 13.98
CA ALA A 152 -10.30 9.86 15.27
C ALA A 152 -10.63 8.37 15.24
N MSE A 153 -11.07 7.88 14.08
CA MSE A 153 -11.41 6.48 13.92
C MSE A 153 -10.19 5.63 13.62
O MSE A 153 -10.00 4.56 14.19
CB MSE A 153 -12.46 6.31 12.83
CG MSE A 153 -13.76 7.02 13.09
SE MSE A 153 -14.62 6.47 14.75
CE MSE A 153 -16.12 7.65 14.73
N SER A 154 -9.34 6.12 12.72
CA SER A 154 -8.13 5.40 12.33
C SER A 154 -7.27 5.05 13.54
N THR A 155 -7.21 5.96 14.51
CA THR A 155 -6.42 5.76 15.71
C THR A 155 -7.00 4.64 16.58
N THR A 156 -8.28 4.76 16.90
CA THR A 156 -8.96 3.75 17.71
C THR A 156 -8.88 2.40 17.04
N MSE A 157 -9.04 2.39 15.72
CA MSE A 157 -8.94 1.17 14.94
C MSE A 157 -7.53 0.61 15.07
O MSE A 157 -7.33 -0.59 15.24
CB MSE A 157 -9.24 1.45 13.47
CG MSE A 157 -10.67 1.75 13.15
SE MSE A 157 -11.75 0.15 13.02
CE MSE A 157 -10.85 -0.75 11.60
N PHE A 158 -6.54 1.49 15.01
CA PHE A 158 -5.13 1.11 15.11
C PHE A 158 -4.81 0.44 16.44
N HIS A 159 -5.67 0.65 17.43
CA HIS A 159 -5.42 0.11 18.76
C HIS A 159 -6.23 -1.14 19.08
N TRP A 160 -7.29 -1.40 18.33
CA TRP A 160 -8.18 -2.49 18.64
C TRP A 160 -8.44 -3.50 17.51
N THR A 161 -7.58 -3.50 16.50
CA THR A 161 -7.76 -4.41 15.38
C THR A 161 -6.58 -5.37 15.19
N LEU A 162 -5.86 -5.17 14.09
CA LEU A 162 -4.75 -6.03 13.73
C LEU A 162 -3.69 -6.19 14.80
N HIS A 163 -3.08 -5.09 15.20
CA HIS A 163 -2.00 -5.12 16.17
C HIS A 163 -2.24 -5.99 17.40
N PRO A 164 -3.37 -5.77 18.10
CA PRO A 164 -3.67 -6.57 19.29
C PRO A 164 -3.78 -8.06 18.99
N TRP A 165 -4.58 -8.40 17.99
CA TRP A 165 -4.82 -9.79 17.63
C TRP A 165 -3.64 -10.46 16.94
N ALA A 166 -2.74 -9.64 16.38
CA ALA A 166 -1.54 -10.16 15.75
C ALA A 166 -0.64 -10.73 16.83
N ILE A 167 -0.79 -10.20 18.05
CA ILE A 167 -0.04 -10.67 19.20
C ILE A 167 -0.72 -11.89 19.81
N TYR A 168 -2.05 -11.89 19.77
CA TYR A 168 -2.82 -13.01 20.30
C TYR A 168 -2.70 -14.22 19.37
N ALA A 169 -2.53 -13.95 18.09
CA ALA A 169 -2.41 -15.01 17.08
C ALA A 169 -1.06 -15.71 17.20
N ILE A 170 0.00 -14.92 17.42
CA ILE A 170 1.34 -15.46 17.55
C ILE A 170 1.43 -16.39 18.76
N VAL A 171 0.90 -15.93 19.89
CA VAL A 171 0.89 -16.72 21.11
C VAL A 171 -0.09 -17.88 20.98
N GLY A 172 -1.28 -17.57 20.47
CA GLY A 172 -2.32 -18.58 20.27
C GLY A 172 -1.89 -19.68 19.33
N LEU A 173 -1.01 -19.34 18.39
CA LEU A 173 -0.50 -20.32 17.44
C LEU A 173 0.67 -21.08 18.02
N ALA A 174 1.52 -20.37 18.77
CA ALA A 174 2.68 -20.98 19.41
C ALA A 174 2.25 -22.13 20.31
N ILE A 175 1.11 -21.95 20.97
CA ILE A 175 0.57 -22.99 21.84
C ILE A 175 -0.17 -24.03 21.03
N ALA A 176 -1.16 -23.59 20.26
CA ALA A 176 -1.99 -24.48 19.46
C ALA A 176 -1.17 -25.42 18.57
N TYR A 177 0.11 -25.10 18.37
CA TYR A 177 0.98 -25.95 17.56
C TYR A 177 1.80 -26.88 18.44
N SER A 178 2.42 -26.33 19.46
CA SER A 178 3.28 -27.10 20.35
C SER A 178 2.54 -28.16 21.16
N THR A 179 1.26 -27.92 21.42
CA THR A 179 0.47 -28.83 22.22
C THR A 179 -0.43 -29.74 21.39
N PHE A 180 -0.75 -29.31 20.18
CA PHE A 180 -1.61 -30.09 19.30
C PHE A 180 -0.78 -30.87 18.28
N ARG A 181 0.03 -30.15 17.52
CA ARG A 181 0.86 -30.75 16.48
C ARG A 181 1.96 -31.60 17.08
N VAL A 182 2.95 -30.94 17.70
CA VAL A 182 4.08 -31.63 18.30
C VAL A 182 3.63 -32.58 19.40
N GLY A 183 2.71 -32.12 20.23
CA GLY A 183 2.20 -32.92 21.33
C GLY A 183 2.96 -32.69 22.62
N ARG A 184 3.11 -31.43 23.00
CA ARG A 184 3.80 -31.07 24.23
C ARG A 184 2.82 -30.54 25.27
N LYS A 185 3.33 -30.26 26.46
CA LYS A 185 2.51 -29.76 27.54
C LYS A 185 1.99 -28.35 27.23
N GLN A 186 0.82 -28.02 27.76
CA GLN A 186 0.22 -26.71 27.54
C GLN A 186 0.85 -25.63 28.40
N LEU A 187 2.15 -25.42 28.21
CA LEU A 187 2.87 -24.38 28.94
C LEU A 187 3.60 -23.50 27.93
N LEU A 188 3.61 -22.19 28.17
CA LEU A 188 4.27 -21.27 27.27
C LEU A 188 5.73 -21.64 27.07
N SER A 189 6.32 -22.25 28.10
CA SER A 189 7.71 -22.67 28.04
C SER A 189 7.89 -23.81 27.04
N SER A 190 6.85 -24.63 26.88
CA SER A 190 6.88 -25.76 25.96
C SER A 190 6.97 -25.28 24.52
N ALA A 191 6.69 -24.00 24.30
CA ALA A 191 6.75 -23.44 22.96
C ALA A 191 8.16 -22.97 22.64
N PHE A 192 8.97 -22.79 23.68
CA PHE A 192 10.35 -22.35 23.50
C PHE A 192 11.31 -23.53 23.43
N VAL A 193 10.75 -24.72 23.25
CA VAL A 193 11.56 -25.94 23.14
C VAL A 193 12.62 -25.83 22.06
N PRO A 194 12.24 -25.34 20.87
CA PRO A 194 13.21 -25.22 19.77
C PRO A 194 14.38 -24.33 20.15
N LEU A 195 14.08 -23.19 20.78
CA LEU A 195 15.12 -22.23 21.17
C LEU A 195 15.93 -22.70 22.37
N ILE A 196 15.30 -22.73 23.53
CA ILE A 196 15.97 -23.13 24.76
C ILE A 196 16.62 -24.50 24.63
N GLY A 197 15.82 -25.55 24.79
CA GLY A 197 16.30 -26.92 24.69
C GLY A 197 15.18 -27.92 24.74
N GLU A 198 15.26 -28.93 23.88
CA GLU A 198 14.24 -29.97 23.82
C GLU A 198 14.06 -30.69 25.15
N LYS A 199 12.95 -30.41 25.82
CA LYS A 199 12.64 -31.01 27.11
C LYS A 199 13.54 -30.50 28.23
N GLY A 200 14.69 -29.94 27.86
CA GLY A 200 15.64 -29.40 28.82
C GLY A 200 15.35 -27.95 29.15
N ALA A 201 14.21 -27.44 28.65
CA ALA A 201 13.82 -26.06 28.89
C ALA A 201 13.12 -25.90 30.22
N GLU A 202 13.79 -26.31 31.30
CA GLU A 202 13.23 -26.21 32.63
C GLU A 202 14.30 -25.87 33.67
N GLY A 203 15.04 -24.80 33.41
CA GLY A 203 16.10 -24.35 34.31
C GLY A 203 16.07 -22.85 34.50
N TRP A 204 17.13 -22.18 34.07
CA TRP A 204 17.20 -20.72 34.17
C TRP A 204 16.00 -20.11 33.46
N LEU A 205 15.56 -20.76 32.39
CA LEU A 205 14.39 -20.33 31.64
C LEU A 205 13.28 -21.36 31.85
N GLY A 206 12.33 -21.41 30.92
CA GLY A 206 11.23 -22.34 31.01
C GLY A 206 10.32 -22.03 32.18
N LYS A 207 10.75 -22.42 33.38
CA LYS A 207 9.99 -22.14 34.59
C LYS A 207 9.76 -20.64 34.73
N LEU A 208 10.82 -19.87 34.47
CA LEU A 208 10.73 -18.42 34.54
C LEU A 208 9.71 -17.89 33.55
N ILE A 209 9.67 -18.50 32.36
CA ILE A 209 8.72 -18.11 31.32
C ILE A 209 7.30 -18.40 31.81
N ASP A 210 7.14 -19.49 32.55
CA ASP A 210 5.84 -19.87 33.09
C ASP A 210 5.48 -18.96 34.27
N ILE A 211 6.50 -18.48 34.98
CA ILE A 211 6.30 -17.59 36.10
C ILE A 211 5.79 -16.23 35.60
N LEU A 212 6.51 -15.65 34.66
CA LEU A 212 6.13 -14.37 34.08
C LEU A 212 4.79 -14.48 33.37
N ALA A 213 4.50 -15.67 32.85
CA ALA A 213 3.24 -15.92 32.15
C ALA A 213 2.05 -15.64 33.06
N ILE A 214 2.11 -16.12 34.29
CA ILE A 214 1.04 -15.93 35.26
C ILE A 214 1.01 -14.48 35.75
N ILE A 215 2.17 -13.95 36.09
CA ILE A 215 2.28 -12.59 36.59
C ILE A 215 1.74 -11.59 35.57
N ALA A 216 2.08 -11.80 34.30
CA ALA A 216 1.62 -10.91 33.24
C ALA A 216 0.11 -11.04 33.06
N THR A 217 -0.41 -12.24 33.29
CA THR A 217 -1.84 -12.51 33.14
C THR A 217 -2.66 -11.91 34.28
N VAL A 218 -2.18 -12.10 35.50
CA VAL A 218 -2.89 -11.61 36.69
C VAL A 218 -3.02 -10.09 36.68
N PHE A 219 -1.98 -9.42 36.17
CA PHE A 219 -1.99 -7.96 36.10
C PHE A 219 -2.84 -7.50 34.92
N GLY A 220 -2.72 -8.20 33.79
CA GLY A 220 -3.49 -7.88 32.61
C GLY A 220 -4.98 -8.00 32.86
N THR A 221 -5.37 -9.06 33.57
CA THR A 221 -6.77 -9.29 33.89
C THR A 221 -7.22 -8.30 34.96
N ALA A 222 -6.32 -7.98 35.88
CA ALA A 222 -6.63 -7.04 36.94
C ALA A 222 -7.01 -5.68 36.36
N CYS A 223 -6.49 -5.37 35.17
CA CYS A 223 -6.79 -4.12 34.50
C CYS A 223 -8.25 -4.08 34.07
N SER A 224 -8.68 -5.11 33.36
CA SER A 224 -10.06 -5.20 32.90
C SER A 224 -11.02 -5.23 34.07
N LEU A 225 -10.65 -5.97 35.11
CA LEU A 225 -11.47 -6.07 36.31
C LEU A 225 -11.58 -4.69 36.98
N GLY A 226 -10.45 -3.98 37.03
CA GLY A 226 -10.41 -2.65 37.61
C GLY A 226 -11.26 -1.68 36.81
N LEU A 227 -11.13 -1.75 35.49
CA LEU A 227 -11.91 -0.91 34.60
C LEU A 227 -13.40 -1.20 34.77
N GLY A 228 -13.71 -2.46 35.06
CA GLY A 228 -15.09 -2.87 35.28
C GLY A 228 -15.63 -2.26 36.55
N ALA A 229 -14.76 -2.08 37.54
CA ALA A 229 -15.16 -1.48 38.81
C ALA A 229 -15.52 -0.02 38.62
N LEU A 230 -14.58 0.77 38.08
CA LEU A 230 -14.82 2.18 37.84
C LEU A 230 -16.02 2.38 36.93
N GLN A 231 -16.20 1.48 35.97
CA GLN A 231 -17.31 1.55 35.04
C GLN A 231 -18.63 1.40 35.78
N ILE A 232 -18.70 0.38 36.63
CA ILE A 232 -19.92 0.12 37.42
C ILE A 232 -20.13 1.21 38.45
N GLY A 233 -19.05 1.62 39.12
CA GLY A 233 -19.11 2.65 40.13
C GLY A 233 -19.70 3.93 39.57
N ALA A 234 -19.28 4.31 38.38
CA ALA A 234 -19.79 5.50 37.72
C ALA A 234 -21.22 5.28 37.27
N GLY A 235 -21.58 4.02 37.06
CA GLY A 235 -22.94 3.66 36.68
C GLY A 235 -23.86 3.80 37.87
N LEU A 236 -23.35 3.44 39.04
CA LEU A 236 -24.12 3.55 40.28
C LEU A 236 -24.30 5.02 40.65
N SER A 237 -23.29 5.83 40.34
CA SER A 237 -23.34 7.26 40.59
C SER A 237 -24.29 7.91 39.58
N ALA A 238 -25.01 7.07 38.85
CA ALA A 238 -26.01 7.53 37.89
C ALA A 238 -27.34 6.85 38.19
N ALA A 239 -27.45 6.29 39.39
CA ALA A 239 -28.66 5.61 39.84
C ALA A 239 -29.00 5.99 41.28
N ASN A 240 -28.08 5.69 42.20
CA ASN A 240 -28.25 6.03 43.61
C ASN A 240 -27.54 7.34 43.93
N ILE A 241 -27.93 8.40 43.21
CA ILE A 241 -27.33 9.72 43.36
C ILE A 241 -27.83 10.44 44.61
N ILE A 242 -26.96 10.66 45.58
CA ILE A 242 -25.57 10.19 45.54
C ILE A 242 -25.13 9.77 46.94
N GLU A 243 -23.87 9.39 47.08
CA GLU A 243 -23.33 9.00 48.38
C GLU A 243 -22.20 9.94 48.79
N SER A 246 -18.72 8.82 51.23
CA SER A 246 -17.81 8.75 50.09
C SER A 246 -18.01 7.47 49.30
N ASP A 247 -17.48 7.45 48.08
CA ASP A 247 -17.59 6.28 47.21
C ASP A 247 -16.35 5.40 47.30
N TRP A 248 -15.47 5.71 48.25
CA TRP A 248 -14.23 4.97 48.43
C TRP A 248 -14.52 3.51 48.77
N THR A 249 -15.33 3.29 49.79
CA THR A 249 -15.70 1.94 50.21
C THR A 249 -16.59 1.29 49.17
N ILE A 250 -17.38 2.10 48.46
CA ILE A 250 -18.28 1.60 47.43
C ILE A 250 -17.52 0.77 46.40
N VAL A 251 -16.32 1.23 46.05
CA VAL A 251 -15.49 0.51 45.09
C VAL A 251 -15.16 -0.87 45.61
N GLY A 252 -14.78 -0.94 46.89
CA GLY A 252 -14.45 -2.19 47.53
C GLY A 252 -15.65 -3.11 47.59
N ILE A 253 -16.84 -2.51 47.61
CA ILE A 253 -18.09 -3.27 47.64
C ILE A 253 -18.38 -3.88 46.28
N VAL A 254 -18.49 -3.03 45.27
CA VAL A 254 -18.77 -3.48 43.91
C VAL A 254 -17.87 -4.63 43.50
N SER A 255 -16.59 -4.52 43.83
CA SER A 255 -15.61 -5.53 43.48
C SER A 255 -15.93 -6.88 44.14
N VAL A 256 -15.98 -6.87 45.48
CA VAL A 256 -16.23 -8.09 46.23
C VAL A 256 -17.59 -8.71 45.95
N LEU A 257 -18.53 -7.88 45.49
CA LEU A 257 -19.87 -8.37 45.17
C LEU A 257 -19.79 -9.41 44.07
N THR A 258 -19.14 -9.06 42.96
CA THR A 258 -18.98 -9.97 41.83
C THR A 258 -17.81 -10.92 42.08
N LEU A 259 -16.89 -10.50 42.94
CA LEU A 259 -15.73 -11.33 43.28
C LEU A 259 -16.14 -12.53 44.11
N ALA A 260 -17.22 -12.38 44.87
CA ALA A 260 -17.72 -13.47 45.71
C ALA A 260 -18.64 -14.39 44.92
N PHE A 261 -19.24 -13.85 43.87
CA PHE A 261 -20.16 -14.62 43.05
C PHE A 261 -19.47 -15.32 41.88
N ILE A 262 -18.15 -15.34 41.92
CA ILE A 262 -17.37 -16.07 40.91
C ILE A 262 -17.20 -17.49 41.40
N PHE A 263 -17.25 -17.67 42.71
CA PHE A 263 -17.12 -18.99 43.31
C PHE A 263 -18.35 -19.84 43.02
N SER A 264 -19.53 -19.26 43.23
CA SER A 264 -20.78 -19.96 42.99
C SER A 264 -21.03 -20.15 41.50
N ALA A 265 -20.06 -19.74 40.70
CA ALA A 265 -20.14 -19.89 39.25
C ALA A 265 -18.96 -20.69 38.72
N ILE A 266 -18.18 -21.24 39.65
CA ILE A 266 -17.00 -22.04 39.30
C ILE A 266 -17.06 -23.42 39.93
N SER A 267 -17.17 -23.47 41.25
CA SER A 267 -17.19 -24.73 41.97
C SER A 267 -18.58 -25.35 42.02
N GLY A 268 -19.47 -24.74 42.79
CA GLY A 268 -20.82 -25.25 42.95
C GLY A 268 -21.62 -25.31 41.66
N VAL A 269 -21.25 -24.48 40.69
CA VAL A 269 -21.94 -24.43 39.42
C VAL A 269 -20.99 -24.50 38.23
N GLY A 270 -21.30 -25.37 37.28
CA GLY A 270 -20.50 -25.52 36.08
C GLY A 270 -21.18 -24.85 34.89
N LYS A 271 -20.58 -25.00 33.72
CA LYS A 271 -21.13 -24.40 32.50
C LYS A 271 -21.25 -22.89 32.63
N GLY A 272 -20.49 -22.30 33.54
CA GLY A 272 -20.51 -20.87 33.79
C GLY A 272 -20.03 -20.06 32.60
N ILE A 273 -18.87 -20.42 32.07
CA ILE A 273 -18.30 -19.72 30.94
C ILE A 273 -19.17 -19.81 29.70
N GLN A 274 -19.78 -20.97 29.50
CA GLN A 274 -20.63 -21.20 28.33
C GLN A 274 -21.93 -20.39 28.38
N TYR A 275 -22.62 -20.46 29.52
CA TYR A 275 -23.89 -19.78 29.66
C TYR A 275 -23.73 -18.26 29.69
N LEU A 276 -22.92 -17.76 30.62
CA LEU A 276 -22.71 -16.33 30.76
C LEU A 276 -22.22 -15.67 29.48
N SER A 277 -21.37 -16.38 28.74
CA SER A 277 -20.85 -15.87 27.47
C SER A 277 -22.00 -15.58 26.51
N ASN A 278 -22.99 -16.47 26.50
CA ASN A 278 -24.16 -16.30 25.64
C ASN A 278 -24.99 -15.11 26.10
N ALA A 279 -25.12 -14.96 27.41
CA ALA A 279 -25.88 -13.84 27.98
C ALA A 279 -25.17 -12.52 27.67
N ASN A 280 -23.84 -12.55 27.68
CA ASN A 280 -23.05 -11.36 27.39
C ASN A 280 -23.26 -10.90 25.95
N MSE A 281 -23.30 -11.86 25.03
CA MSE A 281 -23.51 -11.54 23.62
C MSE A 281 -24.87 -10.92 23.38
O MSE A 281 -25.01 -10.04 22.53
CB MSE A 281 -23.34 -12.79 22.77
CG MSE A 281 -21.94 -13.35 22.74
SE MSE A 281 -20.63 -12.03 22.18
CE MSE A 281 -21.37 -11.51 20.51
N VAL A 282 -25.87 -11.37 24.13
CA VAL A 282 -27.21 -10.84 24.00
C VAL A 282 -27.29 -9.40 24.51
N LEU A 283 -26.80 -9.19 25.73
CA LEU A 283 -26.81 -7.87 26.34
C LEU A 283 -25.96 -6.89 25.53
N ALA A 284 -24.83 -7.38 25.02
CA ALA A 284 -23.94 -6.56 24.21
C ALA A 284 -24.61 -6.24 22.87
N ALA A 285 -25.47 -7.14 22.42
CA ALA A 285 -26.19 -6.95 21.16
C ALA A 285 -27.29 -5.91 21.38
N LEU A 286 -27.88 -5.92 22.56
CA LEU A 286 -28.94 -4.97 22.90
C LEU A 286 -28.40 -3.54 22.86
N LEU A 287 -27.31 -3.31 23.58
CA LEU A 287 -26.68 -2.00 23.63
C LEU A 287 -26.28 -1.52 22.24
N ALA A 288 -25.61 -2.40 21.49
CA ALA A 288 -25.15 -2.08 20.15
C ALA A 288 -26.31 -1.69 19.22
N ILE A 289 -27.36 -2.50 19.21
CA ILE A 289 -28.52 -2.26 18.37
C ILE A 289 -29.30 -1.04 18.83
N PHE A 290 -29.53 -0.96 20.14
CA PHE A 290 -30.27 0.15 20.73
C PHE A 290 -29.70 1.49 20.28
N VAL A 291 -28.41 1.68 20.50
CA VAL A 291 -27.73 2.92 20.12
C VAL A 291 -27.75 3.11 18.61
N PHE A 292 -27.71 2.00 17.89
CA PHE A 292 -27.71 2.03 16.43
C PHE A 292 -28.99 2.58 15.84
N VAL A 293 -30.12 1.98 16.23
CA VAL A 293 -31.43 2.39 15.72
C VAL A 293 -31.90 3.72 16.29
N VAL A 294 -31.72 3.89 17.59
CA VAL A 294 -32.16 5.11 18.26
C VAL A 294 -31.34 6.32 17.84
N GLY A 295 -30.02 6.22 17.98
CA GLY A 295 -29.11 7.29 17.64
C GLY A 295 -29.02 7.51 16.14
N PRO A 296 -28.00 8.26 15.69
CA PRO A 296 -27.78 8.56 14.27
C PRO A 296 -27.42 7.30 13.50
N THR A 297 -28.43 6.59 13.02
CA THR A 297 -28.23 5.36 12.27
C THR A 297 -27.34 5.58 11.05
N VAL A 298 -27.79 6.45 10.15
CA VAL A 298 -27.05 6.75 8.94
C VAL A 298 -25.60 7.10 9.21
N SER A 299 -25.39 8.00 10.16
CA SER A 299 -24.04 8.44 10.50
C SER A 299 -23.15 7.25 10.88
N ILE A 300 -23.69 6.33 11.67
CA ILE A 300 -22.96 5.14 12.09
C ILE A 300 -22.58 4.31 10.88
N LEU A 301 -23.55 4.11 9.97
CA LEU A 301 -23.32 3.32 8.76
C LEU A 301 -22.29 3.99 7.86
N ASN A 302 -22.31 5.31 7.83
CA ASN A 302 -21.36 6.08 7.02
C ASN A 302 -19.93 5.93 7.57
N LEU A 303 -19.83 5.57 8.85
CA LEU A 303 -18.53 5.42 9.50
C LEU A 303 -17.90 4.07 9.20
N LEU A 304 -18.69 3.12 8.72
CA LEU A 304 -18.18 1.79 8.38
C LEU A 304 -17.12 1.87 7.29
N PRO A 305 -17.45 2.54 6.17
CA PRO A 305 -16.45 2.69 5.10
C PRO A 305 -15.34 3.64 5.54
N GLY A 306 -15.70 4.67 6.30
CA GLY A 306 -14.76 5.67 6.77
C GLY A 306 -13.68 5.08 7.67
N SER A 307 -14.09 4.55 8.82
CA SER A 307 -13.16 3.97 9.78
C SER A 307 -12.27 2.90 9.14
N ILE A 308 -12.87 2.06 8.30
CA ILE A 308 -12.14 0.99 7.64
C ILE A 308 -11.15 1.54 6.63
N GLY A 309 -11.65 2.34 5.69
CA GLY A 309 -10.83 2.92 4.66
C GLY A 309 -9.71 3.78 5.21
N ASN A 310 -10.06 4.68 6.12
CA ASN A 310 -9.08 5.56 6.73
C ASN A 310 -8.01 4.79 7.52
N TYR A 311 -8.41 3.67 8.11
CA TYR A 311 -7.49 2.83 8.87
C TYR A 311 -6.37 2.31 7.98
N LEU A 312 -6.73 1.90 6.77
CA LEU A 312 -5.76 1.39 5.81
C LEU A 312 -4.87 2.51 5.29
N SER A 313 -5.39 3.72 5.30
CA SER A 313 -4.66 4.88 4.81
C SER A 313 -3.57 5.34 5.78
N ASN A 314 -3.95 5.52 7.05
CA ASN A 314 -3.03 6.00 8.06
C ASN A 314 -2.26 4.90 8.79
N PHE A 315 -2.44 3.65 8.35
CA PHE A 315 -1.80 2.52 9.00
C PHE A 315 -0.30 2.72 9.26
N PHE A 316 0.47 2.81 8.17
CA PHE A 316 1.91 2.95 8.27
C PHE A 316 2.33 4.30 8.86
N GLN A 317 1.46 5.29 8.75
CA GLN A 317 1.73 6.60 9.33
C GLN A 317 1.64 6.51 10.85
N MSE A 318 0.66 5.76 11.34
CA MSE A 318 0.46 5.57 12.76
C MSE A 318 1.45 4.53 13.29
O MSE A 318 1.83 4.55 14.46
CB MSE A 318 -0.97 5.13 13.06
CG MSE A 318 -2.03 6.11 12.66
SE MSE A 318 -3.84 5.46 12.91
CE MSE A 318 -3.84 3.99 11.69
N ALA A 319 1.88 3.62 12.41
CA ALA A 319 2.84 2.59 12.77
C ALA A 319 4.24 3.19 12.93
N GLY A 320 4.46 4.33 12.28
CA GLY A 320 5.74 5.01 12.36
C GLY A 320 5.70 6.12 13.39
N ARG A 321 4.57 6.24 14.10
CA ARG A 321 4.40 7.25 15.14
C ARG A 321 5.22 6.91 16.37
N THR A 322 6.17 7.78 16.69
CA THR A 322 7.04 7.57 17.84
C THR A 322 7.14 8.85 18.68
N ALA A 323 7.97 8.79 19.72
CA ALA A 323 8.17 9.95 20.58
C ALA A 323 9.12 10.95 19.94
N MSE A 324 9.03 11.10 18.63
CA MSE A 324 9.87 12.02 17.88
C MSE A 324 9.05 12.80 16.86
O MSE A 324 9.60 13.59 16.08
CB MSE A 324 11.00 11.27 17.19
CG MSE A 324 12.20 10.99 18.04
SE MSE A 324 13.22 12.59 18.46
CE MSE A 324 13.56 13.22 16.70
N SER A 325 7.75 12.59 16.88
CA SER A 325 6.85 13.26 15.94
C SER A 325 5.56 13.73 16.62
N ALA A 326 5.30 15.03 16.56
CA ALA A 326 6.20 15.95 15.89
C ALA A 326 7.06 16.71 16.89
N ASP A 327 8.36 16.39 16.90
CA ASP A 327 9.31 17.03 17.80
C ASP A 327 9.16 16.56 19.25
N GLY A 328 9.22 15.25 19.45
CA GLY A 328 9.13 14.65 20.77
C GLY A 328 7.92 15.08 21.58
N THR A 329 6.87 15.50 20.89
CA THR A 329 5.65 15.94 21.56
C THR A 329 4.68 14.78 21.81
N ALA A 330 4.78 13.76 20.98
CA ALA A 330 3.90 12.61 21.08
C ALA A 330 4.22 11.74 22.30
N GLY A 331 5.39 11.96 22.88
CA GLY A 331 5.84 11.19 24.02
C GLY A 331 4.77 11.03 25.09
N GLU A 332 4.16 12.14 25.48
CA GLU A 332 3.13 12.13 26.50
C GLU A 332 1.88 11.39 26.03
N TRP A 333 1.48 11.67 24.79
CA TRP A 333 0.28 11.06 24.23
C TRP A 333 0.41 9.55 24.08
N LEU A 334 1.51 9.12 23.46
CA LEU A 334 1.75 7.69 23.25
C LEU A 334 1.76 6.91 24.56
N GLY A 335 2.44 7.45 25.56
CA GLY A 335 2.55 6.79 26.85
C GLY A 335 1.22 6.53 27.52
N SER A 336 0.20 7.29 27.13
CA SER A 336 -1.12 7.15 27.73
C SER A 336 -2.15 6.57 26.77
N TRP A 337 -1.68 6.15 25.59
CA TRP A 337 -2.56 5.55 24.59
C TRP A 337 -1.91 4.36 23.89
N THR A 338 -1.17 4.63 22.82
CA THR A 338 -0.52 3.58 22.05
C THR A 338 0.33 2.66 22.92
N ILE A 339 1.32 3.22 23.58
CA ILE A 339 2.21 2.45 24.44
C ILE A 339 1.44 1.63 25.45
N PHE A 340 0.35 2.19 25.95
CA PHE A 340 -0.48 1.51 26.93
C PHE A 340 -1.11 0.24 26.37
N TYR A 341 -1.94 0.39 25.35
CA TYR A 341 -2.63 -0.75 24.75
C TYR A 341 -1.64 -1.86 24.37
N TRP A 342 -0.53 -1.46 23.76
CA TRP A 342 0.50 -2.41 23.34
C TRP A 342 0.94 -3.31 24.48
N ALA A 343 1.22 -2.71 25.63
CA ALA A 343 1.63 -3.47 26.81
C ALA A 343 0.45 -4.25 27.38
N TRP A 344 -0.74 -3.67 27.31
CA TRP A 344 -1.94 -4.30 27.83
C TRP A 344 -2.31 -5.56 27.07
N TRP A 345 -2.03 -5.59 25.77
CA TRP A 345 -2.31 -6.76 24.95
C TRP A 345 -1.26 -7.85 25.22
N ILE A 346 -0.01 -7.44 25.37
CA ILE A 346 1.08 -8.36 25.65
C ILE A 346 0.88 -9.10 26.96
N SER A 347 0.49 -8.36 28.00
CA SER A 347 0.25 -8.94 29.31
C SER A 347 -0.99 -9.83 29.29
N TRP A 348 -1.79 -9.70 28.25
CA TRP A 348 -3.01 -10.47 28.12
C TRP A 348 -2.88 -11.58 27.09
N SER A 349 -1.74 -11.60 26.39
CA SER A 349 -1.49 -12.58 25.33
C SER A 349 -1.54 -14.03 25.82
N PRO A 350 -0.99 -14.30 27.02
CA PRO A 350 -1.02 -15.69 27.50
C PRO A 350 -2.43 -16.23 27.60
N PHE A 351 -3.35 -15.44 28.15
CA PHE A 351 -4.73 -15.84 28.31
C PHE A 351 -5.41 -16.05 26.96
N VAL A 352 -5.43 -15.01 26.13
CA VAL A 352 -6.07 -15.08 24.82
C VAL A 352 -5.45 -16.18 23.97
N GLY A 353 -4.15 -16.40 24.16
CA GLY A 353 -3.45 -17.43 23.44
C GLY A 353 -3.95 -18.82 23.82
N MSE A 354 -4.09 -19.04 25.13
CA MSE A 354 -4.58 -20.31 25.64
C MSE A 354 -6.01 -20.54 25.17
O MSE A 354 -6.42 -21.68 24.94
CB MSE A 354 -4.51 -20.34 27.14
CG MSE A 354 -3.13 -20.56 27.73
SE MSE A 354 -2.77 -22.40 28.18
CE MSE A 354 -3.01 -23.20 26.47
N PHE A 355 -6.77 -19.45 25.04
CA PHE A 355 -8.16 -19.54 24.62
C PHE A 355 -8.28 -19.91 23.15
N LEU A 356 -7.72 -19.06 22.28
CA LEU A 356 -7.78 -19.29 20.84
C LEU A 356 -7.24 -20.67 20.44
N ALA A 357 -6.29 -21.17 21.21
CA ALA A 357 -5.69 -22.46 20.94
C ALA A 357 -6.71 -23.59 21.08
N ARG A 358 -7.43 -23.61 22.19
CA ARG A 358 -8.42 -24.64 22.45
C ARG A 358 -9.60 -24.55 21.48
N ILE A 359 -9.95 -23.33 21.12
CA ILE A 359 -11.08 -23.10 20.21
C ILE A 359 -10.76 -23.54 18.78
N SER A 360 -9.48 -23.50 18.44
CA SER A 360 -9.04 -23.85 17.10
C SER A 360 -8.36 -25.22 17.04
N ARG A 361 -9.07 -26.25 17.50
CA ARG A 361 -8.52 -27.60 17.52
C ARG A 361 -8.45 -28.19 16.11
N GLY A 362 -7.25 -28.59 15.70
CA GLY A 362 -7.04 -29.19 14.40
C GLY A 362 -7.50 -28.33 13.24
N ARG A 363 -7.29 -27.02 13.37
CA ARG A 363 -7.70 -26.08 12.33
C ARG A 363 -6.48 -25.47 11.65
N SER A 364 -6.50 -25.48 10.31
CA SER A 364 -5.39 -24.96 9.51
C SER A 364 -4.81 -23.67 10.06
N ILE A 365 -3.48 -23.57 10.08
CA ILE A 365 -2.80 -22.39 10.56
C ILE A 365 -3.26 -21.14 9.81
N ARG A 366 -3.44 -21.27 8.50
CA ARG A 366 -3.84 -20.15 7.67
C ARG A 366 -5.23 -19.64 8.06
N GLU A 367 -6.19 -20.53 8.14
CA GLU A 367 -7.56 -20.15 8.51
C GLU A 367 -7.63 -19.73 9.97
N PHE A 368 -6.66 -20.16 10.77
CA PHE A 368 -6.60 -19.78 12.18
C PHE A 368 -6.17 -18.32 12.28
N ILE A 369 -5.03 -18.00 11.67
CA ILE A 369 -4.51 -16.63 11.68
C ILE A 369 -5.45 -15.68 10.96
N LEU A 370 -5.84 -16.06 9.74
CA LEU A 370 -6.72 -15.24 8.93
C LEU A 370 -8.07 -15.04 9.60
N GLY A 371 -8.42 -15.96 10.49
CA GLY A 371 -9.69 -15.88 11.19
C GLY A 371 -9.60 -15.09 12.48
N VAL A 372 -8.40 -15.00 13.04
CA VAL A 372 -8.19 -14.28 14.29
C VAL A 372 -8.00 -12.79 14.04
N LEU A 373 -7.56 -12.45 12.83
CA LEU A 373 -7.30 -11.05 12.49
C LEU A 373 -8.49 -10.38 11.80
N LEU A 374 -9.37 -11.19 11.23
CA LEU A 374 -10.51 -10.65 10.51
C LEU A 374 -11.80 -10.61 11.33
N VAL A 375 -12.13 -11.72 11.98
CA VAL A 375 -13.36 -11.82 12.76
C VAL A 375 -13.46 -10.80 13.89
N PRO A 376 -12.48 -10.83 14.82
CA PRO A 376 -12.52 -9.90 15.95
C PRO A 376 -12.41 -8.45 15.51
N ALA A 377 -11.53 -8.19 14.54
CA ALA A 377 -11.35 -6.83 14.03
C ALA A 377 -12.63 -6.28 13.41
N GLY A 378 -13.55 -7.19 13.09
CA GLY A 378 -14.83 -6.81 12.51
C GLY A 378 -15.75 -6.26 13.57
N VAL A 379 -15.73 -6.88 14.75
CA VAL A 379 -16.55 -6.43 15.86
C VAL A 379 -16.09 -5.07 16.36
N SER A 380 -14.77 -4.92 16.53
CA SER A 380 -14.20 -3.68 17.01
C SER A 380 -14.56 -2.51 16.09
N THR A 381 -14.69 -2.80 14.80
CA THR A 381 -15.04 -1.77 13.82
C THR A 381 -16.46 -1.30 14.02
N VAL A 382 -17.39 -2.24 14.15
CA VAL A 382 -18.79 -1.92 14.33
C VAL A 382 -19.07 -1.30 15.69
N TRP A 383 -18.46 -1.87 16.72
CA TRP A 383 -18.65 -1.38 18.09
C TRP A 383 -18.23 0.07 18.26
N PHE A 384 -17.08 0.42 17.69
CA PHE A 384 -16.56 1.78 17.80
C PHE A 384 -17.31 2.75 16.90
N SER A 385 -17.87 2.25 15.81
CA SER A 385 -18.62 3.08 14.87
C SER A 385 -20.00 3.40 15.41
N ILE A 386 -20.44 2.63 16.40
CA ILE A 386 -21.75 2.84 17.02
C ILE A 386 -21.65 3.78 18.21
N PHE A 387 -20.93 3.34 19.24
CA PHE A 387 -20.77 4.12 20.46
C PHE A 387 -19.83 5.30 20.23
N GLY A 388 -18.59 5.01 19.83
CA GLY A 388 -17.61 6.04 19.55
C GLY A 388 -18.02 6.89 18.37
N GLY A 389 -19.03 6.42 17.63
CA GLY A 389 -19.55 7.13 16.48
C GLY A 389 -20.58 8.19 16.88
N THR A 390 -21.62 7.75 17.58
CA THR A 390 -22.68 8.65 18.04
C THR A 390 -22.11 9.67 19.01
N ALA A 391 -21.17 9.25 19.83
CA ALA A 391 -20.53 10.13 20.80
C ALA A 391 -19.90 11.32 20.09
N ILE A 392 -19.45 11.10 18.86
CA ILE A 392 -18.86 12.16 18.05
C ILE A 392 -19.96 12.97 17.37
N VAL A 393 -21.03 12.29 16.97
CA VAL A 393 -22.17 12.95 16.34
C VAL A 393 -22.80 13.95 17.31
N PHE A 394 -22.85 13.56 18.58
CA PHE A 394 -23.39 14.45 19.61
C PHE A 394 -22.43 15.60 19.83
N GLU A 395 -21.14 15.31 19.84
CA GLU A 395 -20.11 16.32 20.02
C GLU A 395 -20.21 17.36 18.91
N GLN A 396 -20.70 16.94 17.75
CA GLN A 396 -20.85 17.83 16.61
C GLN A 396 -22.11 18.67 16.74
N ASN A 397 -23.18 18.07 17.25
CA ASN A 397 -24.46 18.75 17.38
C ASN A 397 -24.62 19.57 18.66
N GLY A 398 -23.59 19.58 19.50
CA GLY A 398 -23.61 20.37 20.72
C GLY A 398 -23.84 19.59 22.00
N GLU A 399 -24.58 18.48 21.89
CA GLU A 399 -24.87 17.65 23.06
C GLU A 399 -23.66 16.81 23.47
N SER A 400 -22.56 17.49 23.79
CA SER A 400 -21.33 16.80 24.19
C SER A 400 -21.56 15.86 25.37
N ILE A 401 -21.32 14.57 25.13
CA ILE A 401 -21.47 13.57 26.18
C ILE A 401 -20.29 13.64 27.15
N TRP A 402 -19.26 14.37 26.76
CA TRP A 402 -18.06 14.53 27.57
C TRP A 402 -18.40 14.86 29.01
N GLY A 403 -18.33 13.85 29.88
CA GLY A 403 -18.65 14.01 31.29
C GLY A 403 -17.52 14.64 32.07
N ASP A 404 -17.25 15.91 31.80
CA ASP A 404 -16.18 16.66 32.47
C ASP A 404 -14.89 15.85 32.68
N GLY A 405 -14.57 14.99 31.73
CA GLY A 405 -13.35 14.19 31.79
C GLY A 405 -13.58 12.74 32.19
N ALA A 406 -14.49 12.52 33.14
CA ALA A 406 -14.77 11.17 33.62
C ALA A 406 -15.10 10.22 32.48
N ALA A 407 -14.14 9.33 32.17
CA ALA A 407 -14.30 8.38 31.08
C ALA A 407 -15.40 7.35 31.35
N GLU A 408 -15.55 6.96 32.60
CA GLU A 408 -16.54 5.95 32.98
C GLU A 408 -17.95 6.49 32.87
N GLU A 409 -18.13 7.76 33.17
CA GLU A 409 -19.44 8.39 33.15
C GLU A 409 -19.90 8.77 31.74
N GLN A 410 -19.03 8.54 30.76
CA GLN A 410 -19.34 8.90 29.38
C GLN A 410 -20.18 7.87 28.65
N LEU A 411 -20.00 6.60 29.01
CA LEU A 411 -20.77 5.53 28.40
C LEU A 411 -22.24 5.67 28.79
N PHE A 412 -22.48 5.89 30.07
CA PHE A 412 -23.83 6.05 30.59
C PHE A 412 -24.43 7.37 30.13
N GLY A 413 -23.58 8.38 29.97
CA GLY A 413 -24.02 9.68 29.51
C GLY A 413 -24.50 9.58 28.07
N LEU A 414 -23.88 8.69 27.31
CA LEU A 414 -24.26 8.48 25.92
C LEU A 414 -25.61 7.78 25.85
N LEU A 415 -25.91 7.01 26.89
CA LEU A 415 -27.18 6.27 26.95
C LEU A 415 -28.31 7.18 27.43
N HIS A 416 -28.07 7.90 28.52
CA HIS A 416 -29.06 8.80 29.09
C HIS A 416 -29.48 9.89 28.09
N ALA A 417 -28.64 10.11 27.08
CA ALA A 417 -28.93 11.11 26.06
C ALA A 417 -29.91 10.55 25.02
N LEU A 418 -30.14 9.25 25.08
CA LEU A 418 -31.05 8.58 24.16
C LEU A 418 -32.30 8.11 24.87
N PRO A 419 -33.44 8.10 24.17
CA PRO A 419 -34.72 7.64 24.71
C PRO A 419 -34.61 6.24 25.31
N GLY A 420 -34.80 6.13 26.61
CA GLY A 420 -34.71 4.86 27.31
C GLY A 420 -33.30 4.60 27.80
N GLY A 421 -32.57 5.67 28.07
CA GLY A 421 -31.20 5.59 28.54
C GLY A 421 -31.10 5.05 29.95
N GLN A 422 -32.03 5.46 30.80
CA GLN A 422 -32.06 5.02 32.19
C GLN A 422 -32.20 3.50 32.27
N ILE A 423 -32.90 2.93 31.29
CA ILE A 423 -33.11 1.49 31.23
C ILE A 423 -31.84 0.78 30.78
N MSE A 424 -31.37 1.14 29.59
CA MSE A 424 -30.16 0.54 29.02
C MSE A 424 -28.95 0.77 29.91
O MSE A 424 -27.98 0.00 29.87
CB MSE A 424 -29.92 1.07 27.62
CG MSE A 424 -31.07 0.86 26.66
SE MSE A 424 -31.54 -1.00 26.43
CE MSE A 424 -29.93 -1.63 25.61
N GLY A 425 -28.99 1.84 30.70
CA GLY A 425 -27.91 2.16 31.61
C GLY A 425 -27.73 1.07 32.65
N ILE A 426 -28.85 0.49 33.08
CA ILE A 426 -28.84 -0.60 34.05
C ILE A 426 -28.41 -1.89 33.37
N ILE A 427 -28.91 -2.11 32.15
CA ILE A 427 -28.58 -3.30 31.38
C ILE A 427 -27.08 -3.34 31.10
N ALA A 428 -26.53 -2.22 30.69
CA ALA A 428 -25.10 -2.12 30.40
C ALA A 428 -24.31 -2.31 31.69
N MSE A 429 -24.89 -1.88 32.80
CA MSE A 429 -24.26 -2.00 34.11
C MSE A 429 -24.19 -3.46 34.54
O MSE A 429 -23.17 -3.92 35.07
CB MSE A 429 -24.99 -1.18 35.14
CG MSE A 429 -24.22 -0.86 36.40
SE MSE A 429 -25.22 0.25 37.63
CE MSE A 429 -25.94 1.54 36.42
N ILE A 430 -25.27 -4.19 34.30
CA ILE A 430 -25.34 -5.61 34.63
C ILE A 430 -24.39 -6.38 33.73
N LEU A 431 -24.34 -5.99 32.45
CA LEU A 431 -23.47 -6.64 31.49
C LEU A 431 -22.01 -6.57 31.95
N LEU A 432 -21.68 -5.49 32.65
CA LEU A 432 -20.33 -5.31 33.17
C LEU A 432 -20.05 -6.30 34.28
N GLY A 433 -21.04 -6.51 35.15
CA GLY A 433 -20.92 -7.45 36.25
C GLY A 433 -20.72 -8.86 35.74
N THR A 434 -21.39 -9.20 34.65
CA THR A 434 -21.26 -10.53 34.04
C THR A 434 -19.90 -10.67 33.38
N PHE A 435 -19.43 -9.60 32.75
CA PHE A 435 -18.11 -9.60 32.12
C PHE A 435 -17.03 -9.78 33.19
N PHE A 436 -17.21 -9.10 34.32
CA PHE A 436 -16.25 -9.19 35.42
C PHE A 436 -16.08 -10.62 35.87
N ILE A 437 -17.17 -11.38 35.86
CA ILE A 437 -17.16 -12.78 36.27
C ILE A 437 -16.55 -13.67 35.21
N THR A 438 -17.02 -13.52 33.97
CA THR A 438 -16.53 -14.32 32.85
C THR A 438 -15.04 -14.10 32.62
N SER A 439 -14.63 -12.84 32.65
CA SER A 439 -13.23 -12.49 32.43
C SER A 439 -12.34 -13.08 33.52
N ALA A 440 -12.77 -12.95 34.77
CA ALA A 440 -12.01 -13.49 35.88
C ALA A 440 -12.02 -15.01 35.87
N ASP A 441 -13.17 -15.59 35.54
CA ASP A 441 -13.32 -17.04 35.48
C ASP A 441 -12.41 -17.65 34.42
N SER A 442 -12.52 -17.15 33.20
CA SER A 442 -11.71 -17.65 32.10
C SER A 442 -10.22 -17.44 32.35
N ALA A 443 -9.86 -16.27 32.87
CA ALA A 443 -8.47 -15.96 33.15
C ALA A 443 -7.91 -16.85 34.25
N SER A 444 -8.76 -17.27 35.16
CA SER A 444 -8.36 -18.14 36.26
C SER A 444 -8.11 -19.57 35.80
N THR A 445 -9.01 -20.08 34.96
CA THR A 445 -8.89 -21.44 34.43
C THR A 445 -7.61 -21.58 33.64
N VAL A 446 -7.10 -20.46 33.12
CA VAL A 446 -5.88 -20.45 32.34
C VAL A 446 -4.66 -20.40 33.26
N MSE A 447 -4.71 -19.52 34.25
CA MSE A 447 -3.61 -19.37 35.20
C MSE A 447 -3.41 -20.66 36.00
O MSE A 447 -2.27 -21.05 36.28
CB MSE A 447 -3.86 -18.20 36.12
CG MSE A 447 -3.76 -16.83 35.47
SE MSE A 447 -4.06 -15.35 36.68
CE MSE A 447 -5.93 -15.62 37.04
N GLY A 448 -4.51 -21.31 36.36
CA GLY A 448 -4.46 -22.56 37.11
C GLY A 448 -3.82 -23.65 36.28
N THR A 449 -4.08 -23.64 34.98
CA THR A 449 -3.52 -24.62 34.07
C THR A 449 -2.00 -24.49 34.02
N MSE A 450 -1.52 -23.26 33.98
CA MSE A 450 -0.08 -22.99 33.94
C MSE A 450 0.59 -23.37 35.25
O MSE A 450 1.82 -23.49 35.31
CB MSE A 450 0.17 -21.53 33.61
CG MSE A 450 -0.38 -21.05 32.28
SE MSE A 450 -0.15 -19.15 31.97
CE MSE A 450 -0.87 -19.04 30.20
N SER A 451 -0.21 -23.55 36.28
CA SER A 451 0.31 -23.91 37.60
C SER A 451 0.23 -25.42 37.84
N GLN A 452 -0.26 -26.15 36.85
CA GLN A 452 -0.40 -27.59 36.96
C GLN A 452 0.23 -28.32 35.79
N HIS A 453 1.40 -27.85 35.37
CA HIS A 453 2.13 -28.47 34.26
C HIS A 453 1.29 -28.55 32.99
N GLY A 454 0.43 -27.56 32.78
CA GLY A 454 -0.40 -27.51 31.60
C GLY A 454 -1.58 -28.46 31.62
N GLN A 455 -2.05 -28.78 32.82
CA GLN A 455 -3.20 -29.67 32.97
C GLN A 455 -4.45 -29.02 32.42
N LEU A 456 -5.02 -29.63 31.38
CA LEU A 456 -6.21 -29.09 30.73
C LEU A 456 -7.41 -29.03 31.67
N GLU A 457 -7.47 -29.96 32.61
CA GLU A 457 -8.57 -30.00 33.58
C GLU A 457 -8.12 -29.53 34.95
N ALA A 458 -7.97 -28.22 35.09
CA ALA A 458 -7.54 -27.61 36.35
C ALA A 458 -8.62 -27.76 37.43
N ASN A 459 -8.19 -27.74 38.69
CA ASN A 459 -9.12 -27.86 39.81
C ASN A 459 -9.90 -26.56 40.00
N LYS A 460 -11.20 -26.69 40.27
CA LYS A 460 -12.06 -25.53 40.45
C LYS A 460 -11.75 -24.80 41.76
N TRP A 461 -10.80 -25.33 42.51
CA TRP A 461 -10.37 -24.72 43.77
C TRP A 461 -9.16 -23.83 43.54
N VAL A 462 -8.15 -24.36 42.86
CA VAL A 462 -6.95 -23.59 42.54
C VAL A 462 -7.31 -22.49 41.55
N THR A 463 -8.35 -22.73 40.76
CA THR A 463 -8.84 -21.76 39.78
C THR A 463 -9.42 -20.55 40.51
N ALA A 464 -10.27 -20.84 41.49
CA ALA A 464 -10.90 -19.78 42.28
C ALA A 464 -9.85 -19.04 43.11
N ALA A 465 -8.75 -19.73 43.40
CA ALA A 465 -7.66 -19.14 44.17
C ALA A 465 -7.08 -17.93 43.44
N TRP A 466 -6.83 -18.10 42.14
CA TRP A 466 -6.31 -17.02 41.32
C TRP A 466 -7.38 -15.96 41.08
N GLY A 467 -8.64 -16.35 41.26
CA GLY A 467 -9.76 -15.44 41.09
C GLY A 467 -9.65 -14.24 42.01
N VAL A 468 -9.50 -14.50 43.30
CA VAL A 468 -9.37 -13.44 44.30
C VAL A 468 -7.98 -12.82 44.21
N ALA A 469 -7.00 -13.61 43.77
CA ALA A 469 -5.63 -13.12 43.65
C ALA A 469 -5.54 -12.02 42.60
N THR A 470 -6.37 -12.13 41.56
CA THR A 470 -6.41 -11.14 40.49
C THR A 470 -7.20 -9.91 40.93
N ALA A 471 -8.33 -10.14 41.58
CA ALA A 471 -9.17 -9.07 42.06
C ALA A 471 -8.46 -8.30 43.17
N ALA A 472 -7.56 -8.97 43.88
CA ALA A 472 -6.78 -8.34 44.94
C ALA A 472 -5.92 -7.25 44.33
N ILE A 473 -5.19 -7.59 43.27
CA ILE A 473 -4.37 -6.62 42.56
C ILE A 473 -5.27 -5.60 41.87
N GLY A 474 -6.51 -6.00 41.62
CA GLY A 474 -7.48 -5.13 41.00
C GLY A 474 -7.75 -3.89 41.83
N LEU A 475 -8.21 -4.10 43.05
CA LEU A 475 -8.50 -2.99 43.96
C LEU A 475 -7.23 -2.26 44.39
N THR A 476 -6.15 -3.01 44.55
CA THR A 476 -4.87 -2.43 44.97
C THR A 476 -4.44 -1.30 44.04
N LEU A 477 -4.76 -1.44 42.76
CA LEU A 477 -4.39 -0.45 41.76
C LEU A 477 -5.38 0.71 41.72
N LEU A 478 -6.61 0.44 42.15
CA LEU A 478 -7.66 1.45 42.13
C LEU A 478 -7.63 2.31 43.40
N LEU A 479 -7.11 1.74 44.49
CA LEU A 479 -7.04 2.45 45.75
C LEU A 479 -5.74 3.24 45.89
N SER A 480 -4.67 2.72 45.31
CA SER A 480 -3.37 3.38 45.36
C SER A 480 -3.42 4.71 44.62
N GLY A 481 -4.21 4.78 43.57
CA GLY A 481 -4.37 5.99 42.79
C GLY A 481 -5.39 6.93 43.39
N GLY A 482 -6.39 6.37 44.06
CA GLY A 482 -7.45 7.14 44.69
C GLY A 482 -8.30 7.86 43.66
N ASP A 483 -8.02 9.14 43.46
CA ASP A 483 -8.75 9.94 42.48
C ASP A 483 -8.26 9.61 41.06
N ASN A 484 -6.96 9.36 40.94
CA ASN A 484 -6.36 9.01 39.66
C ASN A 484 -6.22 7.50 39.55
N ALA A 485 -7.27 6.78 39.94
CA ALA A 485 -7.27 5.32 39.88
C ALA A 485 -6.98 4.81 38.48
N LEU A 486 -7.58 5.47 37.49
CA LEU A 486 -7.37 5.07 36.09
C LEU A 486 -5.93 5.29 35.66
N SER A 487 -5.34 6.39 36.11
CA SER A 487 -3.96 6.73 35.77
C SER A 487 -2.99 5.67 36.30
N ASN A 488 -3.15 5.31 37.57
CA ASN A 488 -2.29 4.32 38.20
C ASN A 488 -2.56 2.91 37.67
N LEU A 489 -3.81 2.64 37.33
CA LEU A 489 -4.21 1.33 36.81
C LEU A 489 -3.50 1.04 35.48
N GLN A 490 -3.54 2.02 34.58
CA GLN A 490 -2.92 1.89 33.27
C GLN A 490 -1.40 1.72 33.39
N ASN A 491 -0.81 2.42 34.36
CA ASN A 491 0.63 2.37 34.57
C ASN A 491 1.11 0.99 35.00
N VAL A 492 0.60 0.50 36.13
CA VAL A 492 0.99 -0.81 36.66
C VAL A 492 0.94 -1.89 35.58
N THR A 493 -0.01 -1.73 34.66
CA THR A 493 -0.18 -2.68 33.56
C THR A 493 1.06 -2.74 32.69
N ILE A 494 1.53 -1.57 32.27
CA ILE A 494 2.70 -1.46 31.41
C ILE A 494 3.93 -2.09 32.06
N VAL A 495 3.97 -2.09 33.39
CA VAL A 495 5.10 -2.65 34.12
C VAL A 495 5.23 -4.14 33.91
N ALA A 496 4.19 -4.88 34.29
CA ALA A 496 4.18 -6.34 34.21
C ALA A 496 4.32 -6.86 32.78
N ALA A 497 4.00 -6.01 31.81
CA ALA A 497 4.05 -6.39 30.41
C ALA A 497 5.44 -6.23 29.80
N THR A 498 6.20 -5.28 30.34
CA THR A 498 7.54 -4.99 29.84
C THR A 498 8.39 -6.25 29.67
N PRO A 499 8.49 -7.06 30.72
CA PRO A 499 9.33 -8.28 30.64
C PRO A 499 8.78 -9.29 29.64
N PHE A 500 7.45 -9.44 29.64
CA PHE A 500 6.80 -10.41 28.76
C PHE A 500 6.89 -10.02 27.29
N LEU A 501 7.19 -8.75 27.04
CA LEU A 501 7.33 -8.25 25.67
C LEU A 501 8.37 -9.06 24.90
N PHE A 502 9.56 -9.17 25.47
CA PHE A 502 10.64 -9.91 24.83
C PHE A 502 10.31 -11.38 24.69
N VAL A 503 9.45 -11.88 25.57
CA VAL A 503 9.02 -13.27 25.53
C VAL A 503 8.27 -13.54 24.23
N VAL A 504 7.40 -12.61 23.85
CA VAL A 504 6.61 -12.73 22.63
C VAL A 504 7.50 -12.55 21.41
N ILE A 505 8.53 -11.72 21.56
CA ILE A 505 9.47 -11.47 20.47
C ILE A 505 10.31 -12.72 20.23
N GLY A 506 10.66 -13.41 21.31
CA GLY A 506 11.43 -14.64 21.23
C GLY A 506 10.51 -15.78 20.81
N LEU A 507 9.26 -15.70 21.24
CA LEU A 507 8.26 -16.70 20.89
C LEU A 507 8.03 -16.66 19.39
N MSE A 508 8.43 -15.56 18.77
CA MSE A 508 8.29 -15.38 17.32
C MSE A 508 9.30 -16.26 16.59
O MSE A 508 9.01 -16.77 15.51
CB MSE A 508 8.50 -13.92 16.96
CG MSE A 508 8.43 -13.59 15.49
SE MSE A 508 8.53 -11.69 15.12
CE MSE A 508 6.97 -11.07 16.01
N PHE A 509 10.47 -16.42 17.18
CA PHE A 509 11.51 -17.25 16.58
C PHE A 509 11.23 -18.73 16.79
N ALA A 510 10.80 -19.08 18.00
CA ALA A 510 10.49 -20.46 18.34
C ALA A 510 9.38 -21.01 17.45
N LEU A 511 8.48 -20.14 17.03
CA LEU A 511 7.37 -20.54 16.17
C LEU A 511 7.84 -20.75 14.74
N VAL A 512 8.98 -20.15 14.40
CA VAL A 512 9.54 -20.30 13.06
C VAL A 512 10.34 -21.58 12.93
N LYS A 513 11.07 -21.94 13.98
CA LYS A 513 11.90 -23.14 13.98
C LYS A 513 11.04 -24.40 14.02
N ASP A 514 9.97 -24.35 14.81
CA ASP A 514 9.06 -25.49 14.93
C ASP A 514 8.44 -25.79 13.58
N LEU A 515 7.99 -24.75 12.89
CA LEU A 515 7.36 -24.91 11.58
C LEU A 515 8.36 -25.37 10.52
N SER A 516 9.57 -24.83 10.57
CA SER A 516 10.61 -25.19 9.61
C SER A 516 11.07 -26.63 9.80
N ASN A 517 10.62 -27.27 10.89
CA ASN A 517 10.98 -28.65 11.16
C ASN A 517 9.75 -29.53 11.33
N ASP A 518 8.74 -29.30 10.51
CA ASP A 518 7.51 -30.07 10.57
C ASP A 518 7.51 -31.19 9.53
N VAL A 519 6.72 -32.23 9.80
CA VAL A 519 6.63 -33.38 8.91
C VAL A 519 6.16 -32.98 7.52
N ILE A 520 4.95 -32.42 7.45
CA ILE A 520 4.37 -31.98 6.19
C ILE A 520 5.27 -30.96 5.49
N TYR A 521 5.90 -30.10 6.28
CA TYR A 521 6.76 -29.06 5.75
C TYR A 521 8.06 -29.62 5.17
N LEU A 522 8.80 -30.35 5.98
CA LEU A 522 10.08 -30.93 5.55
C LEU A 522 9.90 -31.83 4.33
N GLU A 523 8.69 -32.37 4.18
CA GLU A 523 8.39 -33.23 3.04
C GLU A 523 8.16 -32.37 1.80
N TYR A 524 7.57 -31.21 1.99
CA TYR A 524 7.29 -30.29 0.90
C TYR A 524 8.57 -29.77 0.26
N ARG A 525 9.55 -29.43 1.09
CA ARG A 525 10.82 -28.90 0.59
C ARG A 525 11.65 -29.95 -0.13
N GLU A 526 11.84 -31.10 0.54
CA GLU A 526 12.60 -32.19 -0.05
C GLU A 526 11.98 -32.60 -1.37
N GLN A 527 10.64 -32.60 -1.40
CA GLN A 527 9.91 -32.94 -2.61
C GLN A 527 10.18 -31.92 -3.71
N GLN A 528 10.21 -30.66 -3.32
CA GLN A 528 10.43 -29.56 -4.25
C GLN A 528 11.85 -29.57 -4.81
N ARG A 529 12.73 -30.29 -4.13
CA ARG A 529 14.13 -30.41 -4.56
C ARG A 529 14.30 -31.58 -5.52
N PHE A 530 13.87 -32.76 -5.08
CA PHE A 530 13.94 -33.94 -5.92
C PHE A 530 13.27 -33.67 -7.26
N ASN A 531 12.16 -32.95 -7.21
CA ASN A 531 11.40 -32.61 -8.40
C ASN A 531 12.16 -31.67 -9.31
N ALA A 532 13.08 -30.90 -8.70
CA ALA A 532 13.89 -29.94 -9.43
C ALA A 532 15.20 -30.54 -9.92
N ARG A 533 15.59 -31.67 -9.32
CA ARG A 533 16.81 -32.38 -9.73
C ARG A 533 16.47 -33.34 -10.88
N LEU A 534 15.33 -34.01 -10.74
CA LEU A 534 14.82 -34.90 -11.77
C LEU A 534 14.68 -34.12 -13.08
N ALA A 535 14.05 -32.95 -13.01
CA ALA A 535 13.88 -32.09 -14.17
C ALA A 535 15.23 -31.59 -14.66
N ARG A 536 16.14 -31.37 -13.72
CA ARG A 536 17.48 -30.92 -14.05
C ARG A 536 18.18 -31.96 -14.92
N GLU A 537 18.15 -33.21 -14.46
CA GLU A 537 18.78 -34.31 -15.18
C GLU A 537 18.19 -34.48 -16.57
N ARG A 538 16.86 -34.51 -16.64
CA ARG A 538 16.16 -34.70 -17.90
C ARG A 538 16.50 -33.64 -18.95
N ARG A 539 16.75 -32.42 -18.49
CA ARG A 539 17.08 -31.32 -19.39
C ARG A 539 18.48 -31.49 -19.98
N VAL A 540 19.43 -31.85 -19.13
CA VAL A 540 20.81 -32.03 -19.57
C VAL A 540 20.92 -33.05 -20.69
N HIS A 541 20.13 -34.10 -20.58
CA HIS A 541 20.14 -35.18 -21.56
C HIS A 541 19.60 -34.75 -22.92
N ASN A 542 18.75 -33.74 -22.91
CA ASN A 542 18.16 -33.23 -24.15
C ASN A 542 19.14 -32.33 -24.90
N GLU A 543 19.97 -31.62 -24.14
CA GLU A 543 20.97 -30.73 -24.74
C GLU A 543 22.07 -31.53 -25.44
N HIS A 544 22.44 -32.66 -24.84
CA HIS A 544 23.43 -33.54 -25.44
C HIS A 544 22.79 -34.31 -26.59
N ARG A 545 21.47 -34.49 -26.51
CA ARG A 545 20.73 -35.19 -27.56
C ARG A 545 20.65 -34.33 -28.81
N LYS A 546 20.29 -33.07 -28.64
CA LYS A 546 20.20 -32.14 -29.76
C LYS A 546 21.57 -31.86 -30.34
N ARG A 547 22.59 -31.90 -29.49
CA ARG A 547 23.97 -31.64 -29.92
C ARG A 547 24.51 -32.82 -30.71
N GLU A 548 24.23 -34.03 -30.25
CA GLU A 548 24.67 -35.25 -30.92
C GLU A 548 23.93 -35.40 -32.25
N LEU A 549 22.64 -35.11 -32.22
CA LEU A 549 21.78 -35.22 -33.40
C LEU A 549 22.12 -34.13 -34.42
N ALA A 550 22.56 -32.98 -33.92
CA ALA A 550 22.89 -31.86 -34.79
C ALA A 550 24.11 -32.15 -35.65
N ALA A 551 25.23 -32.42 -35.00
CA ALA A 551 26.49 -32.71 -35.69
C ALA A 551 26.35 -33.94 -36.59
N LYS A 552 25.31 -34.73 -36.35
CA LYS A 552 25.06 -35.93 -37.14
C LYS A 552 24.53 -35.55 -38.52
N ARG A 553 23.67 -34.53 -38.56
CA ARG A 553 23.09 -34.06 -39.82
C ARG A 553 24.11 -33.26 -40.62
N ARG A 554 25.20 -32.88 -39.97
CA ARG A 554 26.27 -32.13 -40.62
C ARG A 554 27.17 -33.07 -41.42
N ARG A 555 27.08 -34.35 -41.10
CA ARG A 555 27.84 -35.37 -41.82
C ARG A 555 27.00 -35.88 -43.00
N GLU A 556 25.68 -35.76 -42.85
CA GLU A 556 24.75 -36.19 -43.90
C GLU A 556 24.72 -35.18 -45.04
N ARG A 557 24.95 -33.90 -44.71
CA ARG A 557 24.95 -32.85 -45.70
C ARG A 557 26.32 -32.73 -46.37
N LYS A 558 27.37 -33.04 -45.60
CA LYS A 558 28.73 -32.97 -46.13
C LYS A 558 29.02 -34.19 -47.01
N ALA A 559 28.32 -35.30 -46.73
CA ALA A 559 28.49 -36.52 -47.49
C ALA A 559 27.15 -36.97 -48.11
N SER A 560 26.55 -36.08 -48.88
CA SER A 560 25.27 -36.37 -49.52
C SER A 560 25.47 -36.81 -50.97
N SER B 28 -39.26 -13.61 -31.57
CA SER B 28 -39.31 -14.04 -30.18
C SER B 28 -39.02 -12.88 -29.23
N LEU B 29 -39.96 -11.94 -29.14
CA LEU B 29 -39.79 -10.78 -28.26
C LEU B 29 -40.36 -11.04 -26.88
N ASN B 30 -39.52 -10.89 -25.86
CA ASN B 30 -39.94 -11.08 -24.48
C ASN B 30 -40.66 -9.84 -23.96
N TRP B 31 -41.96 -9.76 -24.23
CA TRP B 31 -42.77 -8.62 -23.82
C TRP B 31 -42.90 -8.50 -22.30
N SER B 32 -42.57 -9.57 -21.59
CA SER B 32 -42.66 -9.58 -20.14
C SER B 32 -41.72 -8.51 -19.56
N VAL B 33 -40.66 -8.21 -20.28
CA VAL B 33 -39.69 -7.21 -19.87
C VAL B 33 -39.93 -5.89 -20.59
N ILE B 34 -40.29 -5.98 -21.87
CA ILE B 34 -40.52 -4.80 -22.69
C ILE B 34 -41.61 -3.90 -22.13
N VAL B 35 -42.75 -4.50 -21.81
CA VAL B 35 -43.90 -3.74 -21.31
C VAL B 35 -43.57 -2.88 -20.09
N PRO B 36 -43.17 -3.51 -18.98
CA PRO B 36 -42.85 -2.74 -17.78
C PRO B 36 -41.74 -1.72 -18.02
N ALA B 37 -40.84 -2.05 -18.94
CA ALA B 37 -39.72 -1.15 -19.27
C ALA B 37 -40.23 0.13 -19.91
N LEU B 38 -40.94 -0.02 -21.03
CA LEU B 38 -41.49 1.13 -21.75
C LEU B 38 -42.51 1.89 -20.91
N VAL B 39 -43.18 1.19 -20.02
CA VAL B 39 -44.17 1.80 -19.14
C VAL B 39 -43.49 2.83 -18.24
N ILE B 40 -42.38 2.43 -17.62
CA ILE B 40 -41.62 3.30 -16.74
C ILE B 40 -40.86 4.35 -17.54
N VAL B 41 -40.40 3.96 -18.73
CA VAL B 41 -39.66 4.87 -19.59
C VAL B 41 -40.54 6.03 -20.05
N LEU B 42 -41.64 5.70 -20.71
CA LEU B 42 -42.58 6.71 -21.20
C LEU B 42 -43.19 7.50 -20.05
N ALA B 43 -43.32 6.87 -18.90
CA ALA B 43 -43.87 7.52 -17.72
C ALA B 43 -43.05 8.75 -17.37
N THR B 44 -41.76 8.56 -17.16
CA THR B 44 -40.85 9.65 -16.83
C THR B 44 -40.79 10.68 -17.95
N VAL B 45 -40.95 10.20 -19.18
CA VAL B 45 -40.92 11.07 -20.35
C VAL B 45 -42.03 12.11 -20.29
N VAL B 46 -43.27 11.63 -20.24
CA VAL B 46 -44.44 12.50 -20.17
C VAL B 46 -44.49 13.27 -18.87
N TRP B 47 -44.24 12.57 -17.76
CA TRP B 47 -44.28 13.16 -16.44
C TRP B 47 -43.15 14.17 -16.22
N GLY B 48 -42.32 14.34 -17.24
CA GLY B 48 -41.20 15.26 -17.15
C GLY B 48 -41.15 16.30 -18.25
N ILE B 49 -41.42 15.87 -19.49
CA ILE B 49 -41.38 16.76 -20.64
C ILE B 49 -42.40 17.89 -20.52
N GLY B 50 -43.51 17.62 -19.85
CA GLY B 50 -44.57 18.60 -19.67
C GLY B 50 -45.49 18.25 -18.52
N PHE B 51 -46.63 18.91 -18.48
CA PHE B 51 -47.62 18.68 -17.42
C PHE B 51 -46.99 18.82 -16.04
N LYS B 52 -46.65 17.70 -15.43
CA LYS B 52 -46.02 17.70 -14.11
C LYS B 52 -44.53 17.96 -14.23
N ASP B 53 -44.18 19.10 -14.83
CA ASP B 53 -42.79 19.47 -15.04
C ASP B 53 -42.08 19.79 -13.72
N SER B 54 -42.65 20.71 -12.95
CA SER B 54 -42.08 21.10 -11.66
C SER B 54 -42.11 19.95 -10.67
N PHE B 55 -42.92 18.94 -10.96
CA PHE B 55 -43.02 17.77 -10.08
C PHE B 55 -41.83 16.84 -10.26
N THR B 56 -41.25 16.84 -11.47
CA THR B 56 -40.07 16.04 -11.75
C THR B 56 -38.90 16.57 -10.94
N ASN B 57 -38.79 17.90 -10.88
CA ASN B 57 -37.73 18.55 -10.13
C ASN B 57 -37.95 18.37 -8.63
N PHE B 58 -39.15 17.96 -8.26
CA PHE B 58 -39.47 17.71 -6.85
C PHE B 58 -38.97 16.31 -6.48
N ALA B 59 -38.95 15.41 -7.45
CA ALA B 59 -38.45 14.06 -7.24
C ALA B 59 -36.94 14.09 -7.09
N SER B 60 -36.31 15.08 -7.72
CA SER B 60 -34.87 15.26 -7.64
C SER B 60 -34.47 15.79 -6.26
N SER B 61 -35.41 16.46 -5.62
CA SER B 61 -35.19 17.00 -4.28
C SER B 61 -35.34 15.86 -3.26
N ALA B 62 -36.36 15.04 -3.46
CA ALA B 62 -36.61 13.90 -2.59
C ALA B 62 -35.58 12.81 -2.90
N LEU B 63 -34.80 13.03 -3.96
CA LEU B 63 -33.77 12.10 -4.36
C LEU B 63 -32.53 12.26 -3.48
N SER B 64 -32.33 13.47 -2.97
CA SER B 64 -31.20 13.75 -2.09
C SER B 64 -31.27 12.88 -0.83
N ALA B 65 -32.38 12.17 -0.68
CA ALA B 65 -32.58 11.29 0.47
C ALA B 65 -31.85 9.97 0.28
N VAL B 66 -31.75 9.53 -0.98
CA VAL B 66 -31.07 8.28 -1.30
C VAL B 66 -29.57 8.45 -1.14
N VAL B 67 -29.10 9.69 -1.32
CA VAL B 67 -27.69 10.00 -1.17
C VAL B 67 -27.34 10.02 0.31
N ASP B 68 -28.33 10.35 1.13
CA ASP B 68 -28.14 10.39 2.57
C ASP B 68 -28.24 9.00 3.17
N ASN B 69 -29.24 8.24 2.72
CA ASN B 69 -29.47 6.89 3.23
C ASN B 69 -28.51 5.85 2.65
N LEU B 70 -28.64 5.59 1.36
CA LEU B 70 -27.79 4.61 0.70
C LEU B 70 -26.45 5.19 0.28
N GLY B 71 -26.07 6.31 0.88
CA GLY B 71 -24.80 6.95 0.58
C GLY B 71 -23.64 6.04 0.90
N TRP B 72 -23.67 5.44 2.08
CA TRP B 72 -22.61 4.54 2.51
C TRP B 72 -22.57 3.29 1.63
N ALA B 73 -23.72 2.91 1.08
CA ALA B 73 -23.82 1.73 0.23
C ALA B 73 -22.96 1.88 -1.01
N PHE B 74 -23.12 3.00 -1.72
CA PHE B 74 -22.36 3.25 -2.93
C PHE B 74 -20.87 3.36 -2.64
N ILE B 75 -20.52 3.93 -1.49
CA ILE B 75 -19.13 4.13 -1.11
C ILE B 75 -18.46 2.87 -0.58
N LEU B 76 -19.14 2.19 0.35
CA LEU B 76 -18.61 0.97 0.95
C LEU B 76 -18.37 -0.11 -0.10
N PHE B 77 -19.44 -0.52 -0.75
CA PHE B 77 -19.36 -1.56 -1.77
C PHE B 77 -18.59 -1.09 -2.99
N GLY B 78 -18.66 0.21 -3.28
CA GLY B 78 -17.96 0.79 -4.42
C GLY B 78 -16.51 0.37 -4.47
N THR B 79 -15.88 0.28 -3.29
CA THR B 79 -14.50 -0.15 -3.18
C THR B 79 -14.43 -1.68 -3.13
N VAL B 80 -15.47 -2.29 -2.59
CA VAL B 80 -15.54 -3.75 -2.50
C VAL B 80 -15.43 -4.38 -3.89
N PHE B 81 -16.05 -3.74 -4.87
CA PHE B 81 -15.99 -4.23 -6.24
C PHE B 81 -14.53 -4.34 -6.70
N VAL B 82 -13.71 -3.39 -6.28
CA VAL B 82 -12.29 -3.36 -6.64
C VAL B 82 -11.53 -4.51 -6.01
N PHE B 83 -11.74 -4.72 -4.71
CA PHE B 83 -11.07 -5.80 -4.01
C PHE B 83 -11.58 -7.16 -4.49
N PHE B 84 -12.89 -7.28 -4.63
CA PHE B 84 -13.51 -8.53 -5.06
C PHE B 84 -13.03 -8.97 -6.44
N ILE B 85 -12.96 -8.03 -7.37
CA ILE B 85 -12.55 -8.35 -8.74
C ILE B 85 -11.05 -8.62 -8.85
N VAL B 86 -10.29 -8.13 -7.88
CA VAL B 86 -8.84 -8.35 -7.85
C VAL B 86 -8.52 -9.68 -7.21
N VAL B 87 -9.28 -10.02 -6.16
CA VAL B 87 -9.09 -11.28 -5.46
C VAL B 87 -9.38 -12.46 -6.39
N ILE B 88 -10.47 -12.35 -7.15
CA ILE B 88 -10.84 -13.40 -8.09
C ILE B 88 -9.79 -13.57 -9.17
N ALA B 89 -9.35 -12.44 -9.73
CA ALA B 89 -8.34 -12.46 -10.78
C ALA B 89 -7.03 -13.07 -10.29
N ALA B 90 -6.76 -12.89 -8.99
CA ALA B 90 -5.53 -13.41 -8.40
C ALA B 90 -5.69 -14.87 -7.97
N SER B 91 -6.92 -15.25 -7.60
CA SER B 91 -7.19 -16.60 -7.14
C SER B 91 -7.10 -17.62 -8.28
N LYS B 92 -7.35 -18.88 -7.94
CA LYS B 92 -7.29 -19.97 -8.91
C LYS B 92 -8.34 -19.83 -10.00
N PHE B 93 -9.39 -19.05 -9.73
CA PHE B 93 -10.44 -18.85 -10.70
C PHE B 93 -9.91 -18.15 -11.94
N GLY B 94 -8.81 -17.42 -11.79
CA GLY B 94 -8.22 -16.67 -12.88
C GLY B 94 -7.78 -17.53 -14.04
N THR B 95 -7.30 -18.73 -13.74
CA THR B 95 -6.82 -19.66 -14.77
C THR B 95 -7.96 -20.18 -15.66
N ILE B 96 -9.18 -20.11 -15.14
CA ILE B 96 -10.35 -20.59 -15.88
C ILE B 96 -10.56 -19.84 -17.18
N ARG B 97 -10.83 -20.59 -18.26
CA ARG B 97 -11.09 -19.99 -19.56
C ARG B 97 -12.56 -19.63 -19.71
N LEU B 98 -12.83 -18.52 -20.38
CA LEU B 98 -14.20 -18.07 -20.58
C LEU B 98 -14.87 -18.77 -21.76
N GLY B 99 -15.15 -20.06 -21.60
CA GLY B 99 -15.78 -20.85 -22.63
C GLY B 99 -15.43 -22.32 -22.50
N ARG B 100 -15.10 -22.95 -23.61
CA ARG B 100 -14.72 -24.36 -23.61
C ARG B 100 -13.39 -24.53 -22.87
N ILE B 101 -13.22 -25.69 -22.24
CA ILE B 101 -12.00 -25.99 -21.49
C ILE B 101 -10.76 -25.80 -22.36
N ASP B 102 -9.86 -24.93 -21.92
CA ASP B 102 -8.64 -24.65 -22.66
C ASP B 102 -8.93 -24.15 -24.07
N GLU B 103 -9.75 -23.10 -24.17
CA GLU B 103 -10.10 -22.52 -25.46
C GLU B 103 -9.27 -21.27 -25.73
N ALA B 104 -8.80 -21.14 -26.96
CA ALA B 104 -8.00 -19.98 -27.35
C ALA B 104 -8.88 -18.82 -27.79
N PRO B 105 -8.54 -17.60 -27.36
CA PRO B 105 -9.29 -16.38 -27.68
C PRO B 105 -9.40 -16.19 -29.19
N GLU B 106 -10.51 -15.61 -29.63
CA GLU B 106 -10.74 -15.37 -31.05
C GLU B 106 -9.85 -14.25 -31.58
N PHE B 107 -10.04 -13.05 -31.02
CA PHE B 107 -9.26 -11.90 -31.45
C PHE B 107 -7.84 -11.94 -30.89
N ARG B 108 -6.92 -11.28 -31.59
CA ARG B 108 -5.53 -11.24 -31.15
C ARG B 108 -5.39 -10.49 -29.83
N THR B 109 -4.22 -10.61 -29.21
CA THR B 109 -3.96 -9.92 -27.94
C THR B 109 -3.97 -8.41 -28.16
N VAL B 110 -3.31 -7.97 -29.22
CA VAL B 110 -3.25 -6.55 -29.55
C VAL B 110 -4.61 -6.04 -30.02
N SER B 111 -5.33 -6.87 -30.78
CA SER B 111 -6.65 -6.51 -31.28
C SER B 111 -7.63 -6.35 -30.12
N TRP B 112 -7.49 -7.24 -29.13
CA TRP B 112 -8.36 -7.20 -27.95
C TRP B 112 -8.12 -5.92 -27.15
N ILE B 113 -6.85 -5.52 -27.05
CA ILE B 113 -6.49 -4.29 -26.34
C ILE B 113 -7.00 -3.06 -27.09
N SER B 114 -6.99 -3.15 -28.42
CA SER B 114 -7.47 -2.05 -29.26
C SER B 114 -8.97 -1.83 -29.05
N MSE B 115 -9.71 -2.92 -28.94
CA MSE B 115 -11.15 -2.86 -28.70
C MSE B 115 -11.42 -2.40 -27.27
O MSE B 115 -12.55 -2.04 -26.93
CB MSE B 115 -11.81 -4.19 -28.98
CG MSE B 115 -11.44 -4.80 -30.33
SE MSE B 115 -12.40 -6.44 -30.75
CE MSE B 115 -14.10 -5.68 -31.17
N MSE B 116 -10.39 -2.44 -26.44
CA MSE B 116 -10.49 -2.00 -25.06
C MSE B 116 -10.48 -0.47 -25.01
O MSE B 116 -11.15 0.13 -24.17
CB MSE B 116 -9.37 -2.56 -24.21
CG MSE B 116 -9.46 -4.04 -23.91
SE MSE B 116 -10.20 -4.41 -22.15
CE MSE B 116 -11.79 -3.34 -22.24
N PHE B 117 -9.71 0.14 -25.91
CA PHE B 117 -9.62 1.59 -25.99
C PHE B 117 -10.94 2.17 -26.50
N ALA B 118 -11.62 1.40 -27.36
CA ALA B 118 -12.90 1.83 -27.92
C ALA B 118 -13.92 2.05 -26.82
N ALA B 119 -13.78 1.29 -25.74
CA ALA B 119 -14.67 1.42 -24.58
C ALA B 119 -14.14 2.50 -23.63
N GLY B 120 -12.83 2.72 -23.65
CA GLY B 120 -12.19 3.72 -22.81
C GLY B 120 -12.60 5.12 -23.21
N MSE B 121 -12.83 5.31 -24.51
CA MSE B 121 -13.25 6.60 -25.03
C MSE B 121 -14.78 6.70 -25.03
O MSE B 121 -15.48 5.77 -25.41
CB MSE B 121 -12.70 6.82 -26.44
CG MSE B 121 -11.25 7.18 -26.51
SE MSE B 121 -10.84 8.92 -25.72
CE MSE B 121 -8.98 9.01 -26.14
N GLY B 122 -15.29 7.85 -24.57
CA GLY B 122 -16.71 8.08 -24.51
C GLY B 122 -17.05 9.54 -24.36
N ILE B 123 -18.35 9.84 -24.34
CA ILE B 123 -18.83 11.21 -24.20
C ILE B 123 -18.43 11.76 -22.83
N GLY B 124 -18.25 10.88 -21.87
CA GLY B 124 -17.90 11.26 -20.52
C GLY B 124 -16.56 12.00 -20.43
N LEU B 125 -15.52 11.38 -20.99
CA LEU B 125 -14.19 11.99 -20.96
C LEU B 125 -14.17 13.33 -21.67
N MSE B 126 -14.98 13.46 -22.71
CA MSE B 126 -15.08 14.70 -23.46
C MSE B 126 -15.70 15.80 -22.60
O MSE B 126 -15.37 16.98 -22.73
CB MSE B 126 -15.91 14.50 -24.72
CG MSE B 126 -15.28 13.62 -25.78
SE MSE B 126 -13.81 14.49 -26.71
CE MSE B 126 -14.78 15.91 -27.54
N PHE B 127 -16.62 15.39 -21.72
CA PHE B 127 -17.34 16.33 -20.87
C PHE B 127 -16.55 16.76 -19.63
N TYR B 128 -16.29 15.81 -18.76
CA TYR B 128 -15.60 16.09 -17.49
C TYR B 128 -14.10 16.08 -17.57
N GLY B 129 -13.57 15.47 -18.61
CA GLY B 129 -12.13 15.34 -18.79
C GLY B 129 -11.35 16.63 -18.62
N THR B 130 -11.96 17.74 -19.00
CA THR B 130 -11.30 19.04 -18.94
C THR B 130 -11.76 19.89 -17.75
N THR B 131 -13.00 19.69 -17.33
CA THR B 131 -13.59 20.49 -16.26
C THR B 131 -13.32 19.91 -14.87
N GLU B 132 -13.58 18.62 -14.71
CA GLU B 132 -13.44 17.95 -13.43
C GLU B 132 -12.12 18.23 -12.71
N PRO B 133 -10.99 17.98 -13.39
CA PRO B 133 -9.69 18.22 -12.75
C PRO B 133 -9.50 19.71 -12.42
N LEU B 134 -10.21 20.56 -13.14
CA LEU B 134 -10.10 22.00 -12.93
C LEU B 134 -10.92 22.47 -11.73
N THR B 135 -12.15 21.98 -11.63
CA THR B 135 -13.04 22.35 -10.53
C THR B 135 -12.44 21.93 -9.19
N PHE B 136 -11.60 20.91 -9.21
CA PHE B 136 -10.96 20.43 -7.98
C PHE B 136 -9.72 21.25 -7.65
N TYR B 137 -9.14 21.88 -8.66
CA TYR B 137 -7.97 22.72 -8.45
C TYR B 137 -8.41 24.11 -8.00
N ARG B 138 -9.60 24.53 -8.46
CA ARG B 138 -10.13 25.83 -8.11
C ARG B 138 -10.84 25.81 -6.75
N ASN B 139 -11.80 24.91 -6.61
CA ASN B 139 -12.60 24.81 -5.40
C ASN B 139 -11.99 23.92 -4.33
N GLY B 140 -11.37 22.82 -4.75
CA GLY B 140 -10.77 21.86 -3.83
C GLY B 140 -11.75 20.80 -3.38
N VAL B 141 -11.23 19.73 -2.78
CA VAL B 141 -12.06 18.63 -2.30
C VAL B 141 -12.13 18.59 -0.78
N PRO B 142 -13.23 18.07 -0.23
CA PRO B 142 -13.44 18.01 1.22
C PRO B 142 -12.27 17.37 1.95
N GLY B 143 -11.65 18.14 2.84
CA GLY B 143 -10.53 17.66 3.62
C GLY B 143 -9.17 17.98 3.01
N HIS B 144 -9.15 18.93 2.08
CA HIS B 144 -7.90 19.31 1.44
C HIS B 144 -7.91 20.78 1.01
N ASP B 145 -6.71 21.32 0.84
CA ASP B 145 -6.57 22.71 0.41
C ASP B 145 -6.85 22.87 -1.07
N GLU B 146 -7.14 24.10 -1.48
CA GLU B 146 -7.41 24.39 -2.88
C GLU B 146 -6.11 24.59 -3.64
N HIS B 147 -6.22 24.74 -4.95
CA HIS B 147 -5.05 24.93 -5.81
C HIS B 147 -4.03 23.83 -5.58
N ASN B 148 -4.52 22.61 -5.38
CA ASN B 148 -3.65 21.45 -5.16
C ASN B 148 -3.69 20.50 -6.35
N VAL B 149 -2.63 20.51 -7.14
CA VAL B 149 -2.55 19.67 -8.33
C VAL B 149 -2.65 18.18 -8.01
N GLY B 150 -1.85 17.73 -7.05
CA GLY B 150 -1.82 16.34 -6.65
C GLY B 150 -3.19 15.78 -6.33
N VAL B 151 -3.87 16.39 -5.36
CA VAL B 151 -5.19 15.95 -4.94
C VAL B 151 -6.21 16.09 -6.06
N ALA B 152 -6.04 17.12 -6.88
CA ALA B 152 -6.95 17.39 -8.00
C ALA B 152 -6.96 16.22 -8.99
N MSE B 153 -5.80 15.57 -9.15
CA MSE B 153 -5.68 14.46 -10.07
C MSE B 153 -6.12 13.15 -9.42
O MSE B 153 -6.83 12.36 -10.03
CB MSE B 153 -4.24 14.34 -10.56
CG MSE B 153 -3.73 15.55 -11.32
SE MSE B 153 -4.80 15.97 -12.87
CE MSE B 153 -3.90 17.55 -13.45
N SER B 154 -5.69 12.93 -8.18
CA SER B 154 -6.04 11.71 -7.46
C SER B 154 -7.54 11.50 -7.40
N THR B 155 -8.28 12.58 -7.27
CA THR B 155 -9.75 12.52 -7.19
C THR B 155 -10.35 12.10 -8.52
N THR B 156 -9.98 12.81 -9.59
CA THR B 156 -10.47 12.48 -10.92
C THR B 156 -10.11 11.06 -11.29
N MSE B 157 -8.89 10.66 -10.93
CA MSE B 157 -8.42 9.30 -11.18
C MSE B 157 -9.29 8.32 -10.41
O MSE B 157 -9.67 7.28 -10.92
CB MSE B 157 -6.97 9.15 -10.72
CG MSE B 157 -5.94 9.86 -11.55
SE MSE B 157 -5.48 8.88 -13.16
CE MSE B 157 -4.84 7.26 -12.38
N PHE B 158 -9.61 8.67 -9.16
CA PHE B 158 -10.43 7.85 -8.29
C PHE B 158 -11.82 7.61 -8.87
N HIS B 159 -12.23 8.46 -9.80
CA HIS B 159 -13.56 8.37 -10.38
C HIS B 159 -13.60 7.71 -11.75
N TRP B 160 -12.46 7.64 -12.42
CA TRP B 160 -12.42 7.14 -13.79
C TRP B 160 -11.48 6.00 -14.07
N THR B 161 -11.02 5.33 -13.02
CA THR B 161 -10.08 4.21 -13.21
C THR B 161 -10.61 2.88 -12.70
N LEU B 162 -10.00 2.39 -11.62
CA LEU B 162 -10.33 1.10 -11.05
C LEU B 162 -11.81 0.92 -10.70
N HIS B 163 -12.31 1.78 -9.81
CA HIS B 163 -13.69 1.68 -9.35
C HIS B 163 -14.73 1.45 -10.45
N PRO B 164 -14.73 2.31 -11.48
CA PRO B 164 -15.72 2.14 -12.55
C PRO B 164 -15.60 0.81 -13.26
N TRP B 165 -14.39 0.48 -13.70
CA TRP B 165 -14.14 -0.75 -14.44
C TRP B 165 -14.20 -2.01 -13.58
N ALA B 166 -14.07 -1.85 -12.27
CA ALA B 166 -14.18 -2.97 -11.36
C ALA B 166 -15.63 -3.42 -11.33
N ILE B 167 -16.53 -2.49 -11.66
CA ILE B 167 -17.95 -2.78 -11.72
C ILE B 167 -18.30 -3.37 -13.09
N TYR B 168 -17.61 -2.88 -14.12
CA TYR B 168 -17.82 -3.36 -15.47
C TYR B 168 -17.22 -4.76 -15.64
N ALA B 169 -16.18 -5.04 -14.88
CA ALA B 169 -15.51 -6.34 -14.94
C ALA B 169 -16.36 -7.42 -14.26
N ILE B 170 -16.96 -7.07 -13.13
CA ILE B 170 -17.81 -7.99 -12.40
C ILE B 170 -19.01 -8.41 -13.25
N VAL B 171 -19.67 -7.42 -13.85
CA VAL B 171 -20.81 -7.68 -14.72
C VAL B 171 -20.36 -8.35 -16.00
N GLY B 172 -19.30 -7.81 -16.59
CA GLY B 172 -18.74 -8.34 -17.84
C GLY B 172 -18.28 -9.78 -17.68
N LEU B 173 -17.86 -10.14 -16.48
CA LEU B 173 -17.41 -11.51 -16.21
C LEU B 173 -18.60 -12.41 -15.88
N ALA B 174 -19.56 -11.86 -15.15
CA ALA B 174 -20.76 -12.61 -14.78
C ALA B 174 -21.46 -13.12 -16.04
N ILE B 175 -21.46 -12.31 -17.09
CA ILE B 175 -22.07 -12.69 -18.35
C ILE B 175 -21.12 -13.59 -19.15
N ALA B 176 -19.92 -13.09 -19.41
CA ALA B 176 -18.93 -13.82 -20.19
C ALA B 176 -18.69 -15.24 -19.68
N TYR B 177 -19.11 -15.51 -18.46
CA TYR B 177 -18.95 -16.84 -17.88
C TYR B 177 -20.22 -17.67 -18.03
N SER B 178 -21.34 -17.07 -17.65
CA SER B 178 -22.63 -17.76 -17.70
C SER B 178 -23.09 -18.12 -19.11
N THR B 179 -22.66 -17.33 -20.10
CA THR B 179 -23.07 -17.54 -21.48
C THR B 179 -22.02 -18.27 -22.31
N PHE B 180 -20.78 -18.19 -21.88
CA PHE B 180 -19.68 -18.84 -22.61
C PHE B 180 -19.31 -20.16 -21.96
N ARG B 181 -18.96 -20.11 -20.68
CA ARG B 181 -18.55 -21.30 -19.94
C ARG B 181 -19.73 -22.25 -19.72
N VAL B 182 -20.66 -21.85 -18.87
CA VAL B 182 -21.82 -22.66 -18.57
C VAL B 182 -22.67 -22.93 -19.80
N GLY B 183 -22.87 -21.89 -20.60
CA GLY B 183 -23.67 -22.01 -21.81
C GLY B 183 -25.13 -21.66 -21.59
N ARG B 184 -25.37 -20.50 -20.99
CA ARG B 184 -26.73 -20.04 -20.73
C ARG B 184 -27.07 -18.85 -21.63
N LYS B 185 -28.31 -18.39 -21.53
CA LYS B 185 -28.78 -17.27 -22.33
C LYS B 185 -28.08 -15.98 -21.92
N GLN B 186 -27.92 -15.07 -22.88
CA GLN B 186 -27.27 -13.79 -22.61
C GLN B 186 -28.19 -12.80 -21.91
N LEU B 187 -28.64 -13.17 -20.71
CA LEU B 187 -29.48 -12.31 -19.91
C LEU B 187 -28.86 -12.19 -18.52
N LEU B 188 -28.91 -10.98 -17.95
CA LEU B 188 -28.34 -10.75 -16.63
C LEU B 188 -28.95 -11.70 -15.61
N SER B 189 -30.19 -12.09 -15.83
CA SER B 189 -30.88 -13.02 -14.93
C SER B 189 -30.25 -14.41 -14.99
N SER B 190 -29.70 -14.75 -16.15
CA SER B 190 -29.07 -16.05 -16.34
C SER B 190 -27.82 -16.19 -15.50
N ALA B 191 -27.33 -15.06 -14.99
CA ALA B 191 -26.13 -15.05 -14.16
C ALA B 191 -26.49 -15.30 -12.71
N PHE B 192 -27.77 -15.09 -12.36
CA PHE B 192 -28.24 -15.30 -11.01
C PHE B 192 -28.80 -16.71 -10.83
N VAL B 193 -28.51 -17.59 -11.79
CA VAL B 193 -28.97 -18.97 -11.73
C VAL B 193 -28.55 -19.66 -10.43
N PRO B 194 -27.28 -19.51 -10.03
CA PRO B 194 -26.80 -20.14 -8.80
C PRO B 194 -27.60 -19.69 -7.58
N LEU B 195 -27.86 -18.39 -7.49
CA LEU B 195 -28.57 -17.83 -6.35
C LEU B 195 -30.07 -18.13 -6.40
N ILE B 196 -30.76 -17.52 -7.36
CA ILE B 196 -32.21 -17.71 -7.50
C ILE B 196 -32.58 -19.18 -7.62
N GLY B 197 -32.45 -19.71 -8.83
CA GLY B 197 -32.78 -21.10 -9.10
C GLY B 197 -32.37 -21.51 -10.50
N GLU B 198 -31.81 -22.71 -10.62
CA GLU B 198 -31.39 -23.23 -11.91
C GLU B 198 -32.54 -23.31 -12.90
N LYS B 199 -32.52 -22.41 -13.89
CA LYS B 199 -33.55 -22.36 -14.92
C LYS B 199 -34.89 -21.87 -14.38
N GLY B 200 -35.08 -21.96 -13.06
CA GLY B 200 -36.31 -21.53 -12.42
C GLY B 200 -36.26 -20.07 -12.04
N ALA B 201 -35.22 -19.38 -12.48
CA ALA B 201 -35.05 -17.96 -12.18
C ALA B 201 -35.83 -17.09 -13.15
N GLU B 202 -37.14 -17.33 -13.23
CA GLU B 202 -38.01 -16.56 -14.12
C GLU B 202 -39.37 -16.32 -13.50
N GLY B 203 -39.39 -15.79 -12.28
CA GLY B 203 -40.62 -15.49 -11.56
C GLY B 203 -40.59 -14.13 -10.91
N TRP B 204 -40.66 -14.10 -9.58
CA TRP B 204 -40.60 -12.85 -8.84
C TRP B 204 -39.31 -12.11 -9.20
N LEU B 205 -38.26 -12.87 -9.47
CA LEU B 205 -36.98 -12.32 -9.89
C LEU B 205 -36.74 -12.71 -11.35
N GLY B 206 -35.48 -12.70 -11.76
CA GLY B 206 -35.13 -13.04 -13.14
C GLY B 206 -35.65 -12.03 -14.13
N LYS B 207 -36.95 -12.10 -14.43
CA LYS B 207 -37.57 -11.16 -15.33
C LYS B 207 -37.40 -9.74 -14.81
N LEU B 208 -37.60 -9.57 -13.51
CA LEU B 208 -37.43 -8.27 -12.86
C LEU B 208 -36.00 -7.77 -13.04
N ILE B 209 -35.04 -8.69 -12.92
CA ILE B 209 -33.63 -8.35 -13.09
C ILE B 209 -33.37 -7.89 -14.53
N ASP B 210 -34.08 -8.50 -15.47
CA ASP B 210 -33.95 -8.14 -16.88
C ASP B 210 -34.68 -6.82 -17.15
N ILE B 211 -35.73 -6.56 -16.37
CA ILE B 211 -36.49 -5.32 -16.50
C ILE B 211 -35.63 -4.14 -16.04
N LEU B 212 -35.10 -4.24 -14.83
CA LEU B 212 -34.26 -3.20 -14.27
C LEU B 212 -32.99 -3.03 -15.12
N ALA B 213 -32.55 -4.10 -15.74
CA ALA B 213 -31.37 -4.08 -16.59
C ALA B 213 -31.52 -3.07 -17.72
N ILE B 214 -32.69 -3.09 -18.36
CA ILE B 214 -32.96 -2.17 -19.47
C ILE B 214 -33.19 -0.76 -18.97
N ILE B 215 -33.98 -0.63 -17.91
CA ILE B 215 -34.29 0.67 -17.33
C ILE B 215 -33.03 1.38 -16.88
N ALA B 216 -32.13 0.65 -16.24
CA ALA B 216 -30.88 1.21 -15.77
C ALA B 216 -30.00 1.62 -16.94
N THR B 217 -30.09 0.86 -18.04
CA THR B 217 -29.29 1.13 -19.22
C THR B 217 -29.79 2.35 -19.99
N VAL B 218 -31.11 2.42 -20.17
CA VAL B 218 -31.72 3.51 -20.92
C VAL B 218 -31.46 4.87 -20.26
N PHE B 219 -31.45 4.88 -18.93
CA PHE B 219 -31.19 6.10 -18.18
C PHE B 219 -29.70 6.42 -18.18
N GLY B 220 -28.87 5.39 -18.02
CA GLY B 220 -27.43 5.55 -18.01
C GLY B 220 -26.94 6.09 -19.33
N THR B 221 -27.49 5.58 -20.43
CA THR B 221 -27.12 6.03 -21.76
C THR B 221 -27.68 7.42 -22.02
N ALA B 222 -28.88 7.66 -21.50
CA ALA B 222 -29.52 8.97 -21.66
C ALA B 222 -28.67 10.07 -21.06
N CYS B 223 -27.86 9.72 -20.06
CA CYS B 223 -26.97 10.69 -19.42
C CYS B 223 -25.89 11.14 -20.38
N SER B 224 -25.19 10.17 -20.97
CA SER B 224 -24.12 10.47 -21.91
C SER B 224 -24.67 11.22 -23.12
N LEU B 225 -25.83 10.80 -23.59
CA LEU B 225 -26.48 11.44 -24.73
C LEU B 225 -26.83 12.88 -24.38
N GLY B 226 -27.34 13.08 -23.16
CA GLY B 226 -27.70 14.40 -22.67
C GLY B 226 -26.46 15.28 -22.56
N LEU B 227 -25.39 14.72 -22.00
CA LEU B 227 -24.14 15.44 -21.85
C LEU B 227 -23.60 15.82 -23.22
N GLY B 228 -23.85 14.97 -24.21
CA GLY B 228 -23.42 15.20 -25.57
C GLY B 228 -24.16 16.38 -26.17
N ALA B 229 -25.42 16.53 -25.77
CA ALA B 229 -26.25 17.63 -26.26
C ALA B 229 -25.72 18.96 -25.74
N LEU B 230 -25.63 19.09 -24.42
CA LEU B 230 -25.13 20.31 -23.81
C LEU B 230 -23.73 20.64 -24.31
N GLN B 231 -22.93 19.60 -24.53
CA GLN B 231 -21.57 19.77 -25.01
C GLN B 231 -21.58 20.39 -26.41
N ILE B 232 -22.40 19.84 -27.29
CA ILE B 232 -22.52 20.35 -28.66
C ILE B 232 -23.17 21.72 -28.68
N GLY B 233 -24.22 21.88 -27.87
CA GLY B 233 -24.94 23.15 -27.78
C GLY B 233 -24.01 24.28 -27.41
N ALA B 234 -23.13 24.02 -26.44
CA ALA B 234 -22.16 25.02 -26.01
C ALA B 234 -21.10 25.23 -27.07
N GLY B 235 -20.89 24.20 -27.90
CA GLY B 235 -19.95 24.28 -28.99
C GLY B 235 -20.51 25.15 -30.10
N LEU B 236 -21.81 25.05 -30.31
CA LEU B 236 -22.49 25.85 -31.33
C LEU B 236 -22.53 27.31 -30.87
N SER B 237 -22.66 27.52 -29.57
CA SER B 237 -22.67 28.87 -29.01
C SER B 237 -21.25 29.43 -29.06
N ALA B 238 -20.37 28.74 -29.77
CA ALA B 238 -19.00 29.18 -29.97
C ALA B 238 -18.69 29.19 -31.46
N ALA B 239 -19.75 29.16 -32.27
CA ALA B 239 -19.62 29.18 -33.73
C ALA B 239 -20.66 30.12 -34.33
N ASN B 240 -21.93 29.83 -34.11
CA ASN B 240 -23.02 30.66 -34.61
C ASN B 240 -23.48 31.63 -33.52
N ILE B 241 -22.54 32.45 -33.04
CA ILE B 241 -22.80 33.42 -31.98
C ILE B 241 -23.54 34.66 -32.49
N ILE B 242 -24.77 34.85 -32.05
CA ILE B 242 -25.48 33.90 -31.18
C ILE B 242 -26.95 33.87 -31.57
N GLU B 243 -27.73 33.11 -30.81
CA GLU B 243 -29.16 33.02 -31.06
C GLU B 243 -29.96 33.54 -29.86
N SER B 246 -33.91 32.10 -28.59
CA SER B 246 -33.39 31.29 -27.48
C SER B 246 -32.77 30.00 -27.98
N ASP B 247 -31.97 29.36 -27.12
CA ASP B 247 -31.31 28.10 -27.47
C ASP B 247 -32.10 26.91 -26.95
N TRP B 248 -33.31 27.17 -26.47
CA TRP B 248 -34.16 26.12 -25.93
C TRP B 248 -34.51 25.09 -27.00
N THR B 249 -35.02 25.57 -28.14
CA THR B 249 -35.38 24.70 -29.25
C THR B 249 -34.12 24.10 -29.89
N ILE B 250 -33.02 24.86 -29.83
CA ILE B 250 -31.76 24.43 -30.40
C ILE B 250 -31.34 23.07 -29.83
N VAL B 251 -31.57 22.88 -28.54
CA VAL B 251 -31.24 21.62 -27.87
C VAL B 251 -32.04 20.49 -28.51
N GLY B 252 -33.33 20.73 -28.71
CA GLY B 252 -34.21 19.75 -29.31
C GLY B 252 -33.78 19.44 -30.74
N ILE B 253 -33.13 20.41 -31.38
CA ILE B 253 -32.65 20.25 -32.74
C ILE B 253 -31.41 19.36 -32.78
N VAL B 254 -30.37 19.79 -32.06
CA VAL B 254 -29.12 19.05 -31.99
C VAL B 254 -29.35 17.57 -31.70
N SER B 255 -30.25 17.30 -30.77
CA SER B 255 -30.55 15.93 -30.38
C SER B 255 -31.14 15.13 -31.54
N VAL B 256 -32.27 15.60 -32.08
CA VAL B 256 -32.96 14.91 -33.17
C VAL B 256 -32.11 14.81 -34.43
N LEU B 257 -31.16 15.72 -34.59
CA LEU B 257 -30.28 15.71 -35.75
C LEU B 257 -29.49 14.40 -35.80
N THR B 258 -28.82 14.08 -34.71
CA THR B 258 -28.04 12.84 -34.61
C THR B 258 -28.95 11.67 -34.27
N LEU B 259 -30.09 11.97 -33.66
CA LEU B 259 -31.06 10.94 -33.29
C LEU B 259 -31.73 10.35 -34.52
N ALA B 260 -31.83 11.14 -35.58
CA ALA B 260 -32.45 10.69 -36.81
C ALA B 260 -31.44 9.98 -37.70
N PHE B 261 -30.17 10.32 -37.52
CA PHE B 261 -29.10 9.72 -38.31
C PHE B 261 -28.52 8.47 -37.68
N ILE B 262 -29.22 7.95 -36.68
CA ILE B 262 -28.82 6.70 -36.05
C ILE B 262 -29.49 5.56 -36.82
N PHE B 263 -30.63 5.88 -37.43
CA PHE B 263 -31.38 4.90 -38.20
C PHE B 263 -30.63 4.54 -39.47
N SER B 264 -30.18 5.57 -40.19
CA SER B 264 -29.44 5.37 -41.43
C SER B 264 -28.05 4.79 -41.16
N ALA B 265 -27.78 4.48 -39.90
CA ALA B 265 -26.50 3.90 -39.50
C ALA B 265 -26.74 2.57 -38.78
N ILE B 266 -28.00 2.12 -38.79
CA ILE B 266 -28.38 0.87 -38.13
C ILE B 266 -29.06 -0.09 -39.10
N SER B 267 -30.15 0.38 -39.70
CA SER B 267 -30.92 -0.44 -40.62
C SER B 267 -30.35 -0.43 -42.03
N GLY B 268 -30.50 0.69 -42.72
CA GLY B 268 -30.04 0.84 -44.09
C GLY B 268 -28.54 0.64 -44.26
N VAL B 269 -27.80 0.87 -43.19
CA VAL B 269 -26.34 0.75 -43.24
C VAL B 269 -25.80 -0.09 -42.08
N GLY B 270 -24.93 -1.04 -42.41
CA GLY B 270 -24.30 -1.88 -41.41
C GLY B 270 -22.87 -1.45 -41.16
N LYS B 271 -22.16 -2.21 -40.33
CA LYS B 271 -20.76 -1.90 -40.01
C LYS B 271 -20.63 -0.51 -39.40
N GLY B 272 -21.73 0.01 -38.86
CA GLY B 272 -21.75 1.33 -38.26
C GLY B 272 -20.84 1.44 -37.03
N ILE B 273 -21.01 0.50 -36.10
CA ILE B 273 -20.21 0.49 -34.87
C ILE B 273 -18.73 0.33 -35.15
N GLN B 274 -18.40 -0.51 -36.14
CA GLN B 274 -17.02 -0.78 -36.49
C GLN B 274 -16.32 0.43 -37.12
N TYR B 275 -16.97 1.02 -38.11
CA TYR B 275 -16.39 2.16 -38.82
C TYR B 275 -16.29 3.40 -37.94
N LEU B 276 -17.43 3.84 -37.40
CA LEU B 276 -17.47 5.04 -36.57
C LEU B 276 -16.53 4.96 -35.38
N SER B 277 -16.39 3.77 -34.80
CA SER B 277 -15.50 3.59 -33.66
C SER B 277 -14.07 3.94 -34.06
N ASN B 278 -13.69 3.56 -35.27
CA ASN B 278 -12.36 3.84 -35.78
C ASN B 278 -12.19 5.35 -36.00
N ALA B 279 -13.23 5.99 -36.52
CA ALA B 279 -13.21 7.42 -36.76
C ALA B 279 -13.12 8.19 -35.43
N ASN B 280 -13.79 7.65 -34.42
CA ASN B 280 -13.78 8.26 -33.09
C ASN B 280 -12.38 8.24 -32.49
N MSE B 281 -11.68 7.12 -32.66
CA MSE B 281 -10.33 6.98 -32.14
C MSE B 281 -9.37 7.97 -32.80
O MSE B 281 -8.46 8.48 -32.15
CB MSE B 281 -9.85 5.55 -32.31
CG MSE B 281 -10.58 4.54 -31.46
SE MSE B 281 -10.59 4.99 -29.57
CE MSE B 281 -8.70 5.12 -29.28
N VAL B 282 -9.59 8.22 -34.08
CA VAL B 282 -8.75 9.15 -34.83
C VAL B 282 -8.97 10.57 -34.35
N LEU B 283 -10.23 10.99 -34.32
CA LEU B 283 -10.58 12.34 -33.89
C LEU B 283 -10.18 12.57 -32.45
N ALA B 284 -10.36 11.55 -31.61
CA ALA B 284 -10.00 11.63 -30.20
C ALA B 284 -8.49 11.71 -30.06
N ALA B 285 -7.78 11.10 -31.01
CA ALA B 285 -6.32 11.11 -31.02
C ALA B 285 -5.83 12.49 -31.44
N LEU B 286 -6.56 13.13 -32.34
CA LEU B 286 -6.20 14.45 -32.81
C LEU B 286 -6.26 15.46 -31.67
N LEU B 287 -7.40 15.49 -30.97
CA LEU B 287 -7.59 16.39 -29.85
C LEU B 287 -6.52 16.16 -28.77
N ALA B 288 -6.32 14.90 -28.41
CA ALA B 288 -5.35 14.54 -27.38
C ALA B 288 -3.94 14.99 -27.74
N ILE B 289 -3.52 14.69 -28.97
CA ILE B 289 -2.19 15.06 -29.44
C ILE B 289 -2.05 16.56 -29.61
N PHE B 290 -3.05 17.17 -30.25
CA PHE B 290 -3.04 18.61 -30.49
C PHE B 290 -2.78 19.39 -29.20
N VAL B 291 -3.59 19.12 -28.18
CA VAL B 291 -3.44 19.80 -26.89
C VAL B 291 -2.10 19.46 -26.25
N PHE B 292 -1.63 18.23 -26.51
CA PHE B 292 -0.38 17.75 -25.93
C PHE B 292 0.83 18.52 -26.45
N VAL B 293 0.97 18.58 -27.77
CA VAL B 293 2.12 19.25 -28.40
C VAL B 293 2.03 20.77 -28.32
N VAL B 294 0.83 21.30 -28.58
CA VAL B 294 0.62 22.74 -28.57
C VAL B 294 0.72 23.32 -27.16
N GLY B 295 -0.06 22.77 -26.24
CA GLY B 295 -0.08 23.21 -24.86
C GLY B 295 1.20 22.86 -24.12
N PRO B 296 1.16 22.96 -22.78
CA PRO B 296 2.32 22.65 -21.94
C PRO B 296 2.67 21.17 -21.99
N THR B 297 3.49 20.78 -22.96
CA THR B 297 3.87 19.38 -23.13
C THR B 297 4.51 18.82 -21.87
N VAL B 298 5.61 19.43 -21.46
CA VAL B 298 6.36 18.99 -20.29
C VAL B 298 5.45 18.82 -19.07
N SER B 299 4.64 19.84 -18.80
CA SER B 299 3.73 19.80 -17.66
C SER B 299 2.82 18.59 -17.70
N ILE B 300 2.29 18.28 -18.88
CA ILE B 300 1.42 17.12 -19.06
C ILE B 300 2.17 15.85 -18.73
N LEU B 301 3.40 15.74 -19.25
CA LEU B 301 4.23 14.57 -19.02
C LEU B 301 4.59 14.43 -17.54
N ASN B 302 4.80 15.56 -16.87
CA ASN B 302 5.12 15.56 -15.45
C ASN B 302 3.94 15.08 -14.63
N LEU B 303 2.74 15.17 -15.20
CA LEU B 303 1.52 14.76 -14.51
C LEU B 303 1.28 13.26 -14.57
N LEU B 304 1.98 12.59 -15.49
CA LEU B 304 1.85 11.14 -15.62
C LEU B 304 2.29 10.42 -14.35
N PRO B 305 3.50 10.73 -13.85
CA PRO B 305 3.94 10.11 -12.59
C PRO B 305 3.13 10.66 -11.41
N GLY B 306 2.79 11.94 -11.47
CA GLY B 306 2.04 12.59 -10.42
C GLY B 306 0.67 11.97 -10.20
N SER B 307 -0.19 12.08 -11.21
CA SER B 307 -1.54 11.56 -11.13
C SER B 307 -1.56 10.07 -10.73
N ILE B 308 -0.65 9.30 -11.32
CA ILE B 308 -0.58 7.88 -11.04
C ILE B 308 -0.12 7.62 -9.61
N GLY B 309 1.03 8.16 -9.26
CA GLY B 309 1.60 7.98 -7.94
C GLY B 309 0.67 8.47 -6.84
N ASN B 310 0.17 9.68 -7.00
CA ASN B 310 -0.74 10.28 -6.02
C ASN B 310 -2.03 9.47 -5.87
N TYR B 311 -2.49 8.88 -6.96
CA TYR B 311 -3.69 8.06 -6.95
C TYR B 311 -3.53 6.87 -6.01
N LEU B 312 -2.36 6.25 -6.04
CA LEU B 312 -2.08 5.10 -5.19
C LEU B 312 -1.95 5.54 -3.74
N SER B 313 -1.53 6.79 -3.53
CA SER B 313 -1.33 7.31 -2.20
C SER B 313 -2.64 7.64 -1.49
N ASN B 314 -3.52 8.36 -2.16
CA ASN B 314 -4.78 8.78 -1.58
C ASN B 314 -5.93 7.79 -1.79
N PHE B 315 -5.61 6.64 -2.39
CA PHE B 315 -6.65 5.65 -2.69
C PHE B 315 -7.57 5.35 -1.53
N PHE B 316 -7.01 4.75 -0.48
CA PHE B 316 -7.78 4.36 0.69
C PHE B 316 -8.32 5.56 1.46
N GLN B 317 -7.67 6.70 1.31
CA GLN B 317 -8.13 7.92 1.97
C GLN B 317 -9.41 8.40 1.29
N MSE B 318 -9.44 8.30 -0.03
CA MSE B 318 -10.59 8.70 -0.82
C MSE B 318 -11.68 7.62 -0.76
O MSE B 318 -12.87 7.90 -0.90
CB MSE B 318 -10.21 8.97 -2.27
CG MSE B 318 -9.21 10.08 -2.46
SE MSE B 318 -8.62 10.31 -4.29
CE MSE B 318 -7.76 8.62 -4.57
N ALA B 319 -11.24 6.38 -0.55
CA ALA B 319 -12.16 5.26 -0.45
C ALA B 319 -12.90 5.29 0.88
N GLY B 320 -12.31 5.95 1.87
CA GLY B 320 -12.91 6.08 3.18
C GLY B 320 -13.64 7.40 3.33
N ARG B 321 -13.69 8.17 2.23
CA ARG B 321 -14.37 9.46 2.23
C ARG B 321 -15.87 9.27 2.24
N THR B 322 -16.50 9.77 3.30
CA THR B 322 -17.95 9.66 3.45
C THR B 322 -18.57 10.98 3.85
N ALA B 323 -19.88 10.98 4.09
CA ALA B 323 -20.58 12.18 4.49
C ALA B 323 -20.38 12.46 5.98
N MSE B 324 -19.16 12.16 6.46
CA MSE B 324 -18.83 12.38 7.87
C MSE B 324 -17.45 13.01 8.01
O MSE B 324 -16.95 13.20 9.12
CB MSE B 324 -18.89 11.07 8.64
CG MSE B 324 -20.26 10.65 9.11
SE MSE B 324 -20.93 11.79 10.54
CE MSE B 324 -19.51 11.59 11.78
N SER B 325 -16.85 13.33 6.87
CA SER B 325 -15.52 13.93 6.86
C SER B 325 -15.41 15.06 5.84
N ALA B 326 -15.09 16.27 6.32
CA ALA B 326 -14.83 16.48 7.74
C ALA B 326 -16.03 17.14 8.41
N ASP B 327 -16.72 16.37 9.25
CA ASP B 327 -17.88 16.85 9.97
C ASP B 327 -19.11 17.00 9.07
N GLY B 328 -19.47 15.93 8.39
CA GLY B 328 -20.64 15.91 7.52
C GLY B 328 -20.69 17.01 6.50
N THR B 329 -19.53 17.55 6.14
CA THR B 329 -19.44 18.63 5.16
C THR B 329 -19.33 18.09 3.74
N ALA B 330 -18.78 16.89 3.61
CA ALA B 330 -18.58 16.27 2.30
C ALA B 330 -19.89 15.82 1.67
N GLY B 331 -20.94 15.75 2.48
CA GLY B 331 -22.25 15.32 2.01
C GLY B 331 -22.65 15.96 0.70
N GLU B 332 -22.56 17.28 0.65
CA GLU B 332 -22.93 18.02 -0.56
C GLU B 332 -22.00 17.72 -1.72
N TRP B 333 -20.70 17.68 -1.44
CA TRP B 333 -19.69 17.42 -2.46
C TRP B 333 -19.83 16.04 -3.07
N LEU B 334 -19.89 15.03 -2.20
CA LEU B 334 -20.01 13.64 -2.64
C LEU B 334 -21.24 13.43 -3.52
N GLY B 335 -22.37 13.96 -3.09
CA GLY B 335 -23.62 13.82 -3.82
C GLY B 335 -23.58 14.34 -5.23
N SER B 336 -22.64 15.24 -5.51
CA SER B 336 -22.53 15.84 -6.83
C SER B 336 -21.27 15.39 -7.57
N TRP B 337 -20.54 14.46 -6.97
CA TRP B 337 -19.32 13.94 -7.59
C TRP B 337 -19.19 12.43 -7.43
N THR B 338 -18.59 12.01 -6.31
CA THR B 338 -18.37 10.59 -6.04
C THR B 338 -19.66 9.78 -6.16
N ILE B 339 -20.65 10.11 -5.35
CA ILE B 339 -21.92 9.40 -5.36
C ILE B 339 -22.52 9.34 -6.75
N PHE B 340 -22.34 10.42 -7.52
CA PHE B 340 -22.87 10.49 -8.87
C PHE B 340 -22.23 9.45 -9.78
N TYR B 341 -20.92 9.55 -9.97
CA TYR B 341 -20.21 8.62 -10.86
C TYR B 341 -20.50 7.16 -10.50
N TRP B 342 -20.48 6.87 -9.21
CA TRP B 342 -20.74 5.52 -8.71
C TRP B 342 -22.05 4.97 -9.25
N ALA B 343 -23.11 5.78 -9.16
CA ALA B 343 -24.41 5.38 -9.67
C ALA B 343 -24.42 5.35 -11.19
N TRP B 344 -23.71 6.28 -11.80
CA TRP B 344 -23.64 6.38 -13.26
C TRP B 344 -22.96 5.17 -13.88
N TRP B 345 -21.98 4.59 -13.18
CA TRP B 345 -21.29 3.41 -13.68
C TRP B 345 -22.17 2.18 -13.51
N ILE B 346 -22.87 2.10 -12.38
CA ILE B 346 -23.75 0.98 -12.09
C ILE B 346 -24.87 0.88 -13.11
N SER B 347 -25.48 2.02 -13.43
CA SER B 347 -26.57 2.06 -14.39
C SER B 347 -26.06 1.77 -15.80
N TRP B 348 -24.74 1.84 -15.98
CA TRP B 348 -24.13 1.59 -17.28
C TRP B 348 -23.46 0.22 -17.33
N SER B 349 -23.40 -0.45 -16.20
CA SER B 349 -22.75 -1.76 -16.11
C SER B 349 -23.33 -2.82 -17.04
N PRO B 350 -24.66 -2.86 -17.20
CA PRO B 350 -25.24 -3.86 -18.09
C PRO B 350 -24.70 -3.76 -19.50
N PHE B 351 -24.62 -2.54 -20.02
CA PHE B 351 -24.12 -2.30 -21.37
C PHE B 351 -22.65 -2.69 -21.51
N VAL B 352 -21.81 -2.07 -20.69
CA VAL B 352 -20.36 -2.34 -20.73
C VAL B 352 -20.08 -3.81 -20.48
N GLY B 353 -20.91 -4.44 -19.64
CA GLY B 353 -20.76 -5.84 -19.33
C GLY B 353 -21.02 -6.71 -20.55
N MSE B 354 -22.10 -6.40 -21.27
CA MSE B 354 -22.46 -7.13 -22.48
C MSE B 354 -21.38 -6.94 -23.53
O MSE B 354 -21.12 -7.85 -24.34
CB MSE B 354 -23.80 -6.65 -23.00
CG MSE B 354 -25.01 -7.16 -22.25
SE MSE B 354 -25.80 -8.73 -23.06
CE MSE B 354 -24.31 -9.93 -22.99
N PHE B 355 -20.76 -5.76 -23.54
CA PHE B 355 -19.72 -5.46 -24.51
C PHE B 355 -18.44 -6.24 -24.23
N LEU B 356 -17.86 -6.02 -23.05
CA LEU B 356 -16.62 -6.69 -22.67
C LEU B 356 -16.72 -8.20 -22.78
N ALA B 357 -17.93 -8.73 -22.57
CA ALA B 357 -18.14 -10.17 -22.65
C ALA B 357 -17.90 -10.71 -24.05
N ARG B 358 -18.50 -10.07 -25.04
CA ARG B 358 -18.36 -10.49 -26.43
C ARG B 358 -16.94 -10.30 -26.95
N ILE B 359 -16.29 -9.24 -26.48
CA ILE B 359 -14.93 -8.93 -26.90
C ILE B 359 -13.92 -9.91 -26.33
N SER B 360 -14.25 -10.49 -25.18
CA SER B 360 -13.35 -11.41 -24.51
C SER B 360 -13.80 -12.86 -24.64
N ARG B 361 -13.98 -13.32 -25.86
CA ARG B 361 -14.42 -14.69 -26.11
C ARG B 361 -13.31 -15.69 -25.82
N GLY B 362 -13.60 -16.64 -24.92
CA GLY B 362 -12.66 -17.69 -24.56
C GLY B 362 -11.33 -17.15 -24.06
N ARG B 363 -11.38 -16.07 -23.30
CA ARG B 363 -10.17 -15.46 -22.76
C ARG B 363 -10.10 -15.63 -21.25
N SER B 364 -8.95 -16.09 -20.76
CA SER B 364 -8.74 -16.34 -19.34
C SER B 364 -9.34 -15.26 -18.44
N ILE B 365 -9.99 -15.68 -17.37
CA ILE B 365 -10.60 -14.75 -16.42
C ILE B 365 -9.57 -13.76 -15.88
N ARG B 366 -8.38 -14.25 -15.60
CA ARG B 366 -7.32 -13.42 -15.05
C ARG B 366 -6.90 -12.32 -16.03
N GLU B 367 -6.62 -12.70 -17.27
CA GLU B 367 -6.22 -11.73 -18.28
C GLU B 367 -7.38 -10.84 -18.68
N PHE B 368 -8.60 -11.30 -18.43
CA PHE B 368 -9.79 -10.51 -18.73
C PHE B 368 -9.92 -9.39 -17.71
N ILE B 369 -9.91 -9.75 -16.43
CA ILE B 369 -10.01 -8.77 -15.34
C ILE B 369 -8.80 -7.85 -15.34
N LEU B 370 -7.61 -8.43 -15.37
CA LEU B 370 -6.37 -7.67 -15.35
C LEU B 370 -6.26 -6.77 -16.57
N GLY B 371 -6.98 -7.11 -17.64
CA GLY B 371 -6.94 -6.32 -18.86
C GLY B 371 -8.00 -5.23 -18.88
N VAL B 372 -9.07 -5.43 -18.11
CA VAL B 372 -10.16 -4.46 -18.05
C VAL B 372 -9.85 -3.34 -17.07
N LEU B 373 -8.99 -3.62 -16.10
CA LEU B 373 -8.64 -2.65 -15.08
C LEU B 373 -7.40 -1.85 -15.42
N LEU B 374 -6.56 -2.40 -16.30
CA LEU B 374 -5.32 -1.74 -16.65
C LEU B 374 -5.38 -0.93 -17.94
N VAL B 375 -5.91 -1.54 -18.99
CA VAL B 375 -5.98 -0.89 -20.30
C VAL B 375 -6.79 0.41 -20.29
N PRO B 376 -8.07 0.33 -19.90
CA PRO B 376 -8.91 1.53 -19.89
C PRO B 376 -8.40 2.59 -18.91
N ALA B 377 -7.97 2.15 -17.73
CA ALA B 377 -7.46 3.06 -16.72
C ALA B 377 -6.23 3.80 -17.22
N GLY B 378 -5.61 3.28 -18.27
CA GLY B 378 -4.44 3.90 -18.85
C GLY B 378 -4.83 5.09 -19.70
N VAL B 379 -5.92 4.95 -20.43
CA VAL B 379 -6.43 6.04 -21.27
C VAL B 379 -6.90 7.20 -20.42
N SER B 380 -7.68 6.88 -19.38
CA SER B 380 -8.23 7.89 -18.48
C SER B 380 -7.12 8.71 -17.83
N THR B 381 -5.97 8.07 -17.59
CA THR B 381 -4.84 8.74 -16.98
C THR B 381 -4.25 9.77 -17.93
N VAL B 382 -4.02 9.36 -19.17
CA VAL B 382 -3.44 10.25 -20.18
C VAL B 382 -4.40 11.35 -20.59
N TRP B 383 -5.66 10.99 -20.78
CA TRP B 383 -6.69 11.94 -21.20
C TRP B 383 -6.86 13.09 -20.20
N PHE B 384 -6.90 12.75 -18.92
CA PHE B 384 -7.08 13.75 -17.88
C PHE B 384 -5.80 14.57 -17.64
N SER B 385 -4.65 13.96 -17.91
CA SER B 385 -3.37 14.64 -17.73
C SER B 385 -3.12 15.64 -18.85
N ILE B 386 -3.86 15.48 -19.95
CA ILE B 386 -3.71 16.38 -21.09
C ILE B 386 -4.68 17.55 -20.99
N PHE B 387 -5.97 17.25 -21.05
CA PHE B 387 -7.01 18.28 -20.97
C PHE B 387 -7.12 18.85 -19.57
N GLY B 388 -7.42 18.00 -18.60
CA GLY B 388 -7.53 18.40 -17.22
C GLY B 388 -6.20 18.89 -16.67
N GLY B 389 -5.13 18.63 -17.42
CA GLY B 389 -3.79 19.03 -17.03
C GLY B 389 -3.51 20.46 -17.46
N THR B 390 -3.65 20.72 -18.75
CA THR B 390 -3.41 22.06 -19.30
C THR B 390 -4.39 23.06 -18.70
N ALA B 391 -5.62 22.60 -18.49
CA ALA B 391 -6.66 23.45 -17.91
C ALA B 391 -6.21 23.98 -16.56
N ILE B 392 -5.39 23.20 -15.85
CA ILE B 392 -4.85 23.60 -14.56
C ILE B 392 -3.62 24.49 -14.76
N VAL B 393 -2.83 24.17 -15.79
CA VAL B 393 -1.64 24.96 -16.11
C VAL B 393 -2.05 26.38 -16.47
N PHE B 394 -3.17 26.52 -17.18
CA PHE B 394 -3.69 27.83 -17.54
C PHE B 394 -4.21 28.54 -16.30
N GLU B 395 -4.88 27.79 -15.43
CA GLU B 395 -5.41 28.32 -14.19
C GLU B 395 -4.27 28.87 -13.33
N GLN B 396 -3.08 28.29 -13.49
CA GLN B 396 -1.92 28.73 -12.75
C GLN B 396 -1.31 29.97 -13.36
N ASN B 397 -1.30 30.04 -14.68
CA ASN B 397 -0.70 31.16 -15.39
C ASN B 397 -1.61 32.36 -15.59
N GLY B 398 -2.84 32.27 -15.08
CA GLY B 398 -3.77 33.38 -15.16
C GLY B 398 -4.86 33.23 -16.21
N GLU B 399 -4.56 32.53 -17.30
CA GLU B 399 -5.52 32.34 -18.37
C GLU B 399 -6.57 31.31 -18.01
N SER B 400 -7.30 31.56 -16.92
CA SER B 400 -8.33 30.65 -16.46
C SER B 400 -9.36 30.33 -17.54
N ILE B 401 -9.43 29.06 -17.93
CA ILE B 401 -10.39 28.61 -18.93
C ILE B 401 -11.79 28.57 -18.34
N TRP B 402 -11.87 28.66 -17.02
CA TRP B 402 -13.14 28.61 -16.31
C TRP B 402 -14.16 29.53 -16.95
N GLY B 403 -15.07 28.94 -17.73
CA GLY B 403 -16.10 29.68 -18.44
C GLY B 403 -17.26 30.06 -17.53
N ASP B 404 -16.99 30.96 -16.57
CA ASP B 404 -18.00 31.43 -15.63
C ASP B 404 -18.92 30.32 -15.10
N GLY B 405 -18.38 29.12 -14.93
CA GLY B 405 -19.13 27.99 -14.40
C GLY B 405 -19.55 26.98 -15.45
N ALA B 406 -19.95 27.47 -16.62
CA ALA B 406 -20.39 26.60 -17.71
C ALA B 406 -19.38 25.49 -18.00
N ALA B 407 -19.70 24.27 -17.59
CA ALA B 407 -18.81 23.13 -17.78
C ALA B 407 -18.62 22.75 -19.24
N GLU B 408 -19.68 22.90 -20.02
CA GLU B 408 -19.63 22.55 -21.43
C GLU B 408 -18.77 23.52 -22.25
N GLU B 409 -18.79 24.79 -21.85
CA GLU B 409 -18.04 25.82 -22.56
C GLU B 409 -16.57 25.83 -22.20
N GLN B 410 -16.18 24.96 -21.27
CA GLN B 410 -14.80 24.92 -20.80
C GLN B 410 -13.88 24.10 -21.71
N LEU B 411 -14.43 23.06 -22.33
CA LEU B 411 -13.65 22.23 -23.24
C LEU B 411 -13.25 23.06 -24.47
N PHE B 412 -14.22 23.77 -25.02
CA PHE B 412 -13.97 24.60 -26.20
C PHE B 412 -13.12 25.80 -25.83
N GLY B 413 -13.28 26.29 -24.61
CA GLY B 413 -12.49 27.41 -24.12
C GLY B 413 -11.04 27.02 -24.02
N LEU B 414 -10.79 25.76 -23.68
CA LEU B 414 -9.43 25.23 -23.57
C LEU B 414 -8.80 25.13 -24.95
N LEU B 415 -9.64 24.94 -25.96
CA LEU B 415 -9.17 24.81 -27.34
C LEU B 415 -8.90 26.19 -27.95
N HIS B 416 -9.87 27.10 -27.81
CA HIS B 416 -9.75 28.43 -28.36
C HIS B 416 -8.56 29.18 -27.77
N ALA B 417 -8.07 28.71 -26.62
CA ALA B 417 -6.92 29.33 -25.97
C ALA B 417 -5.62 28.86 -26.62
N LEU B 418 -5.72 27.85 -27.47
CA LEU B 418 -4.56 27.31 -28.17
C LEU B 418 -4.62 27.62 -29.65
N PRO B 419 -3.45 27.81 -30.28
CA PRO B 419 -3.36 28.10 -31.71
C PRO B 419 -4.09 27.05 -32.55
N GLY B 420 -5.14 27.48 -33.25
CA GLY B 420 -5.93 26.58 -34.07
C GLY B 420 -7.09 26.01 -33.29
N GLY B 421 -7.54 26.73 -32.27
CA GLY B 421 -8.64 26.30 -31.43
C GLY B 421 -9.96 26.29 -32.15
N GLN B 422 -10.18 27.30 -33.00
CA GLN B 422 -11.43 27.40 -33.75
C GLN B 422 -11.62 26.18 -34.65
N ILE B 423 -10.49 25.62 -35.12
CA ILE B 423 -10.52 24.44 -35.97
C ILE B 423 -10.85 23.19 -35.16
N MSE B 424 -10.02 22.92 -34.16
CA MSE B 424 -10.19 21.75 -33.31
C MSE B 424 -11.52 21.78 -32.58
O MSE B 424 -12.07 20.74 -32.20
CB MSE B 424 -9.05 21.63 -32.33
CG MSE B 424 -7.67 21.56 -32.97
SE MSE B 424 -7.47 20.06 -34.19
CE MSE B 424 -7.64 18.62 -32.94
N GLY B 425 -12.05 22.99 -32.39
CA GLY B 425 -13.33 23.16 -31.72
C GLY B 425 -14.44 22.51 -32.52
N ILE B 426 -14.33 22.59 -33.84
CA ILE B 426 -15.31 21.98 -34.73
C ILE B 426 -15.09 20.48 -34.79
N ILE B 427 -13.83 20.08 -34.83
CA ILE B 427 -13.48 18.66 -34.87
C ILE B 427 -13.99 17.95 -33.63
N ALA B 428 -13.76 18.56 -32.48
CA ALA B 428 -14.21 18.00 -31.20
C ALA B 428 -15.73 17.98 -31.17
N MSE B 429 -16.35 18.96 -31.82
CA MSE B 429 -17.80 19.05 -31.87
C MSE B 429 -18.38 17.92 -32.71
O MSE B 429 -19.39 17.33 -32.35
CB MSE B 429 -18.22 20.39 -32.44
CG MSE B 429 -19.65 20.79 -32.14
SE MSE B 429 -20.09 22.53 -32.83
CE MSE B 429 -18.52 23.51 -32.31
N ILE B 430 -17.73 17.63 -33.83
CA ILE B 430 -18.16 16.55 -34.72
C ILE B 430 -17.96 15.21 -34.02
N LEU B 431 -16.83 15.10 -33.32
CA LEU B 431 -16.52 13.88 -32.60
C LEU B 431 -17.61 13.54 -31.60
N LEU B 432 -18.25 14.58 -31.06
CA LEU B 432 -19.34 14.39 -30.11
C LEU B 432 -20.57 13.81 -30.81
N GLY B 433 -20.84 14.31 -32.01
CA GLY B 433 -21.96 13.84 -32.79
C GLY B 433 -21.81 12.37 -33.15
N THR B 434 -20.58 11.96 -33.44
CA THR B 434 -20.28 10.58 -33.77
C THR B 434 -20.41 9.70 -32.53
N PHE B 435 -19.96 10.22 -31.40
CA PHE B 435 -20.06 9.50 -30.13
C PHE B 435 -21.53 9.30 -29.77
N PHE B 436 -22.34 10.33 -29.99
CA PHE B 436 -23.76 10.27 -29.69
C PHE B 436 -24.43 9.13 -30.45
N ILE B 437 -23.96 8.90 -31.67
CA ILE B 437 -24.51 7.84 -32.51
C ILE B 437 -24.00 6.47 -32.09
N THR B 438 -22.68 6.35 -31.92
CA THR B 438 -22.06 5.09 -31.52
C THR B 438 -22.56 4.64 -30.16
N SER B 439 -22.63 5.57 -29.21
CA SER B 439 -23.09 5.26 -27.86
C SER B 439 -24.53 4.78 -27.87
N ALA B 440 -25.38 5.48 -28.60
CA ALA B 440 -26.79 5.11 -28.70
C ALA B 440 -26.97 3.82 -29.47
N ASP B 441 -26.18 3.64 -30.53
CA ASP B 441 -26.24 2.44 -31.35
C ASP B 441 -25.86 1.20 -30.54
N SER B 442 -24.68 1.26 -29.92
CA SER B 442 -24.20 0.13 -29.13
C SER B 442 -25.12 -0.17 -27.95
N ALA B 443 -25.60 0.88 -27.28
CA ALA B 443 -26.48 0.71 -26.14
C ALA B 443 -27.81 0.10 -26.55
N SER B 444 -28.23 0.38 -27.78
CA SER B 444 -29.49 -0.13 -28.29
C SER B 444 -29.40 -1.61 -28.65
N THR B 445 -28.30 -1.99 -29.30
CA THR B 445 -28.08 -3.38 -29.69
C THR B 445 -28.03 -4.28 -28.45
N VAL B 446 -27.70 -3.69 -27.31
CA VAL B 446 -27.62 -4.42 -26.06
C VAL B 446 -29.00 -4.53 -25.42
N MSE B 447 -29.72 -3.41 -25.39
CA MSE B 447 -31.06 -3.38 -24.81
C MSE B 447 -32.01 -4.27 -25.59
O MSE B 447 -32.86 -4.96 -25.00
CB MSE B 447 -31.59 -1.95 -24.76
CG MSE B 447 -30.90 -1.05 -23.75
SE MSE B 447 -31.61 0.75 -23.71
CE MSE B 447 -31.03 1.36 -25.43
N GLY B 448 -31.87 -4.28 -26.90
CA GLY B 448 -32.70 -5.13 -27.77
C GLY B 448 -32.43 -6.59 -27.51
N THR B 449 -31.18 -6.93 -27.22
CA THR B 449 -30.79 -8.30 -26.92
C THR B 449 -31.49 -8.79 -25.66
N MSE B 450 -31.53 -7.93 -24.65
CA MSE B 450 -32.16 -8.26 -23.38
C MSE B 450 -33.67 -8.39 -23.52
O MSE B 450 -34.35 -8.94 -22.66
CB MSE B 450 -31.81 -7.22 -22.32
CG MSE B 450 -30.34 -7.06 -22.03
SE MSE B 450 -29.94 -5.62 -20.80
CE MSE B 450 -28.04 -5.86 -20.64
N SER B 451 -34.20 -7.89 -24.63
CA SER B 451 -35.63 -7.94 -24.89
C SER B 451 -35.99 -9.11 -25.80
N GLN B 452 -34.99 -9.89 -26.18
CA GLN B 452 -35.20 -11.04 -27.05
C GLN B 452 -34.58 -12.32 -26.48
N HIS B 453 -34.74 -12.50 -25.18
CA HIS B 453 -34.22 -13.69 -24.50
C HIS B 453 -32.73 -13.88 -24.73
N GLY B 454 -32.00 -12.78 -24.83
CA GLY B 454 -30.56 -12.82 -25.01
C GLY B 454 -30.13 -13.18 -26.42
N GLN B 455 -30.98 -12.85 -27.39
CA GLN B 455 -30.66 -13.13 -28.78
C GLN B 455 -29.47 -12.28 -29.24
N LEU B 456 -28.38 -12.94 -29.60
CA LEU B 456 -27.17 -12.26 -30.04
C LEU B 456 -27.39 -11.41 -31.29
N GLU B 457 -28.29 -11.86 -32.15
CA GLU B 457 -28.59 -11.15 -33.38
C GLU B 457 -29.94 -10.43 -33.31
N ALA B 458 -29.96 -9.32 -32.58
CA ALA B 458 -31.18 -8.54 -32.42
C ALA B 458 -31.60 -7.88 -33.73
N ASN B 459 -32.89 -7.60 -33.86
CA ASN B 459 -33.42 -6.95 -35.05
C ASN B 459 -33.04 -5.48 -35.10
N LYS B 460 -32.64 -5.00 -36.28
CA LYS B 460 -32.24 -3.61 -36.44
C LYS B 460 -33.43 -2.66 -36.31
N TRP B 461 -34.62 -3.23 -36.12
CA TRP B 461 -35.83 -2.43 -35.95
C TRP B 461 -36.11 -2.20 -34.47
N VAL B 462 -36.08 -3.28 -33.69
CA VAL B 462 -36.29 -3.19 -32.25
C VAL B 462 -35.12 -2.45 -31.62
N THR B 463 -33.96 -2.53 -32.25
CA THR B 463 -32.76 -1.85 -31.78
C THR B 463 -32.95 -0.34 -31.92
N ALA B 464 -33.41 0.08 -33.09
CA ALA B 464 -33.66 1.50 -33.35
C ALA B 464 -34.79 2.02 -32.47
N ALA B 465 -35.67 1.11 -32.05
CA ALA B 465 -36.79 1.46 -31.19
C ALA B 465 -36.30 2.02 -29.87
N TRP B 466 -35.31 1.35 -29.27
CA TRP B 466 -34.72 1.78 -28.02
C TRP B 466 -33.85 3.01 -28.24
N GLY B 467 -33.44 3.23 -29.49
CA GLY B 467 -32.62 4.38 -29.85
C GLY B 467 -33.32 5.68 -29.51
N VAL B 468 -34.55 5.83 -30.01
CA VAL B 468 -35.32 7.04 -29.74
C VAL B 468 -35.85 7.02 -28.31
N ALA B 469 -36.06 5.82 -27.77
CA ALA B 469 -36.56 5.67 -26.41
C ALA B 469 -35.55 6.22 -25.40
N THR B 470 -34.28 6.08 -25.73
CA THR B 470 -33.21 6.57 -24.86
C THR B 470 -33.03 8.08 -25.03
N ALA B 471 -33.07 8.53 -26.27
CA ALA B 471 -32.94 9.95 -26.58
C ALA B 471 -34.14 10.73 -26.04
N ALA B 472 -35.28 10.04 -25.94
CA ALA B 472 -36.49 10.65 -25.41
C ALA B 472 -36.26 11.05 -23.96
N ILE B 473 -35.75 10.11 -23.17
CA ILE B 473 -35.42 10.38 -21.78
C ILE B 473 -34.25 11.37 -21.72
N GLY B 474 -33.47 11.41 -22.80
CA GLY B 474 -32.35 12.32 -22.89
C GLY B 474 -32.77 13.77 -22.79
N LEU B 475 -33.64 14.19 -23.72
CA LEU B 475 -34.13 15.56 -23.73
C LEU B 475 -35.03 15.85 -22.54
N THR B 476 -35.81 14.85 -22.13
CA THR B 476 -36.72 15.00 -20.99
C THR B 476 -35.99 15.49 -19.75
N LEU B 477 -34.74 15.04 -19.59
CA LEU B 477 -33.94 15.41 -18.43
C LEU B 477 -33.27 16.77 -18.61
N LEU B 478 -33.07 17.16 -19.87
CA LEU B 478 -32.41 18.42 -20.18
C LEU B 478 -33.41 19.58 -20.21
N LEU B 479 -34.67 19.27 -20.49
CA LEU B 479 -35.71 20.29 -20.56
C LEU B 479 -36.37 20.51 -19.21
N SER B 480 -36.46 19.46 -18.41
CA SER B 480 -37.06 19.55 -17.08
C SER B 480 -36.24 20.46 -16.17
N GLY B 481 -34.92 20.46 -16.38
CA GLY B 481 -34.04 21.29 -15.59
C GLY B 481 -33.93 22.69 -16.14
N GLY B 482 -34.07 22.81 -17.47
CA GLY B 482 -33.99 24.10 -18.14
C GLY B 482 -32.59 24.68 -18.07
N ASP B 483 -32.40 25.62 -17.14
CA ASP B 483 -31.09 26.24 -16.94
C ASP B 483 -30.17 25.29 -16.18
N ASN B 484 -30.74 24.54 -15.24
CA ASN B 484 -29.98 23.57 -14.46
C ASN B 484 -30.12 22.17 -15.07
N ALA B 485 -30.04 22.10 -16.40
CA ALA B 485 -30.18 20.82 -17.11
C ALA B 485 -29.17 19.79 -16.61
N LEU B 486 -27.95 20.24 -16.36
CA LEU B 486 -26.90 19.34 -15.89
C LEU B 486 -27.21 18.83 -14.49
N SER B 487 -27.75 19.71 -13.64
CA SER B 487 -28.10 19.34 -12.27
C SER B 487 -29.15 18.25 -12.25
N ASN B 488 -30.22 18.44 -13.03
CA ASN B 488 -31.31 17.47 -13.08
C ASN B 488 -30.90 16.18 -13.79
N LEU B 489 -30.02 16.33 -14.79
CA LEU B 489 -29.55 15.17 -15.54
C LEU B 489 -28.78 14.20 -14.65
N GLN B 490 -27.87 14.74 -13.85
CA GLN B 490 -27.07 13.93 -12.94
C GLN B 490 -27.93 13.26 -11.89
N ASN B 491 -28.97 13.96 -11.44
CA ASN B 491 -29.87 13.44 -10.42
C ASN B 491 -30.66 12.22 -10.89
N VAL B 492 -31.44 12.39 -11.95
CA VAL B 492 -32.25 11.30 -12.49
C VAL B 492 -31.42 10.02 -12.68
N THR B 493 -30.14 10.20 -13.00
CA THR B 493 -29.23 9.07 -13.20
C THR B 493 -29.10 8.25 -11.93
N ILE B 494 -28.84 8.93 -10.81
CA ILE B 494 -28.66 8.28 -9.53
C ILE B 494 -29.90 7.49 -9.12
N VAL B 495 -31.05 7.94 -9.59
CA VAL B 495 -32.31 7.28 -9.26
C VAL B 495 -32.39 5.88 -9.84
N ALA B 496 -32.30 5.78 -11.16
CA ALA B 496 -32.40 4.50 -11.85
C ALA B 496 -31.30 3.51 -11.48
N ALA B 497 -30.20 4.03 -10.94
CA ALA B 497 -29.07 3.19 -10.57
C ALA B 497 -29.22 2.59 -9.18
N THR B 498 -29.93 3.30 -8.31
CA THR B 498 -30.13 2.85 -6.93
C THR B 498 -30.57 1.40 -6.83
N PRO B 499 -31.63 1.02 -7.56
CA PRO B 499 -32.12 -0.36 -7.49
C PRO B 499 -31.12 -1.35 -8.05
N PHE B 500 -30.49 -1.00 -9.16
CA PHE B 500 -29.53 -1.87 -9.82
C PHE B 500 -28.25 -2.08 -9.00
N LEU B 501 -28.03 -1.20 -8.04
CA LEU B 501 -26.86 -1.30 -7.17
C LEU B 501 -26.81 -2.65 -6.48
N PHE B 502 -27.90 -3.00 -5.81
CA PHE B 502 -27.98 -4.27 -5.09
C PHE B 502 -27.88 -5.46 -6.04
N VAL B 503 -28.28 -5.25 -7.29
CA VAL B 503 -28.21 -6.29 -8.31
C VAL B 503 -26.75 -6.69 -8.55
N VAL B 504 -25.88 -5.68 -8.62
CA VAL B 504 -24.45 -5.92 -8.83
C VAL B 504 -23.82 -6.51 -7.59
N ILE B 505 -24.35 -6.15 -6.42
CA ILE B 505 -23.86 -6.66 -5.15
C ILE B 505 -24.22 -8.14 -5.03
N GLY B 506 -25.41 -8.49 -5.50
CA GLY B 506 -25.87 -9.86 -5.49
C GLY B 506 -25.21 -10.63 -6.62
N LEU B 507 -24.94 -9.95 -7.72
CA LEU B 507 -24.27 -10.55 -8.87
C LEU B 507 -22.85 -10.94 -8.45
N MSE B 508 -22.38 -10.36 -7.36
CA MSE B 508 -21.06 -10.64 -6.84
C MSE B 508 -21.03 -12.03 -6.20
O MSE B 508 -20.02 -12.73 -6.26
CB MSE B 508 -20.66 -9.59 -5.82
CG MSE B 508 -19.32 -9.79 -5.16
SE MSE B 508 -18.81 -8.33 -3.99
CE MSE B 508 -18.74 -6.91 -5.24
N PHE B 509 -22.14 -12.42 -5.59
CA PHE B 509 -22.25 -13.73 -4.96
C PHE B 509 -22.48 -14.82 -5.99
N ALA B 510 -23.34 -14.54 -6.96
CA ALA B 510 -23.65 -15.50 -8.01
C ALA B 510 -22.40 -15.86 -8.81
N LEU B 511 -21.48 -14.90 -8.92
CA LEU B 511 -20.24 -15.12 -9.65
C LEU B 511 -19.28 -15.99 -8.85
N VAL B 512 -19.48 -16.02 -7.54
CA VAL B 512 -18.62 -16.80 -6.65
C VAL B 512 -19.07 -18.26 -6.61
N LYS B 513 -20.38 -18.48 -6.62
CA LYS B 513 -20.93 -19.84 -6.58
C LYS B 513 -20.70 -20.57 -7.90
N ASP B 514 -20.86 -19.85 -9.01
CA ASP B 514 -20.63 -20.44 -10.32
C ASP B 514 -19.19 -20.92 -10.45
N LEU B 515 -18.25 -20.09 -10.01
CA LEU B 515 -16.84 -20.42 -10.08
C LEU B 515 -16.48 -21.57 -9.15
N SER B 516 -17.05 -21.56 -7.94
CA SER B 516 -16.79 -22.60 -6.96
C SER B 516 -17.41 -23.93 -7.39
N ASN B 517 -18.28 -23.88 -8.38
CA ASN B 517 -18.96 -25.07 -8.89
C ASN B 517 -18.71 -25.24 -10.38
N ASP B 518 -17.47 -24.97 -10.81
CA ASP B 518 -17.11 -25.07 -12.21
C ASP B 518 -17.05 -26.52 -12.69
N VAL B 519 -15.97 -26.88 -13.36
CA VAL B 519 -15.81 -28.22 -13.90
C VAL B 519 -15.02 -29.14 -13.00
N ILE B 520 -13.70 -29.06 -13.06
CA ILE B 520 -12.83 -29.92 -12.27
C ILE B 520 -12.89 -29.57 -10.79
N TYR B 521 -13.08 -28.30 -10.50
CA TYR B 521 -13.11 -27.83 -9.11
C TYR B 521 -14.26 -28.43 -8.32
N LEU B 522 -15.48 -28.32 -8.86
CA LEU B 522 -16.67 -28.84 -8.18
C LEU B 522 -16.57 -30.35 -7.94
N GLU B 523 -16.30 -31.09 -8.99
CA GLU B 523 -16.19 -32.54 -8.89
C GLU B 523 -15.15 -32.99 -7.87
N TYR B 524 -14.06 -32.24 -7.80
CA TYR B 524 -12.97 -32.55 -6.87
C TYR B 524 -13.39 -32.44 -5.41
N ARG B 525 -14.20 -31.43 -5.10
CA ARG B 525 -14.68 -31.22 -3.74
C ARG B 525 -15.65 -32.32 -3.33
N GLU B 526 -16.58 -32.65 -4.23
CA GLU B 526 -17.57 -33.68 -3.97
C GLU B 526 -16.90 -35.04 -3.78
N GLN B 527 -15.80 -35.25 -4.52
CA GLN B 527 -15.05 -36.50 -4.42
C GLN B 527 -14.29 -36.55 -3.10
N GLN B 528 -14.12 -35.38 -2.49
CA GLN B 528 -13.43 -35.27 -1.21
C GLN B 528 -14.44 -35.21 -0.06
N ARG B 529 -15.71 -35.04 -0.42
CA ARG B 529 -16.78 -34.98 0.57
C ARG B 529 -17.06 -36.34 1.19
N SER C 28 44.63 -7.36 -25.01
CA SER C 28 43.41 -7.25 -25.79
C SER C 28 42.58 -6.05 -25.35
N LEU C 29 43.06 -4.85 -25.65
CA LEU C 29 42.37 -3.62 -25.28
C LEU C 29 41.41 -3.17 -26.37
N ASN C 30 40.14 -3.03 -26.01
CA ASN C 30 39.12 -2.57 -26.96
C ASN C 30 39.17 -1.06 -27.10
N TRP C 31 40.04 -0.57 -27.98
CA TRP C 31 40.21 0.86 -28.20
C TRP C 31 38.98 1.52 -28.82
N SER C 32 38.09 0.71 -29.35
CA SER C 32 36.87 1.22 -29.96
C SER C 32 36.03 1.97 -28.92
N VAL C 33 36.19 1.58 -27.66
CA VAL C 33 35.47 2.21 -26.55
C VAL C 33 36.36 3.19 -25.83
N ILE C 34 37.63 2.83 -25.68
CA ILE C 34 38.61 3.66 -24.97
C ILE C 34 38.76 5.04 -25.59
N VAL C 35 38.96 5.07 -26.90
CA VAL C 35 39.18 6.33 -27.61
C VAL C 35 38.06 7.35 -27.38
N PRO C 36 36.83 7.01 -27.78
CA PRO C 36 35.72 7.96 -27.61
C PRO C 36 35.52 8.33 -26.14
N ALA C 37 35.84 7.40 -25.25
CA ALA C 37 35.69 7.63 -23.82
C ALA C 37 36.66 8.71 -23.33
N LEU C 38 37.94 8.49 -23.56
CA LEU C 38 38.97 9.44 -23.15
C LEU C 38 38.83 10.77 -23.88
N VAL C 39 38.30 10.72 -25.10
CA VAL C 39 38.09 11.92 -25.90
C VAL C 39 37.10 12.85 -25.19
N ILE C 40 35.99 12.28 -24.73
CA ILE C 40 34.97 13.05 -24.03
C ILE C 40 35.41 13.39 -22.62
N VAL C 41 36.17 12.48 -22.01
CA VAL C 41 36.68 12.68 -20.66
C VAL C 41 37.63 13.87 -20.61
N LEU C 42 38.70 13.79 -21.41
CA LEU C 42 39.70 14.85 -21.46
C LEU C 42 39.10 16.15 -21.97
N ALA C 43 38.09 16.04 -22.82
CA ALA C 43 37.41 17.21 -23.37
C ALA C 43 36.87 18.08 -22.24
N THR C 44 36.04 17.48 -21.39
CA THR C 44 35.44 18.18 -20.26
C THR C 44 36.52 18.67 -19.29
N VAL C 45 37.60 17.91 -19.20
CA VAL C 45 38.71 18.25 -18.31
C VAL C 45 39.33 19.59 -18.71
N VAL C 46 39.81 19.67 -19.93
CA VAL C 46 40.44 20.89 -20.44
C VAL C 46 39.42 22.01 -20.59
N TRP C 47 38.26 21.68 -21.14
CA TRP C 47 37.21 22.65 -21.38
C TRP C 47 36.61 23.16 -20.07
N GLY C 48 37.11 22.65 -18.94
CA GLY C 48 36.59 23.04 -17.65
C GLY C 48 37.65 23.55 -16.69
N ILE C 49 38.80 22.87 -16.66
CA ILE C 49 39.89 23.23 -15.76
C ILE C 49 40.42 24.63 -16.05
N GLY C 50 40.34 25.04 -17.30
CA GLY C 50 40.81 26.35 -17.70
C GLY C 50 40.23 26.79 -19.03
N PHE C 51 40.82 27.81 -19.63
CA PHE C 51 40.35 28.35 -20.91
C PHE C 51 38.87 28.69 -20.85
N LYS C 52 38.04 27.80 -21.37
CA LYS C 52 36.59 28.01 -21.36
C LYS C 52 36.02 27.63 -20.00
N ASP C 53 36.50 28.27 -18.94
CA ASP C 53 36.05 27.99 -17.59
C ASP C 53 34.60 28.43 -17.37
N SER C 54 34.33 29.70 -17.65
CA SER C 54 32.99 30.24 -17.47
C SER C 54 32.00 29.60 -18.43
N PHE C 55 32.52 28.95 -19.46
CA PHE C 55 31.67 28.28 -20.45
C PHE C 55 31.13 26.96 -19.91
N THR C 56 31.89 26.34 -19.01
CA THR C 56 31.47 25.09 -18.37
C THR C 56 30.27 25.37 -17.49
N ASN C 57 30.32 26.49 -16.76
CA ASN C 57 29.23 26.89 -15.88
C ASN C 57 28.02 27.33 -16.71
N PHE C 58 28.23 27.57 -17.99
CA PHE C 58 27.14 27.93 -18.90
C PHE C 58 26.40 26.67 -19.33
N ALA C 59 27.13 25.56 -19.40
CA ALA C 59 26.54 24.27 -19.76
C ALA C 59 25.69 23.76 -18.60
N SER C 60 26.05 24.17 -17.38
CA SER C 60 25.30 23.78 -16.20
C SER C 60 23.98 24.55 -16.14
N SER C 61 23.96 25.72 -16.78
CA SER C 61 22.75 26.53 -16.84
C SER C 61 21.81 25.97 -17.91
N ALA C 62 22.38 25.58 -19.04
CA ALA C 62 21.61 24.97 -20.11
C ALA C 62 21.25 23.54 -19.72
N LEU C 63 21.83 23.08 -18.61
CA LEU C 63 21.55 21.74 -18.10
C LEU C 63 20.21 21.71 -17.38
N SER C 64 19.82 22.85 -16.81
CA SER C 64 18.54 22.95 -16.11
C SER C 64 17.39 22.66 -17.07
N ALA C 65 17.71 22.52 -18.34
CA ALA C 65 16.71 22.22 -19.36
C ALA C 65 16.36 20.74 -19.37
N VAL C 66 17.35 19.90 -19.04
CA VAL C 66 17.13 18.47 -18.99
C VAL C 66 16.29 18.09 -17.79
N VAL C 67 16.37 18.91 -16.75
CA VAL C 67 15.58 18.69 -15.53
C VAL C 67 14.14 19.08 -15.80
N ASP C 68 13.95 20.02 -16.72
CA ASP C 68 12.61 20.47 -17.09
C ASP C 68 11.98 19.50 -18.09
N ASN C 69 12.76 19.09 -19.08
CA ASN C 69 12.27 18.19 -20.12
C ASN C 69 12.18 16.73 -19.67
N LEU C 70 13.33 16.12 -19.41
CA LEU C 70 13.37 14.73 -19.00
C LEU C 70 13.15 14.56 -17.50
N GLY C 71 12.58 15.59 -16.86
CA GLY C 71 12.31 15.56 -15.44
C GLY C 71 11.35 14.43 -15.09
N TRP C 72 10.28 14.33 -15.86
CA TRP C 72 9.28 13.29 -15.63
C TRP C 72 9.87 11.91 -15.89
N ALA C 73 10.85 11.85 -16.78
CA ALA C 73 11.50 10.58 -17.13
C ALA C 73 12.18 9.95 -15.92
N PHE C 74 13.00 10.74 -15.23
CA PHE C 74 13.70 10.26 -14.06
C PHE C 74 12.75 9.87 -12.95
N ILE C 75 11.65 10.61 -12.81
CA ILE C 75 10.66 10.37 -11.77
C ILE C 75 9.73 9.21 -12.08
N LEU C 76 9.18 9.21 -13.29
CA LEU C 76 8.26 8.16 -13.70
C LEU C 76 8.92 6.80 -13.67
N PHE C 77 9.97 6.63 -14.47
CA PHE C 77 10.68 5.36 -14.54
C PHE C 77 11.40 5.05 -13.24
N GLY C 78 11.85 6.10 -12.55
CA GLY C 78 12.56 5.95 -11.29
C GLY C 78 11.85 5.00 -10.34
N THR C 79 10.52 5.08 -10.35
CA THR C 79 9.69 4.21 -9.51
C THR C 79 9.43 2.90 -10.24
N VAL C 80 9.40 2.95 -11.56
CA VAL C 80 9.17 1.77 -12.38
C VAL C 80 10.24 0.72 -12.09
N PHE C 81 11.46 1.17 -11.87
CA PHE C 81 12.57 0.26 -11.57
C PHE C 81 12.23 -0.56 -10.33
N VAL C 82 11.60 0.08 -9.36
CA VAL C 82 11.21 -0.56 -8.10
C VAL C 82 10.15 -1.62 -8.32
N PHE C 83 9.10 -1.27 -9.06
CA PHE C 83 8.04 -2.22 -9.35
C PHE C 83 8.53 -3.34 -10.24
N PHE C 84 9.28 -2.99 -11.28
CA PHE C 84 9.80 -3.97 -12.23
C PHE C 84 10.71 -5.00 -11.57
N ILE C 85 11.58 -4.55 -10.68
CA ILE C 85 12.52 -5.44 -10.01
C ILE C 85 11.85 -6.29 -8.96
N VAL C 86 10.70 -5.84 -8.46
CA VAL C 86 9.94 -6.57 -7.46
C VAL C 86 9.04 -7.61 -8.13
N VAL C 87 8.47 -7.26 -9.27
CA VAL C 87 7.62 -8.17 -10.02
C VAL C 87 8.43 -9.37 -10.50
N ILE C 88 9.64 -9.13 -11.00
CA ILE C 88 10.49 -10.20 -11.47
C ILE C 88 10.88 -11.12 -10.32
N ALA C 89 11.30 -10.52 -9.21
CA ALA C 89 11.70 -11.27 -8.03
C ALA C 89 10.55 -12.12 -7.51
N ALA C 90 9.33 -11.65 -7.69
CA ALA C 90 8.14 -12.35 -7.22
C ALA C 90 7.67 -13.40 -8.23
N SER C 91 7.92 -13.13 -9.51
CA SER C 91 7.49 -14.04 -10.57
C SER C 91 8.30 -15.33 -10.58
N LYS C 92 7.99 -16.20 -11.53
CA LYS C 92 8.66 -17.49 -11.64
C LYS C 92 10.12 -17.34 -12.00
N PHE C 93 10.49 -16.18 -12.53
CA PHE C 93 11.87 -15.93 -12.90
C PHE C 93 12.77 -15.94 -11.66
N GLY C 94 12.20 -15.69 -10.49
CA GLY C 94 12.94 -15.64 -9.25
C GLY C 94 13.61 -16.94 -8.90
N THR C 95 12.98 -18.05 -9.24
CA THR C 95 13.52 -19.38 -8.93
C THR C 95 14.77 -19.70 -9.74
N ILE C 96 14.94 -19.00 -10.85
CA ILE C 96 16.09 -19.21 -11.73
C ILE C 96 17.40 -18.94 -11.04
N ARG C 97 18.37 -19.84 -11.23
CA ARG C 97 19.70 -19.68 -10.65
C ARG C 97 20.58 -18.85 -11.57
N LEU C 98 21.44 -18.02 -10.98
CA LEU C 98 22.34 -17.16 -11.75
C LEU C 98 23.60 -17.91 -12.17
N GLY C 99 23.43 -18.86 -13.10
CA GLY C 99 24.53 -19.66 -13.61
C GLY C 99 24.05 -20.99 -14.11
N ARG C 100 24.78 -22.05 -13.75
CA ARG C 100 24.42 -23.40 -14.15
C ARG C 100 23.11 -23.81 -13.48
N ILE C 101 22.34 -24.68 -14.15
CA ILE C 101 21.07 -25.14 -13.60
C ILE C 101 21.25 -25.75 -12.21
N ASP C 102 20.53 -25.21 -11.24
CA ASP C 102 20.61 -25.69 -9.86
C ASP C 102 22.03 -25.60 -9.34
N GLU C 103 22.62 -24.41 -9.42
CA GLU C 103 23.98 -24.19 -8.93
C GLU C 103 23.95 -23.53 -7.55
N ALA C 104 24.81 -24.02 -6.65
CA ALA C 104 24.88 -23.47 -5.31
C ALA C 104 25.85 -22.29 -5.26
N PRO C 105 25.47 -21.22 -4.55
CA PRO C 105 26.28 -20.01 -4.43
C PRO C 105 27.65 -20.33 -3.85
N GLU C 106 28.66 -19.57 -4.27
CA GLU C 106 30.02 -19.77 -3.81
C GLU C 106 30.19 -19.33 -2.34
N PHE C 107 29.96 -18.05 -2.09
CA PHE C 107 30.09 -17.49 -0.75
C PHE C 107 28.91 -17.88 0.13
N ARG C 108 29.14 -17.90 1.44
CA ARG C 108 28.09 -18.23 2.40
C ARG C 108 26.98 -17.18 2.38
N THR C 109 25.84 -17.52 2.99
CA THR C 109 24.73 -16.59 3.08
C THR C 109 25.11 -15.36 3.89
N VAL C 110 25.76 -15.60 5.02
CA VAL C 110 26.20 -14.52 5.90
C VAL C 110 27.33 -13.72 5.25
N SER C 111 28.22 -14.42 4.57
CA SER C 111 29.35 -13.78 3.90
C SER C 111 28.85 -12.88 2.77
N TRP C 112 27.82 -13.35 2.07
CA TRP C 112 27.23 -12.58 0.98
C TRP C 112 26.59 -11.30 1.51
N ILE C 113 25.93 -11.40 2.65
CA ILE C 113 25.29 -10.25 3.30
C ILE C 113 26.35 -9.26 3.77
N SER C 114 27.48 -9.78 4.24
CA SER C 114 28.57 -8.95 4.72
C SER C 114 29.16 -8.11 3.58
N MSE C 115 29.28 -8.73 2.40
CA MSE C 115 29.80 -8.04 1.24
C MSE C 115 28.76 -7.05 0.72
O MSE C 115 29.06 -6.17 -0.10
CB MSE C 115 30.20 -9.04 0.17
CG MSE C 115 31.09 -10.16 0.63
SE MSE C 115 31.71 -11.36 -0.77
CE MSE C 115 33.01 -10.20 -1.56
N MSE C 116 27.53 -7.19 1.20
CA MSE C 116 26.45 -6.29 0.83
C MSE C 116 26.59 -4.98 1.59
O MSE C 116 26.28 -3.91 1.06
CB MSE C 116 25.10 -6.94 1.11
CG MSE C 116 24.69 -8.07 0.18
SE MSE C 116 23.47 -7.54 -1.22
CE MSE C 116 24.46 -6.06 -1.89
N PHE C 117 27.06 -5.06 2.83
CA PHE C 117 27.29 -3.87 3.65
C PHE C 117 28.45 -3.05 3.10
N ALA C 118 29.42 -3.73 2.52
CA ALA C 118 30.58 -3.07 1.93
C ALA C 118 30.14 -2.10 0.83
N ALA C 119 29.03 -2.43 0.17
CA ALA C 119 28.48 -1.60 -0.89
C ALA C 119 27.56 -0.53 -0.29
N GLY C 120 26.97 -0.85 0.86
CA GLY C 120 26.07 0.05 1.56
C GLY C 120 26.79 1.28 2.07
N MSE C 121 28.06 1.10 2.46
CA MSE C 121 28.88 2.21 2.95
C MSE C 121 29.63 2.88 1.81
O MSE C 121 30.21 2.21 0.94
CB MSE C 121 29.86 1.72 4.00
CG MSE C 121 29.25 1.49 5.36
SE MSE C 121 28.62 3.13 6.21
CE MSE C 121 28.10 2.32 7.86
N GLY C 122 29.63 4.21 1.81
CA GLY C 122 30.29 4.99 0.79
C GLY C 122 30.49 6.43 1.18
N ILE C 123 31.13 7.20 0.31
CA ILE C 123 31.39 8.61 0.57
C ILE C 123 30.08 9.38 0.65
N GLY C 124 29.05 8.87 -0.02
CA GLY C 124 27.75 9.52 -0.05
C GLY C 124 27.13 9.66 1.33
N LEU C 125 27.03 8.55 2.05
CA LEU C 125 26.44 8.57 3.39
C LEU C 125 27.20 9.48 4.33
N MSE C 126 28.52 9.56 4.13
CA MSE C 126 29.36 10.43 4.97
C MSE C 126 29.05 11.89 4.69
O MSE C 126 29.14 12.74 5.58
CB MSE C 126 30.83 10.15 4.68
CG MSE C 126 31.33 8.81 5.13
SE MSE C 126 31.54 8.67 7.05
CE MSE C 126 32.90 10.00 7.30
N PHE C 127 28.67 12.19 3.46
CA PHE C 127 28.39 13.56 3.04
C PHE C 127 26.99 14.03 3.40
N TYR C 128 25.98 13.40 2.81
CA TYR C 128 24.59 13.80 3.00
C TYR C 128 23.93 13.17 4.23
N GLY C 129 24.51 12.08 4.72
CA GLY C 129 23.95 11.37 5.85
C GLY C 129 23.58 12.24 7.04
N THR C 130 24.33 13.31 7.25
CA THR C 130 24.10 14.19 8.39
C THR C 130 23.40 15.49 8.02
N THR C 131 23.61 15.94 6.78
CA THR C 131 23.05 17.20 6.31
C THR C 131 21.65 17.06 5.72
N GLU C 132 21.50 16.11 4.82
CA GLU C 132 20.24 15.89 4.12
C GLU C 132 19.01 15.87 5.04
N PRO C 133 19.02 14.98 6.05
CA PRO C 133 17.87 14.91 6.96
C PRO C 133 17.66 16.21 7.73
N LEU C 134 18.74 17.00 7.86
CA LEU C 134 18.68 18.26 8.58
C LEU C 134 18.08 19.37 7.72
N THR C 135 18.53 19.46 6.48
CA THR C 135 18.04 20.48 5.55
C THR C 135 16.54 20.34 5.32
N PHE C 136 16.03 19.13 5.49
CA PHE C 136 14.60 18.87 5.30
C PHE C 136 13.81 19.21 6.55
N TYR C 137 14.49 19.20 7.70
CA TYR C 137 13.84 19.55 8.95
C TYR C 137 13.83 21.06 9.13
N ARG C 138 14.84 21.73 8.57
CA ARG C 138 14.95 23.17 8.67
C ARG C 138 14.11 23.87 7.60
N ASN C 139 14.35 23.51 6.34
CA ASN C 139 13.67 24.13 5.23
C ASN C 139 12.34 23.48 4.88
N GLY C 140 12.28 22.16 4.97
CA GLY C 140 11.07 21.43 4.64
C GLY C 140 11.04 21.04 3.16
N VAL C 141 10.14 20.12 2.82
CA VAL C 141 10.01 19.66 1.44
C VAL C 141 8.73 20.17 0.81
N PRO C 142 8.73 20.34 -0.51
CA PRO C 142 7.57 20.83 -1.25
C PRO C 142 6.29 20.07 -0.92
N GLY C 143 5.30 20.79 -0.37
CA GLY C 143 4.03 20.21 -0.02
C GLY C 143 3.94 19.75 1.42
N HIS C 144 4.83 20.24 2.26
CA HIS C 144 4.85 19.86 3.66
C HIS C 144 5.36 20.98 4.56
N ASP C 145 5.01 20.92 5.83
CA ASP C 145 5.43 21.93 6.80
C ASP C 145 6.90 21.70 7.19
N GLU C 146 7.52 22.74 7.74
CA GLU C 146 8.92 22.63 8.16
C GLU C 146 8.98 22.04 9.57
N HIS C 147 10.20 21.79 10.04
CA HIS C 147 10.40 21.20 11.36
C HIS C 147 9.57 19.93 11.54
N ASN C 148 9.49 19.14 10.47
CA ASN C 148 8.75 17.88 10.49
C ASN C 148 9.69 16.69 10.42
N VAL C 149 9.87 16.01 11.56
CA VAL C 149 10.77 14.86 11.64
C VAL C 149 10.36 13.73 10.71
N GLY C 150 9.08 13.36 10.76
CA GLY C 150 8.57 12.28 9.95
C GLY C 150 8.88 12.43 8.47
N VAL C 151 8.43 13.54 7.88
CA VAL C 151 8.66 13.81 6.47
C VAL C 151 10.14 13.95 6.15
N ALA C 152 10.89 14.50 7.11
CA ALA C 152 12.32 14.70 6.93
C ALA C 152 13.04 13.37 6.72
N MSE C 153 12.55 12.33 7.36
CA MSE C 153 13.15 11.00 7.24
C MSE C 153 12.66 10.27 6.01
O MSE C 153 13.44 9.66 5.28
CB MSE C 153 12.88 10.18 8.50
CG MSE C 153 13.44 10.78 9.77
SE MSE C 153 15.36 11.05 9.71
CE MSE C 153 15.62 11.87 11.43
N SER C 154 11.34 10.32 5.78
CA SER C 154 10.74 9.66 4.63
C SER C 154 11.40 10.07 3.32
N THR C 155 11.77 11.34 3.22
CA THR C 155 12.40 11.88 2.02
C THR C 155 13.79 11.30 1.83
N THR C 156 14.63 11.40 2.85
CA THR C 156 16.00 10.88 2.81
C THR C 156 15.96 9.39 2.52
N MSE C 157 15.01 8.69 3.16
CA MSE C 157 14.83 7.25 2.94
C MSE C 157 14.47 7.02 1.48
O MSE C 157 14.98 6.10 0.84
CB MSE C 157 13.71 6.73 3.82
CG MSE C 157 14.04 6.65 5.29
SE MSE C 157 15.08 5.10 5.75
CE MSE C 157 13.90 3.72 5.18
N PHE C 158 13.59 7.87 0.95
CA PHE C 158 13.13 7.75 -0.44
C PHE C 158 14.28 7.90 -1.43
N HIS C 159 15.38 8.46 -0.98
CA HIS C 159 16.52 8.71 -1.86
C HIS C 159 17.64 7.71 -1.72
N TRP C 160 17.68 6.98 -0.60
CA TRP C 160 18.79 6.08 -0.31
C TRP C 160 18.44 4.63 -0.04
N THR C 161 17.22 4.22 -0.39
CA THR C 161 16.77 2.85 -0.15
C THR C 161 16.41 2.09 -1.41
N LEU C 162 15.13 1.80 -1.58
CA LEU C 162 14.63 1.01 -2.69
C LEU C 162 15.02 1.55 -4.06
N HIS C 163 14.60 2.78 -4.36
CA HIS C 163 14.86 3.37 -5.66
C HIS C 163 16.29 3.20 -6.19
N PRO C 164 17.29 3.59 -5.39
CA PRO C 164 18.67 3.48 -5.84
C PRO C 164 19.06 2.03 -6.15
N TRP C 165 18.80 1.13 -5.20
CA TRP C 165 19.17 -0.27 -5.34
C TRP C 165 18.31 -1.03 -6.33
N ALA C 166 17.13 -0.50 -6.63
CA ALA C 166 16.25 -1.10 -7.62
C ALA C 166 16.89 -0.93 -8.99
N ILE C 167 17.72 0.10 -9.11
CA ILE C 167 18.44 0.38 -10.35
C ILE C 167 19.71 -0.45 -10.39
N TYR C 168 20.32 -0.65 -9.23
CA TYR C 168 21.54 -1.44 -9.13
C TYR C 168 21.21 -2.92 -9.30
N ALA C 169 20.01 -3.31 -8.90
CA ALA C 169 19.57 -4.70 -9.01
C ALA C 169 19.27 -5.06 -10.46
N ILE C 170 18.65 -4.14 -11.18
CA ILE C 170 18.31 -4.36 -12.59
C ILE C 170 19.57 -4.55 -13.41
N VAL C 171 20.54 -3.66 -13.21
CA VAL C 171 21.81 -3.73 -13.91
C VAL C 171 22.62 -4.93 -13.41
N GLY C 172 22.68 -5.07 -12.10
CA GLY C 172 23.41 -6.16 -11.46
C GLY C 172 22.87 -7.52 -11.88
N LEU C 173 21.58 -7.58 -12.19
CA LEU C 173 20.95 -8.83 -12.61
C LEU C 173 21.14 -9.04 -14.10
N ALA C 174 21.07 -7.94 -14.85
CA ALA C 174 21.24 -8.00 -16.30
C ALA C 174 22.59 -8.59 -16.64
N ILE C 175 23.60 -8.26 -15.85
CA ILE C 175 24.95 -8.79 -16.04
C ILE C 175 25.06 -10.19 -15.46
N ALA C 176 24.76 -10.31 -14.17
CA ALA C 176 24.85 -11.59 -13.47
C ALA C 176 24.11 -12.72 -14.18
N TYR C 177 23.22 -12.38 -15.10
CA TYR C 177 22.48 -13.38 -15.85
C TYR C 177 23.11 -13.65 -17.19
N SER C 178 23.43 -12.58 -17.92
CA SER C 178 24.01 -12.70 -19.25
C SER C 178 25.41 -13.31 -19.26
N THR C 179 26.15 -13.13 -18.16
CA THR C 179 27.52 -13.63 -18.08
C THR C 179 27.64 -14.94 -17.33
N PHE C 180 26.67 -15.21 -16.46
CA PHE C 180 26.68 -16.43 -15.66
C PHE C 180 25.77 -17.49 -16.27
N ARG C 181 24.50 -17.13 -16.44
CA ARG C 181 23.51 -18.05 -17.00
C ARG C 181 23.78 -18.35 -18.47
N VAL C 182 23.55 -17.36 -19.32
CA VAL C 182 23.75 -17.50 -20.76
C VAL C 182 25.19 -17.81 -21.10
N GLY C 183 26.12 -17.13 -20.44
CA GLY C 183 27.54 -17.32 -20.66
C GLY C 183 28.11 -16.39 -21.72
N ARG C 184 27.85 -15.10 -21.55
CA ARG C 184 28.35 -14.08 -22.47
C ARG C 184 29.44 -13.24 -21.81
N LYS C 185 30.02 -12.34 -22.59
CA LYS C 185 31.08 -11.47 -22.10
C LYS C 185 30.55 -10.50 -21.05
N GLN C 186 31.41 -10.10 -20.12
CA GLN C 186 31.02 -9.16 -19.07
C GLN C 186 30.98 -7.71 -19.57
N LEU C 187 30.11 -7.47 -20.55
CA LEU C 187 29.92 -6.13 -21.08
C LEU C 187 28.45 -5.80 -21.05
N LEU C 188 28.13 -4.55 -20.71
CA LEU C 188 26.73 -4.12 -20.63
C LEU C 188 26.03 -4.36 -21.96
N SER C 189 26.79 -4.29 -23.05
CA SER C 189 26.24 -4.51 -24.38
C SER C 189 25.80 -5.97 -24.56
N SER C 190 26.49 -6.87 -23.88
CA SER C 190 26.20 -8.30 -23.96
C SER C 190 24.83 -8.61 -23.35
N ALA C 191 24.29 -7.65 -22.59
CA ALA C 191 23.00 -7.83 -21.96
C ALA C 191 21.88 -7.41 -22.92
N PHE C 192 22.24 -6.63 -23.93
CA PHE C 192 21.27 -6.16 -24.91
C PHE C 192 21.21 -7.10 -26.12
N VAL C 193 21.79 -8.29 -25.98
CA VAL C 193 21.79 -9.28 -27.04
C VAL C 193 20.38 -9.60 -27.54
N PRO C 194 19.44 -9.81 -26.61
CA PRO C 194 18.07 -10.12 -27.02
C PRO C 194 17.45 -9.03 -27.87
N LEU C 195 17.67 -7.77 -27.46
CA LEU C 195 17.10 -6.64 -28.18
C LEU C 195 17.84 -6.34 -29.48
N ILE C 196 19.08 -5.88 -29.36
CA ILE C 196 19.89 -5.53 -30.53
C ILE C 196 19.99 -6.70 -31.50
N GLY C 197 20.91 -7.61 -31.22
CA GLY C 197 21.13 -8.76 -32.06
C GLY C 197 22.10 -9.74 -31.43
N GLU C 198 21.78 -11.03 -31.55
CA GLU C 198 22.63 -12.08 -30.98
C GLU C 198 24.04 -12.03 -31.56
N LYS C 199 24.99 -11.60 -30.73
CA LYS C 199 26.39 -11.51 -31.13
C LYS C 199 26.64 -10.39 -32.14
N GLY C 200 25.58 -9.96 -32.83
CA GLY C 200 25.68 -8.90 -33.81
C GLY C 200 25.50 -7.53 -33.19
N ALA C 201 25.46 -7.49 -31.86
CA ALA C 201 25.28 -6.23 -31.14
C ALA C 201 26.61 -5.51 -30.96
N GLU C 202 27.29 -5.24 -32.07
CA GLU C 202 28.57 -4.55 -32.04
C GLU C 202 28.72 -3.60 -33.23
N GLY C 203 27.74 -2.72 -33.43
CA GLY C 203 27.76 -1.76 -34.51
C GLY C 203 27.35 -0.38 -34.04
N TRP C 204 26.23 0.12 -34.59
CA TRP C 204 25.71 1.42 -34.19
C TRP C 204 25.49 1.44 -32.68
N LEU C 205 25.11 0.28 -32.13
CA LEU C 205 24.93 0.12 -30.70
C LEU C 205 26.02 -0.79 -30.16
N GLY C 206 25.77 -1.41 -29.01
CA GLY C 206 26.74 -2.30 -28.40
C GLY C 206 27.97 -1.56 -27.93
N LYS C 207 28.85 -1.23 -28.87
CA LYS C 207 30.06 -0.49 -28.56
C LYS C 207 29.69 0.84 -27.90
N LEU C 208 28.67 1.50 -28.46
CA LEU C 208 28.19 2.77 -27.92
C LEU C 208 27.71 2.59 -26.49
N ILE C 209 27.03 1.48 -26.23
CA ILE C 209 26.54 1.17 -24.90
C ILE C 209 27.70 0.99 -23.94
N ASP C 210 28.79 0.41 -24.44
CA ASP C 210 29.99 0.20 -23.64
C ASP C 210 30.73 1.52 -23.45
N ILE C 211 30.60 2.41 -24.43
CA ILE C 211 31.23 3.72 -24.36
C ILE C 211 30.57 4.56 -23.28
N LEU C 212 29.25 4.67 -23.35
CA LEU C 212 28.48 5.43 -22.37
C LEU C 212 28.62 4.81 -20.99
N ALA C 213 28.82 3.51 -20.95
CA ALA C 213 28.97 2.79 -19.69
C ALA C 213 30.15 3.33 -18.89
N ILE C 214 31.28 3.55 -19.57
CA ILE C 214 32.48 4.07 -18.93
C ILE C 214 32.33 5.54 -18.59
N ILE C 215 31.81 6.32 -19.55
CA ILE C 215 31.61 7.75 -19.36
C ILE C 215 30.70 8.04 -18.17
N ALA C 216 29.63 7.26 -18.08
CA ALA C 216 28.67 7.43 -16.98
C ALA C 216 29.32 7.05 -15.66
N THR C 217 30.21 6.08 -15.70
CA THR C 217 30.89 5.61 -14.49
C THR C 217 31.95 6.58 -14.01
N VAL C 218 32.75 7.10 -14.94
CA VAL C 218 33.82 8.02 -14.59
C VAL C 218 33.29 9.29 -13.97
N PHE C 219 32.13 9.74 -14.45
CA PHE C 219 31.51 10.96 -13.91
C PHE C 219 30.83 10.66 -12.58
N GLY C 220 30.16 9.51 -12.51
CA GLY C 220 29.49 9.09 -11.29
C GLY C 220 30.46 8.94 -10.15
N THR C 221 31.61 8.33 -10.43
CA THR C 221 32.65 8.13 -9.43
C THR C 221 33.31 9.46 -9.08
N ALA C 222 33.47 10.31 -10.10
CA ALA C 222 34.08 11.62 -9.91
C ALA C 222 33.28 12.45 -8.90
N CYS C 223 31.98 12.17 -8.81
CA CYS C 223 31.11 12.87 -7.88
C CYS C 223 31.47 12.53 -6.44
N SER C 224 31.52 11.23 -6.16
CA SER C 224 31.87 10.76 -4.82
C SER C 224 33.27 11.22 -4.43
N LEU C 225 34.20 11.14 -5.38
CA LEU C 225 35.56 11.57 -5.15
C LEU C 225 35.61 13.07 -4.85
N GLY C 226 34.82 13.84 -5.60
CA GLY C 226 34.74 15.27 -5.40
C GLY C 226 34.14 15.59 -4.04
N LEU C 227 33.07 14.89 -3.70
CA LEU C 227 32.43 15.08 -2.40
C LEU C 227 33.40 14.74 -1.28
N GLY C 228 34.27 13.77 -1.54
CA GLY C 228 35.28 13.37 -0.57
C GLY C 228 36.30 14.48 -0.35
N ALA C 229 36.57 15.22 -1.42
CA ALA C 229 37.52 16.32 -1.35
C ALA C 229 36.97 17.45 -0.47
N LEU C 230 35.80 17.96 -0.82
CA LEU C 230 35.16 19.02 -0.05
C LEU C 230 34.96 18.59 1.40
N GLN C 231 34.64 17.32 1.59
CA GLN C 231 34.43 16.78 2.93
C GLN C 231 35.71 16.86 3.75
N ILE C 232 36.82 16.42 3.16
CA ILE C 232 38.12 16.45 3.83
C ILE C 232 38.60 17.89 4.00
N GLY C 233 38.44 18.68 2.95
CA GLY C 233 38.85 20.09 2.98
C GLY C 233 38.19 20.83 4.12
N ALA C 234 36.91 20.58 4.32
CA ALA C 234 36.17 21.22 5.41
C ALA C 234 36.61 20.63 6.75
N GLY C 235 37.11 19.41 6.71
CA GLY C 235 37.61 18.76 7.91
C GLY C 235 38.94 19.37 8.31
N LEU C 236 39.75 19.71 7.31
CA LEU C 236 41.04 20.34 7.56
C LEU C 236 40.83 21.75 8.08
N SER C 237 39.78 22.41 7.58
CA SER C 237 39.44 23.76 8.02
C SER C 237 38.86 23.69 9.44
N ALA C 238 38.98 22.53 10.06
CA ALA C 238 38.52 22.32 11.42
C ALA C 238 39.67 21.73 12.23
N ALA C 239 40.89 21.84 11.70
CA ALA C 239 42.09 21.33 12.35
C ALA C 239 43.24 22.35 12.25
N ASN C 240 43.62 22.65 11.01
CA ASN C 240 44.68 23.63 10.76
C ASN C 240 44.07 25.00 10.46
N ILE C 241 43.29 25.50 11.41
CA ILE C 241 42.60 26.79 11.29
C ILE C 241 43.54 27.97 11.51
N ILE C 242 43.80 28.74 10.46
CA ILE C 242 43.27 28.48 9.12
C ILE C 242 44.34 28.88 8.09
N GLU C 243 43.97 28.77 6.81
CA GLU C 243 44.88 29.15 5.73
C GLU C 243 44.29 30.29 4.91
N SER C 246 44.95 30.97 0.63
CA SER C 246 43.64 30.44 0.23
C SER C 246 43.62 28.92 0.27
N ASP C 247 42.42 28.35 0.26
CA ASP C 247 42.25 26.90 0.28
C ASP C 247 42.05 26.34 -1.13
N TRP C 248 42.24 27.19 -2.13
CA TRP C 248 42.08 26.79 -3.52
C TRP C 248 43.05 25.68 -3.89
N THR C 249 44.34 25.92 -3.63
CA THR C 249 45.37 24.93 -3.92
C THR C 249 45.24 23.72 -2.99
N ILE C 250 44.75 23.97 -1.78
CA ILE C 250 44.57 22.92 -0.79
C ILE C 250 43.72 21.78 -1.34
N VAL C 251 42.69 22.14 -2.09
CA VAL C 251 41.81 21.15 -2.70
C VAL C 251 42.60 20.27 -3.66
N GLY C 252 43.43 20.90 -4.48
CA GLY C 252 44.27 20.19 -5.43
C GLY C 252 45.25 19.28 -4.71
N ILE C 253 45.61 19.66 -3.49
CA ILE C 253 46.54 18.88 -2.69
C ILE C 253 45.87 17.63 -2.14
N VAL C 254 44.79 17.84 -1.38
CA VAL C 254 44.04 16.74 -0.78
C VAL C 254 43.73 15.66 -1.80
N SER C 255 43.32 16.07 -2.99
CA SER C 255 42.97 15.14 -4.05
C SER C 255 44.17 14.29 -4.49
N VAL C 256 45.23 14.96 -4.94
CA VAL C 256 46.42 14.27 -5.42
C VAL C 256 47.10 13.43 -4.34
N LEU C 257 46.89 13.80 -3.08
CA LEU C 257 47.47 13.06 -1.97
C LEU C 257 46.98 11.62 -1.99
N THR C 258 45.67 11.44 -2.01
CA THR C 258 45.06 10.12 -2.04
C THR C 258 45.06 9.57 -3.47
N LEU C 259 45.12 10.47 -4.45
CA LEU C 259 45.13 10.07 -5.85
C LEU C 259 46.45 9.41 -6.22
N ALA C 260 47.51 9.78 -5.51
CA ALA C 260 48.83 9.23 -5.77
C ALA C 260 49.03 7.93 -4.99
N PHE C 261 48.30 7.79 -3.89
CA PHE C 261 48.40 6.60 -3.04
C PHE C 261 47.43 5.50 -3.45
N ILE C 262 46.82 5.65 -4.62
CA ILE C 262 45.93 4.62 -5.15
C ILE C 262 46.79 3.67 -5.96
N PHE C 263 47.90 4.17 -6.48
CA PHE C 263 48.83 3.36 -7.26
C PHE C 263 49.53 2.33 -6.38
N SER C 264 50.06 2.81 -5.25
CA SER C 264 50.76 1.95 -4.31
C SER C 264 49.79 1.00 -3.61
N ALA C 265 48.52 1.06 -4.00
CA ALA C 265 47.50 0.19 -3.44
C ALA C 265 46.82 -0.62 -4.54
N ILE C 266 47.37 -0.53 -5.75
CA ILE C 266 46.83 -1.25 -6.90
C ILE C 266 47.89 -2.13 -7.56
N SER C 267 48.99 -1.51 -7.97
CA SER C 267 50.06 -2.23 -8.65
C SER C 267 51.02 -2.91 -7.67
N GLY C 268 51.82 -2.10 -6.99
CA GLY C 268 52.81 -2.60 -6.05
C GLY C 268 52.22 -3.40 -4.91
N VAL C 269 50.96 -3.13 -4.59
CA VAL C 269 50.28 -3.82 -3.48
C VAL C 269 48.92 -4.37 -3.90
N GLY C 270 48.67 -5.63 -3.56
CA GLY C 270 47.40 -6.26 -3.84
C GLY C 270 46.55 -6.35 -2.59
N LYS C 271 45.38 -7.00 -2.71
CA LYS C 271 44.48 -7.16 -1.58
C LYS C 271 44.05 -5.80 -1.00
N GLY C 272 44.17 -4.76 -1.82
CA GLY C 272 43.81 -3.41 -1.40
C GLY C 272 42.34 -3.25 -1.10
N ILE C 273 41.49 -3.70 -2.03
CA ILE C 273 40.04 -3.60 -1.86
C ILE C 273 39.55 -4.40 -0.67
N GLN C 274 40.15 -5.57 -0.46
CA GLN C 274 39.74 -6.45 0.62
C GLN C 274 40.11 -5.90 2.00
N TYR C 275 41.35 -5.46 2.15
CA TYR C 275 41.83 -4.93 3.43
C TYR C 275 41.16 -3.61 3.79
N LEU C 276 41.30 -2.62 2.91
CA LEU C 276 40.75 -1.30 3.16
C LEU C 276 39.25 -1.32 3.43
N SER C 277 38.54 -2.21 2.74
CA SER C 277 37.10 -2.34 2.92
C SER C 277 36.79 -2.71 4.37
N ASN C 278 37.62 -3.59 4.93
CA ASN C 278 37.44 -4.02 6.32
C ASN C 278 37.73 -2.87 7.27
N ALA C 279 38.77 -2.09 6.95
CA ALA C 279 39.14 -0.94 7.77
C ALA C 279 38.03 0.11 7.72
N ASN C 280 37.41 0.25 6.56
CA ASN C 280 36.34 1.22 6.37
C ASN C 280 35.13 0.87 7.23
N MSE C 281 34.80 -0.42 7.29
CA MSE C 281 33.67 -0.89 8.07
C MSE C 281 33.89 -0.63 9.57
O MSE C 281 32.96 -0.32 10.29
CB MSE C 281 33.41 -2.37 7.81
CG MSE C 281 32.92 -2.68 6.41
SE MSE C 281 31.32 -1.70 5.91
CE MSE C 281 30.17 -2.26 7.34
N VAL C 282 35.15 -0.76 10.00
CA VAL C 282 35.49 -0.53 11.40
C VAL C 282 35.36 0.95 11.76
N LEU C 283 36.00 1.80 10.96
CA LEU C 283 35.96 3.24 11.19
C LEU C 283 34.54 3.76 11.08
N ALA C 284 33.79 3.23 10.13
CA ALA C 284 32.40 3.63 9.94
C ALA C 284 31.56 3.15 11.11
N ALA C 285 31.97 2.04 11.71
CA ALA C 285 31.27 1.49 12.87
C ALA C 285 31.56 2.35 14.10
N LEU C 286 32.78 2.88 14.17
CA LEU C 286 33.17 3.73 15.28
C LEU C 286 32.32 5.00 15.31
N LEU C 287 32.26 5.69 14.17
CA LEU C 287 31.48 6.92 14.05
C LEU C 287 30.01 6.66 14.37
N ALA C 288 29.45 5.61 13.78
CA ALA C 288 28.04 5.26 13.99
C ALA C 288 27.74 4.99 15.46
N ILE C 289 28.56 4.17 16.08
CA ILE C 289 28.37 3.81 17.49
C ILE C 289 28.62 5.00 18.40
N PHE C 290 29.72 5.70 18.15
CA PHE C 290 30.10 6.86 18.96
C PHE C 290 28.94 7.84 19.08
N VAL C 291 28.41 8.27 17.94
CA VAL C 291 27.30 9.21 17.91
C VAL C 291 26.06 8.60 18.55
N PHE C 292 25.91 7.28 18.41
CA PHE C 292 24.76 6.57 18.94
C PHE C 292 24.71 6.60 20.47
N VAL C 293 25.79 6.16 21.10
CA VAL C 293 25.86 6.09 22.55
C VAL C 293 26.00 7.46 23.21
N VAL C 294 26.88 8.30 22.63
CA VAL C 294 27.14 9.62 23.17
C VAL C 294 25.92 10.54 23.01
N GLY C 295 25.44 10.67 21.78
CA GLY C 295 24.30 11.52 21.49
C GLY C 295 23.00 10.96 22.03
N PRO C 296 21.86 11.49 21.56
CA PRO C 296 20.53 11.06 22.00
C PRO C 296 20.24 9.63 21.55
N THR C 297 20.64 8.66 22.37
CA THR C 297 20.44 7.26 22.04
C THR C 297 18.98 6.93 21.79
N VAL C 298 18.16 7.16 22.80
CA VAL C 298 16.73 6.87 22.72
C VAL C 298 16.09 7.49 21.48
N SER C 299 16.37 8.77 21.24
CA SER C 299 15.82 9.47 20.10
C SER C 299 16.15 8.75 18.79
N ILE C 300 17.41 8.31 18.66
CA ILE C 300 17.84 7.58 17.47
C ILE C 300 17.04 6.30 17.31
N LEU C 301 16.88 5.56 18.40
CA LEU C 301 16.15 4.31 18.39
C LEU C 301 14.68 4.55 18.04
N ASN C 302 14.13 5.66 18.52
CA ASN C 302 12.74 6.01 18.25
C ASN C 302 12.53 6.33 16.77
N LEU C 303 13.62 6.69 16.09
CA LEU C 303 13.56 7.03 14.68
C LEU C 303 13.55 5.79 13.78
N LEU C 304 13.95 4.65 14.33
CA LEU C 304 13.95 3.41 13.56
C LEU C 304 12.55 3.04 13.07
N PRO C 305 11.57 3.01 13.98
CA PRO C 305 10.19 2.72 13.56
C PRO C 305 9.62 3.89 12.76
N GLY C 306 9.99 5.11 13.16
CA GLY C 306 9.51 6.31 12.49
C GLY C 306 9.92 6.38 11.03
N SER C 307 11.22 6.46 10.79
CA SER C 307 11.74 6.56 9.43
C SER C 307 11.24 5.43 8.53
N ILE C 308 11.20 4.22 9.08
CA ILE C 308 10.75 3.06 8.33
C ILE C 308 9.25 3.13 8.04
N GLY C 309 8.46 3.29 9.08
CA GLY C 309 7.01 3.36 8.95
C GLY C 309 6.58 4.50 8.06
N ASN C 310 7.11 5.68 8.33
CA ASN C 310 6.77 6.87 7.55
C ASN C 310 7.16 6.73 6.08
N TYR C 311 8.26 6.01 5.83
CA TYR C 311 8.73 5.79 4.47
C TYR C 311 7.69 5.03 3.65
N LEU C 312 7.08 4.02 4.28
CA LEU C 312 6.07 3.22 3.62
C LEU C 312 4.79 4.03 3.41
N SER C 313 4.56 5.01 4.28
CA SER C 313 3.37 5.85 4.20
C SER C 313 3.42 6.85 3.06
N ASN C 314 4.52 7.60 2.98
CA ASN C 314 4.67 8.63 1.98
C ASN C 314 5.30 8.15 0.68
N PHE C 315 5.53 6.84 0.56
CA PHE C 315 6.16 6.28 -0.63
C PHE C 315 5.57 6.77 -1.94
N PHE C 316 4.31 6.40 -2.18
CA PHE C 316 3.63 6.76 -3.42
C PHE C 316 3.36 8.26 -3.54
N GLN C 317 3.32 8.95 -2.39
CA GLN C 317 3.12 10.39 -2.39
C GLN C 317 4.39 11.07 -2.90
N MSE C 318 5.55 10.54 -2.49
CA MSE C 318 6.84 11.07 -2.90
C MSE C 318 7.18 10.57 -4.31
O MSE C 318 7.91 11.23 -5.05
CB MSE C 318 7.92 10.65 -1.93
CG MSE C 318 7.75 11.15 -0.51
SE MSE C 318 9.06 10.48 0.74
CE MSE C 318 8.69 8.63 0.66
N ALA C 319 6.63 9.42 -4.66
CA ALA C 319 6.85 8.84 -5.98
C ALA C 319 6.06 9.61 -7.04
N GLY C 320 5.00 10.29 -6.61
CA GLY C 320 4.19 11.07 -7.51
C GLY C 320 4.57 12.54 -7.48
N ARG C 321 5.64 12.84 -6.73
CA ARG C 321 6.13 14.21 -6.61
C ARG C 321 6.82 14.65 -7.89
N THR C 322 6.28 15.68 -8.54
CA THR C 322 6.85 16.19 -9.78
C THR C 322 6.97 17.71 -9.75
N ALA C 323 7.40 18.29 -10.86
CA ALA C 323 7.52 19.74 -10.95
C ALA C 323 6.17 20.40 -11.21
N MSE C 324 5.13 19.85 -10.59
CA MSE C 324 3.78 20.37 -10.73
C MSE C 324 3.07 20.42 -9.39
O MSE C 324 1.89 20.77 -9.30
CB MSE C 324 2.98 19.52 -11.72
CG MSE C 324 3.16 19.89 -13.17
SE MSE C 324 2.37 21.61 -13.62
CE MSE C 324 0.58 21.27 -13.08
N SER C 325 3.80 20.09 -8.34
CA SER C 325 3.23 20.08 -6.99
C SER C 325 4.20 20.67 -5.97
N ALA C 326 3.78 21.73 -5.28
CA ALA C 326 2.45 22.29 -5.51
C ALA C 326 2.52 23.55 -6.36
N ASP C 327 2.03 23.44 -7.59
CA ASP C 327 2.03 24.55 -8.53
C ASP C 327 3.42 24.86 -9.08
N GLY C 328 4.06 23.84 -9.65
CA GLY C 328 5.37 23.99 -10.26
C GLY C 328 6.43 24.61 -9.36
N THR C 329 6.23 24.51 -8.05
CA THR C 329 7.17 25.07 -7.10
C THR C 329 8.29 24.08 -6.75
N ALA C 330 7.99 22.78 -6.86
CA ALA C 330 8.94 21.74 -6.53
C ALA C 330 10.07 21.65 -7.55
N GLY C 331 9.88 22.27 -8.71
CA GLY C 331 10.87 22.23 -9.77
C GLY C 331 12.28 22.50 -9.29
N GLU C 332 12.45 23.57 -8.53
CA GLU C 332 13.76 23.95 -8.02
C GLU C 332 14.27 22.93 -7.00
N TRP C 333 13.38 22.50 -6.12
CA TRP C 333 13.74 21.54 -5.07
C TRP C 333 14.16 20.18 -5.65
N LEU C 334 13.32 19.64 -6.53
CA LEU C 334 13.58 18.34 -7.14
C LEU C 334 14.91 18.33 -7.89
N GLY C 335 15.17 19.39 -8.67
CA GLY C 335 16.38 19.49 -9.45
C GLY C 335 17.65 19.45 -8.64
N SER C 336 17.54 19.76 -7.36
CA SER C 336 18.69 19.79 -6.47
C SER C 336 18.67 18.67 -5.43
N TRP C 337 17.69 17.78 -5.54
CA TRP C 337 17.55 16.66 -4.62
C TRP C 337 17.17 15.37 -5.33
N THR C 338 15.87 15.16 -5.49
CA THR C 338 15.35 13.95 -6.13
C THR C 338 15.99 13.70 -7.49
N ILE C 339 15.81 14.65 -8.41
CA ILE C 339 16.34 14.53 -9.76
C ILE C 339 17.83 14.24 -9.74
N PHE C 340 18.53 14.83 -8.77
CA PHE C 340 19.97 14.64 -8.65
C PHE C 340 20.33 13.19 -8.34
N TYR C 341 19.87 12.71 -7.18
CA TYR C 341 20.17 11.35 -6.76
C TYR C 341 19.84 10.34 -7.85
N TRP C 342 18.66 10.50 -8.45
CA TRP C 342 18.20 9.61 -9.51
C TRP C 342 19.25 9.47 -10.61
N ALA C 343 19.77 10.58 -11.07
CA ALA C 343 20.80 10.58 -12.11
C ALA C 343 22.12 10.04 -11.56
N TRP C 344 22.40 10.37 -10.31
CA TRP C 344 23.64 9.94 -9.68
C TRP C 344 23.71 8.42 -9.50
N TRP C 345 22.56 7.79 -9.28
CA TRP C 345 22.51 6.34 -9.14
C TRP C 345 22.64 5.68 -10.50
N ILE C 346 21.99 6.25 -11.51
CA ILE C 346 22.04 5.72 -12.86
C ILE C 346 23.46 5.72 -13.42
N SER C 347 24.16 6.82 -13.20
CA SER C 347 25.52 6.96 -13.68
C SER C 347 26.45 6.04 -12.90
N TRP C 348 25.98 5.53 -11.78
CA TRP C 348 26.77 4.65 -10.93
C TRP C 348 26.34 3.19 -11.06
N SER C 349 25.24 2.97 -11.78
CA SER C 349 24.68 1.63 -11.96
C SER C 349 25.64 0.62 -12.59
N PRO C 350 26.43 1.06 -13.59
CA PRO C 350 27.36 0.12 -14.22
C PRO C 350 28.33 -0.48 -13.22
N PHE C 351 28.88 0.36 -12.35
CA PHE C 351 29.83 -0.09 -11.34
C PHE C 351 29.19 -1.03 -10.33
N VAL C 352 28.15 -0.55 -9.66
CA VAL C 352 27.45 -1.36 -8.67
C VAL C 352 26.91 -2.65 -9.27
N GLY C 353 26.51 -2.57 -10.54
CA GLY C 353 26.00 -3.73 -11.24
C GLY C 353 27.07 -4.79 -11.42
N MSE C 354 28.25 -4.35 -11.85
CA MSE C 354 29.38 -5.25 -12.05
C MSE C 354 29.79 -5.87 -10.72
O MSE C 354 30.24 -7.01 -10.67
CB MSE C 354 30.56 -4.50 -12.65
CG MSE C 354 30.44 -4.22 -14.13
SE MSE C 354 31.32 -5.53 -15.23
CE MSE C 354 30.39 -7.10 -14.70
N PHE C 355 29.64 -5.10 -9.64
CA PHE C 355 30.01 -5.57 -8.31
C PHE C 355 29.05 -6.64 -7.81
N LEU C 356 27.78 -6.27 -7.68
CA LEU C 356 26.75 -7.19 -7.19
C LEU C 356 26.71 -8.49 -7.98
N ALA C 357 27.06 -8.41 -9.26
CA ALA C 357 27.05 -9.59 -10.12
C ALA C 357 28.07 -10.62 -9.68
N ARG C 358 29.30 -10.17 -9.47
CA ARG C 358 30.38 -11.06 -9.05
C ARG C 358 30.15 -11.63 -7.65
N ILE C 359 29.57 -10.81 -6.79
CA ILE C 359 29.31 -11.20 -5.41
C ILE C 359 28.20 -12.24 -5.33
N SER C 360 27.29 -12.21 -6.30
CA SER C 360 26.15 -13.12 -6.30
C SER C 360 26.29 -14.23 -7.33
N ARG C 361 27.38 -14.98 -7.23
CA ARG C 361 27.64 -16.07 -8.17
C ARG C 361 26.72 -17.26 -7.92
N GLY C 362 25.96 -17.64 -8.95
CA GLY C 362 25.06 -18.77 -8.87
C GLY C 362 24.04 -18.67 -7.75
N ARG C 363 23.54 -17.45 -7.53
CA ARG C 363 22.57 -17.21 -6.48
C ARG C 363 21.21 -16.88 -7.08
N SER C 364 20.17 -17.55 -6.59
CA SER C 364 18.79 -17.36 -7.08
C SER C 364 18.46 -15.91 -7.34
N ILE C 365 17.79 -15.65 -8.47
CA ILE C 365 17.39 -14.30 -8.84
C ILE C 365 16.56 -13.65 -7.73
N ARG C 366 15.64 -14.43 -7.15
CA ARG C 366 14.77 -13.94 -6.10
C ARG C 366 15.54 -13.48 -4.87
N GLU C 367 16.43 -14.34 -4.37
CA GLU C 367 17.23 -14.01 -3.20
C GLU C 367 18.27 -12.94 -3.52
N PHE C 368 18.58 -12.78 -4.81
CA PHE C 368 19.52 -11.76 -5.23
C PHE C 368 18.86 -10.39 -5.15
N ILE C 369 17.70 -10.27 -5.79
CA ILE C 369 16.93 -9.03 -5.79
C ILE C 369 16.46 -8.69 -4.38
N LEU C 370 15.83 -9.66 -3.72
CA LEU C 370 15.31 -9.48 -2.38
C LEU C 370 16.42 -9.15 -1.39
N GLY C 371 17.64 -9.55 -1.72
CA GLY C 371 18.77 -9.30 -0.85
C GLY C 371 19.46 -7.98 -1.13
N VAL C 372 19.29 -7.48 -2.35
CA VAL C 372 19.90 -6.20 -2.74
C VAL C 372 19.04 -5.03 -2.29
N LEU C 373 17.75 -5.27 -2.13
CA LEU C 373 16.82 -4.21 -1.74
C LEU C 373 16.63 -4.12 -0.24
N LEU C 374 16.90 -5.20 0.47
CA LEU C 374 16.68 -5.25 1.91
C LEU C 374 17.94 -4.97 2.73
N VAL C 375 19.02 -5.64 2.40
CA VAL C 375 20.27 -5.50 3.15
C VAL C 375 20.82 -4.07 3.16
N PRO C 376 21.10 -3.51 1.98
CA PRO C 376 21.65 -2.15 1.90
C PRO C 376 20.70 -1.11 2.47
N ALA C 377 19.42 -1.25 2.16
CA ALA C 377 18.40 -0.32 2.65
C ALA C 377 18.34 -0.32 4.16
N GLY C 378 18.88 -1.36 4.78
CA GLY C 378 18.91 -1.48 6.22
C GLY C 378 19.98 -0.57 6.81
N VAL C 379 21.13 -0.51 6.14
CA VAL C 379 22.23 0.33 6.59
C VAL C 379 21.87 1.81 6.48
N SER C 380 21.30 2.16 5.33
CA SER C 380 20.92 3.55 5.08
C SER C 380 19.92 4.04 6.13
N THR C 381 19.09 3.14 6.62
CA THR C 381 18.09 3.48 7.63
C THR C 381 18.75 3.82 8.95
N VAL C 382 19.67 2.97 9.39
CA VAL C 382 20.37 3.16 10.64
C VAL C 382 21.32 4.36 10.60
N TRP C 383 22.05 4.46 9.50
CA TRP C 383 23.03 5.54 9.33
C TRP C 383 22.38 6.92 9.40
N PHE C 384 21.24 7.07 8.73
CA PHE C 384 20.54 8.35 8.70
C PHE C 384 19.82 8.64 10.02
N SER C 385 19.43 7.59 10.71
CA SER C 385 18.73 7.73 11.99
C SER C 385 19.69 8.13 13.10
N ILE C 386 20.99 7.92 12.86
CA ILE C 386 22.02 8.25 13.83
C ILE C 386 22.53 9.68 13.62
N PHE C 387 23.16 9.90 12.48
CA PHE C 387 23.71 11.21 12.15
C PHE C 387 22.62 12.21 11.82
N GLY C 388 21.82 11.91 10.80
CA GLY C 388 20.73 12.76 10.41
C GLY C 388 19.66 12.84 11.48
N GLY C 389 19.77 11.95 12.48
CA GLY C 389 18.83 11.92 13.59
C GLY C 389 19.23 12.89 14.68
N THR C 390 20.45 12.75 15.18
CA THR C 390 20.97 13.63 16.23
C THR C 390 21.03 15.06 15.73
N ALA C 391 21.40 15.23 14.45
CA ALA C 391 21.49 16.55 13.84
C ALA C 391 20.16 17.28 13.96
N ILE C 392 19.07 16.52 13.96
CA ILE C 392 17.74 17.09 14.10
C ILE C 392 17.42 17.31 15.57
N VAL C 393 17.89 16.39 16.42
CA VAL C 393 17.69 16.50 17.87
C VAL C 393 18.36 17.78 18.38
N PHE C 394 19.53 18.09 17.84
CA PHE C 394 20.25 19.30 18.21
C PHE C 394 19.50 20.53 17.69
N GLU C 395 18.99 20.42 16.47
CA GLU C 395 18.23 21.50 15.86
C GLU C 395 17.00 21.82 16.71
N GLN C 396 16.50 20.81 17.41
CA GLN C 396 15.34 20.97 18.27
C GLN C 396 15.72 21.61 19.60
N ASN C 397 16.88 21.23 20.13
CA ASN C 397 17.33 21.73 21.41
C ASN C 397 18.08 23.06 21.36
N GLY C 398 18.23 23.61 20.16
CA GLY C 398 18.87 24.90 19.99
C GLY C 398 20.29 24.85 19.46
N GLU C 399 21.01 23.77 19.76
CA GLU C 399 22.39 23.62 19.30
C GLU C 399 22.44 23.26 17.82
N SER C 400 21.90 24.12 16.98
CA SER C 400 21.89 23.88 15.54
C SER C 400 23.28 23.64 14.98
N ILE C 401 23.50 22.45 14.43
CA ILE C 401 24.78 22.10 13.84
C ILE C 401 24.94 22.79 12.49
N TRP C 402 23.84 23.34 11.98
CA TRP C 402 23.84 24.03 10.69
C TRP C 402 25.00 25.00 10.57
N GLY C 403 26.05 24.58 9.85
CA GLY C 403 27.24 25.39 9.67
C GLY C 403 27.05 26.45 8.59
N ASP C 404 26.20 27.43 8.89
CA ASP C 404 25.93 28.53 7.96
C ASP C 404 25.77 28.10 6.50
N GLY C 405 25.22 26.91 6.28
CA GLY C 405 24.99 26.40 4.94
C GLY C 405 25.98 25.35 4.50
N ALA C 406 27.24 25.53 4.86
CA ALA C 406 28.30 24.59 4.48
C ALA C 406 27.93 23.15 4.86
N ALA C 407 27.59 22.35 3.85
CA ALA C 407 27.18 20.97 4.07
C ALA C 407 28.33 20.11 4.58
N GLU C 408 29.54 20.39 4.12
CA GLU C 408 30.70 19.60 4.50
C GLU C 408 31.10 19.84 5.95
N GLU C 409 30.91 21.07 6.42
CA GLU C 409 31.29 21.44 7.77
C GLU C 409 30.26 21.00 8.81
N GLN C 410 29.17 20.41 8.35
CA GLN C 410 28.09 19.99 9.24
C GLN C 410 28.35 18.63 9.89
N LEU C 411 29.03 17.75 9.18
CA LEU C 411 29.35 16.44 9.72
C LEU C 411 30.32 16.59 10.90
N PHE C 412 31.35 17.40 10.70
CA PHE C 412 32.35 17.64 11.73
C PHE C 412 31.76 18.46 12.87
N GLY C 413 30.83 19.35 12.52
CA GLY C 413 30.16 20.18 13.51
C GLY C 413 29.32 19.31 14.43
N LEU C 414 28.76 18.23 13.87
CA LEU C 414 27.95 17.30 14.64
C LEU C 414 28.83 16.51 15.60
N LEU C 415 30.09 16.34 15.22
CA LEU C 415 31.04 15.61 16.06
C LEU C 415 31.61 16.48 17.16
N HIS C 416 32.06 17.68 16.79
CA HIS C 416 32.62 18.62 17.75
C HIS C 416 31.62 19.00 18.83
N ALA C 417 30.33 18.77 18.56
CA ALA C 417 29.29 19.07 19.52
C ALA C 417 29.17 17.96 20.57
N LEU C 418 29.84 16.84 20.30
CA LEU C 418 29.82 15.70 21.21
C LEU C 418 31.18 15.50 21.86
N PRO C 419 31.18 15.01 23.12
CA PRO C 419 32.41 14.74 23.87
C PRO C 419 33.37 13.85 23.08
N GLY C 420 34.52 14.40 22.73
CA GLY C 420 35.52 13.66 21.96
C GLY C 420 35.34 13.87 20.47
N GLY C 421 34.75 15.00 20.11
CA GLY C 421 34.51 15.33 18.72
C GLY C 421 35.77 15.60 17.94
N GLN C 422 36.73 16.27 18.57
CA GLN C 422 37.99 16.59 17.93
C GLN C 422 38.72 15.32 17.51
N ILE C 423 38.52 14.26 18.29
CA ILE C 423 39.15 12.97 17.99
C ILE C 423 38.46 12.29 16.83
N MSE C 424 37.15 12.06 16.97
CA MSE C 424 36.37 11.39 15.94
C MSE C 424 36.38 12.19 14.63
O MSE C 424 36.19 11.62 13.56
CB MSE C 424 34.94 11.17 16.42
CG MSE C 424 34.82 10.37 17.70
SE MSE C 424 35.62 8.61 17.55
CE MSE C 424 34.44 7.84 16.25
N GLY C 425 36.60 13.49 14.74
CA GLY C 425 36.66 14.35 13.58
C GLY C 425 37.82 13.97 12.67
N ILE C 426 38.92 13.55 13.28
CA ILE C 426 40.10 13.11 12.55
C ILE C 426 39.87 11.71 12.00
N ILE C 427 39.26 10.86 12.81
CA ILE C 427 38.96 9.48 12.40
C ILE C 427 38.04 9.49 11.19
N ALA C 428 36.99 10.30 11.25
CA ALA C 428 36.04 10.41 10.15
C ALA C 428 36.74 10.99 8.93
N MSE C 429 37.72 11.85 9.16
CA MSE C 429 38.47 12.48 8.08
C MSE C 429 39.35 11.45 7.38
O MSE C 429 39.45 11.44 6.15
CB MSE C 429 39.32 13.61 8.63
CG MSE C 429 39.80 14.59 7.60
SE MSE C 429 40.83 16.06 8.39
CE MSE C 429 39.71 16.47 9.88
N ILE C 430 39.98 10.58 8.16
CA ILE C 430 40.83 9.53 7.63
C ILE C 430 39.97 8.53 6.87
N LEU C 431 38.81 8.22 7.42
CA LEU C 431 37.88 7.28 6.81
C LEU C 431 37.51 7.74 5.41
N LEU C 432 37.48 9.05 5.21
CA LEU C 432 37.15 9.62 3.92
C LEU C 432 38.28 9.36 2.92
N GLY C 433 39.51 9.51 3.39
CA GLY C 433 40.67 9.26 2.56
C GLY C 433 40.73 7.83 2.09
N THR C 434 40.35 6.91 2.97
CA THR C 434 40.33 5.49 2.65
C THR C 434 39.21 5.19 1.66
N PHE C 435 38.07 5.84 1.85
CA PHE C 435 36.94 5.67 0.94
C PHE C 435 37.30 6.18 -0.44
N PHE C 436 38.01 7.31 -0.49
CA PHE C 436 38.42 7.90 -1.76
C PHE C 436 39.25 6.91 -2.57
N ILE C 437 40.07 6.13 -1.86
CA ILE C 437 40.93 5.14 -2.51
C ILE C 437 40.15 3.91 -2.94
N THR C 438 39.36 3.37 -2.02
CA THR C 438 38.56 2.18 -2.29
C THR C 438 37.56 2.41 -3.41
N SER C 439 36.90 3.56 -3.36
CA SER C 439 35.90 3.91 -4.36
C SER C 439 36.53 4.05 -5.74
N ALA C 440 37.67 4.73 -5.79
CA ALA C 440 38.38 4.92 -7.05
C ALA C 440 38.98 3.61 -7.55
N ASP C 441 39.49 2.81 -6.63
CA ASP C 441 40.09 1.53 -6.96
C ASP C 441 39.06 0.59 -7.56
N SER C 442 37.96 0.38 -6.84
CA SER C 442 36.89 -0.51 -7.30
C SER C 442 36.28 -0.04 -8.61
N ALA C 443 36.05 1.27 -8.71
CA ALA C 443 35.46 1.84 -9.91
C ALA C 443 36.38 1.69 -11.12
N SER C 444 37.69 1.69 -10.86
CA SER C 444 38.69 1.56 -11.92
C SER C 444 38.77 0.13 -12.44
N THR C 445 38.75 -0.84 -11.52
CA THR C 445 38.81 -2.25 -11.89
C THR C 445 37.61 -2.64 -12.75
N VAL C 446 36.54 -1.87 -12.62
CA VAL C 446 35.32 -2.11 -13.39
C VAL C 446 35.42 -1.47 -14.76
N MSE C 447 35.88 -0.22 -14.79
CA MSE C 447 36.03 0.52 -16.04
C MSE C 447 37.05 -0.14 -16.95
O MSE C 447 36.88 -0.21 -18.16
CB MSE C 447 36.41 1.97 -15.77
CG MSE C 447 35.33 2.82 -15.16
SE MSE C 447 35.84 4.66 -14.83
CE MSE C 447 37.13 4.39 -13.44
N GLY C 448 38.12 -0.65 -16.35
CA GLY C 448 39.16 -1.34 -17.10
C GLY C 448 38.64 -2.61 -17.71
N THR C 449 37.74 -3.29 -17.01
CA THR C 449 37.13 -4.52 -17.49
C THR C 449 36.32 -4.25 -18.75
N MSE C 450 35.57 -3.15 -18.72
CA MSE C 450 34.74 -2.78 -19.86
C MSE C 450 35.57 -2.35 -21.06
O MSE C 450 35.08 -2.28 -22.18
CB MSE C 450 33.77 -1.66 -19.46
CG MSE C 450 32.83 -2.00 -18.33
SE MSE C 450 31.74 -0.49 -17.76
CE MSE C 450 30.66 -1.39 -16.46
N SER C 451 36.85 -2.08 -20.80
CA SER C 451 37.76 -1.67 -21.86
C SER C 451 38.58 -2.84 -22.39
N GLN C 452 38.33 -4.03 -21.86
CA GLN C 452 39.04 -5.22 -22.26
C GLN C 452 38.11 -6.36 -22.62
N HIS C 453 37.03 -6.03 -23.33
CA HIS C 453 36.05 -7.03 -23.76
C HIS C 453 35.50 -7.84 -22.60
N GLY C 454 35.36 -7.20 -21.45
CA GLY C 454 34.82 -7.85 -20.27
C GLY C 454 35.78 -8.80 -19.58
N GLN C 455 37.08 -8.52 -19.72
CA GLN C 455 38.10 -9.35 -19.09
C GLN C 455 38.02 -9.23 -17.57
N LEU C 456 37.73 -10.34 -16.91
CA LEU C 456 37.59 -10.37 -15.46
C LEU C 456 38.88 -9.96 -14.75
N GLU C 457 40.01 -10.29 -15.36
CA GLU C 457 41.32 -9.97 -14.77
C GLU C 457 41.98 -8.81 -15.50
N ALA C 458 41.50 -7.60 -15.23
CA ALA C 458 42.05 -6.41 -15.86
C ALA C 458 43.47 -6.12 -15.38
N ASN C 459 44.25 -5.42 -16.20
CA ASN C 459 45.61 -5.07 -15.85
C ASN C 459 45.65 -3.95 -14.81
N LYS C 460 46.53 -4.09 -13.84
CA LYS C 460 46.67 -3.10 -12.77
C LYS C 460 47.24 -1.78 -13.29
N TRP C 461 47.57 -1.75 -14.58
CA TRP C 461 48.10 -0.55 -15.20
C TRP C 461 46.97 0.25 -15.85
N VAL C 462 46.16 -0.43 -16.65
CA VAL C 462 45.02 0.22 -17.30
C VAL C 462 44.00 0.61 -16.25
N THR C 463 43.98 -0.12 -15.14
CA THR C 463 43.08 0.18 -14.03
C THR C 463 43.47 1.50 -13.39
N ALA C 464 44.76 1.65 -13.11
CA ALA C 464 45.28 2.88 -12.51
C ALA C 464 45.12 4.05 -13.48
N ALA C 465 45.07 3.74 -14.77
CA ALA C 465 44.91 4.76 -15.80
C ALA C 465 43.59 5.49 -15.62
N TRP C 466 42.53 4.73 -15.40
CA TRP C 466 41.21 5.31 -15.18
C TRP C 466 41.13 5.96 -13.81
N GLY C 467 42.04 5.57 -12.92
CA GLY C 467 42.10 6.12 -11.58
C GLY C 467 42.31 7.63 -11.61
N VAL C 468 43.34 8.07 -12.31
CA VAL C 468 43.63 9.49 -12.44
C VAL C 468 42.65 10.15 -13.39
N ALA C 469 42.15 9.38 -14.34
CA ALA C 469 41.19 9.89 -15.31
C ALA C 469 39.90 10.32 -14.63
N THR C 470 39.54 9.61 -13.57
CA THR C 470 38.33 9.91 -12.79
C THR C 470 38.58 11.09 -11.86
N ALA C 471 39.73 11.08 -11.21
CA ALA C 471 40.11 12.15 -10.29
C ALA C 471 40.32 13.45 -11.05
N ALA C 472 40.70 13.33 -12.33
CA ALA C 472 40.90 14.50 -13.18
C ALA C 472 39.58 15.24 -13.33
N ILE C 473 38.53 14.49 -13.68
CA ILE C 473 37.19 15.07 -13.80
C ILE C 473 36.71 15.49 -12.42
N GLY C 474 37.27 14.88 -11.39
CA GLY C 474 36.92 15.19 -10.01
C GLY C 474 37.22 16.64 -9.68
N LEU C 475 38.48 17.02 -9.81
CA LEU C 475 38.91 18.39 -9.51
C LEU C 475 38.33 19.38 -10.51
N THR C 476 38.24 18.96 -11.77
CA THR C 476 37.72 19.81 -12.84
C THR C 476 36.34 20.37 -12.48
N LEU C 477 35.54 19.56 -11.78
CA LEU C 477 34.20 19.97 -11.40
C LEU C 477 34.20 20.80 -10.13
N LEU C 478 35.24 20.65 -9.31
CA LEU C 478 35.35 21.38 -8.06
C LEU C 478 35.99 22.76 -8.25
N LEU C 479 36.80 22.88 -9.30
CA LEU C 479 37.49 24.13 -9.59
C LEU C 479 36.66 25.03 -10.49
N SER C 480 35.88 24.42 -11.38
CA SER C 480 35.04 25.17 -12.30
C SER C 480 33.97 25.94 -11.53
N GLY C 481 33.50 25.37 -10.43
CA GLY C 481 32.49 26.00 -9.60
C GLY C 481 33.09 26.99 -8.62
N GLY C 482 34.32 26.71 -8.19
CA GLY C 482 35.02 27.55 -7.24
C GLY C 482 34.35 27.54 -5.87
N ASP C 483 33.55 28.58 -5.61
CA ASP C 483 32.82 28.67 -4.35
C ASP C 483 31.62 27.74 -4.36
N ASN C 484 30.98 27.64 -5.53
CA ASN C 484 29.82 26.77 -5.70
C ASN C 484 30.25 25.43 -6.29
N ALA C 485 31.35 24.89 -5.77
CA ALA C 485 31.88 23.61 -6.25
C ALA C 485 30.85 22.50 -6.16
N LEU C 486 30.09 22.50 -5.06
CA LEU C 486 29.06 21.49 -4.85
C LEU C 486 27.95 21.62 -5.87
N SER C 487 27.57 22.86 -6.17
CA SER C 487 26.51 23.14 -7.12
C SER C 487 26.86 22.62 -8.52
N ASN C 488 28.07 22.93 -8.97
CA ASN C 488 28.54 22.51 -10.29
C ASN C 488 28.80 21.01 -10.33
N LEU C 489 29.26 20.45 -9.22
CA LEU C 489 29.55 19.03 -9.12
C LEU C 489 28.28 18.19 -9.33
N GLN C 490 27.21 18.57 -8.64
CA GLN C 490 25.94 17.87 -8.74
C GLN C 490 25.36 17.98 -10.15
N ASN C 491 25.57 19.13 -10.78
CA ASN C 491 25.05 19.36 -12.12
C ASN C 491 25.69 18.46 -13.18
N VAL C 492 27.02 18.55 -13.31
CA VAL C 492 27.74 17.75 -14.29
C VAL C 492 27.35 16.27 -14.20
N THR C 493 27.03 15.83 -12.99
CA THR C 493 26.63 14.44 -12.76
C THR C 493 25.36 14.11 -13.52
N ILE C 494 24.35 14.96 -13.40
CA ILE C 494 23.07 14.76 -14.06
C ILE C 494 23.22 14.69 -15.57
N VAL C 495 24.25 15.37 -16.08
CA VAL C 495 24.49 15.40 -17.52
C VAL C 495 24.85 14.02 -18.06
N ALA C 496 25.95 13.46 -17.55
CA ALA C 496 26.44 12.17 -18.01
C ALA C 496 25.46 11.02 -17.77
N ALA C 497 24.53 11.22 -16.85
CA ALA C 497 23.56 10.19 -16.51
C ALA C 497 22.35 10.19 -17.44
N THR C 498 22.04 11.37 -17.97
CA THR C 498 20.89 11.53 -18.85
C THR C 498 20.84 10.49 -19.96
N PRO C 499 21.94 10.32 -20.72
CA PRO C 499 21.94 9.36 -21.81
C PRO C 499 21.82 7.92 -21.31
N PHE C 500 22.52 7.61 -20.22
CA PHE C 500 22.52 6.26 -19.67
C PHE C 500 21.17 5.87 -19.07
N LEU C 501 20.33 6.87 -18.81
CA LEU C 501 19.01 6.63 -18.26
C LEU C 501 18.22 5.68 -19.16
N PHE C 502 18.13 6.03 -20.43
CA PHE C 502 17.39 5.22 -21.40
C PHE C 502 18.01 3.83 -21.57
N VAL C 503 19.32 3.75 -21.30
CA VAL C 503 20.04 2.47 -21.40
C VAL C 503 19.49 1.50 -20.37
N VAL C 504 19.25 1.99 -19.15
CA VAL C 504 18.71 1.17 -18.08
C VAL C 504 17.25 0.84 -18.34
N ILE C 505 16.55 1.76 -18.99
CA ILE C 505 15.16 1.55 -19.34
C ILE C 505 15.04 0.46 -20.42
N GLY C 506 16.00 0.46 -21.35
CA GLY C 506 16.04 -0.53 -22.41
C GLY C 506 16.58 -1.83 -21.86
N LEU C 507 17.48 -1.71 -20.88
CA LEU C 507 18.07 -2.88 -20.24
C LEU C 507 16.98 -3.64 -19.48
N MSE C 508 15.88 -2.93 -19.23
CA MSE C 508 14.74 -3.51 -18.54
C MSE C 508 14.00 -4.50 -19.43
O MSE C 508 13.47 -5.50 -18.98
CB MSE C 508 13.80 -2.41 -18.07
CG MSE C 508 12.56 -2.86 -17.35
SE MSE C 508 11.51 -1.37 -16.66
CE MSE C 508 12.73 -0.63 -15.43
N PHE C 509 13.96 -4.19 -20.73
CA PHE C 509 13.30 -5.05 -21.69
C PHE C 509 14.17 -6.25 -22.03
N ALA C 510 15.47 -6.01 -22.22
CA ALA C 510 16.41 -7.08 -22.55
C ALA C 510 16.44 -8.14 -21.45
N LEU C 511 16.21 -7.72 -20.22
CA LEU C 511 16.23 -8.62 -19.08
C LEU C 511 14.96 -9.46 -19.04
N VAL C 512 13.91 -8.96 -19.70
CA VAL C 512 12.63 -9.67 -19.76
C VAL C 512 12.62 -10.73 -20.86
N LYS C 513 13.23 -10.41 -21.99
CA LYS C 513 13.30 -11.35 -23.11
C LYS C 513 14.24 -12.52 -22.81
N ASP C 514 15.36 -12.23 -22.16
CA ASP C 514 16.32 -13.27 -21.79
C ASP C 514 15.66 -14.26 -20.86
N LEU C 515 14.92 -13.76 -19.88
CA LEU C 515 14.25 -14.61 -18.91
C LEU C 515 13.13 -15.42 -19.55
N SER C 516 12.37 -14.80 -20.45
CA SER C 516 11.27 -15.47 -21.12
C SER C 516 11.76 -16.54 -22.08
N ASN C 517 13.07 -16.55 -22.31
CA ASN C 517 13.67 -17.56 -23.18
C ASN C 517 14.67 -18.42 -22.40
N ASP C 518 14.56 -18.39 -21.08
CA ASP C 518 15.44 -19.17 -20.22
C ASP C 518 14.99 -20.63 -20.15
N VAL C 519 15.95 -21.54 -20.07
CA VAL C 519 15.65 -22.97 -20.02
C VAL C 519 14.63 -23.30 -18.95
N ILE C 520 14.95 -22.95 -17.70
CA ILE C 520 14.05 -23.21 -16.58
C ILE C 520 12.66 -22.63 -16.80
N TYR C 521 12.61 -21.44 -17.41
CA TYR C 521 11.35 -20.78 -17.67
C TYR C 521 10.51 -21.54 -18.70
N LEU C 522 11.07 -21.74 -19.88
CA LEU C 522 10.38 -22.48 -20.93
C LEU C 522 9.96 -23.85 -20.43
N GLU C 523 10.89 -24.54 -19.77
CA GLU C 523 10.63 -25.87 -19.23
C GLU C 523 9.47 -25.85 -18.25
N TYR C 524 9.21 -24.68 -17.68
CA TYR C 524 8.12 -24.52 -16.71
C TYR C 524 6.77 -24.29 -17.40
N ARG C 525 6.75 -23.38 -18.36
CA ARG C 525 5.52 -23.08 -19.08
C ARG C 525 5.04 -24.26 -19.91
N GLU C 526 6.01 -25.03 -20.43
CA GLU C 526 5.70 -26.20 -21.24
C GLU C 526 5.27 -27.38 -20.37
N GLN C 527 5.76 -27.41 -19.14
CA GLN C 527 5.42 -28.46 -18.19
C GLN C 527 4.08 -28.15 -17.52
N GLN C 528 3.78 -26.86 -17.41
CA GLN C 528 2.51 -26.41 -16.84
C GLN C 528 1.40 -26.58 -17.86
N ARG C 529 1.75 -26.44 -19.14
CA ARG C 529 0.80 -26.59 -20.22
C ARG C 529 0.41 -28.06 -20.37
N PHE C 530 1.29 -28.95 -19.93
CA PHE C 530 1.03 -30.37 -19.97
C PHE C 530 0.12 -30.77 -18.81
N ASN C 531 0.27 -30.08 -17.68
CA ASN C 531 -0.55 -30.35 -16.50
C ASN C 531 -1.96 -29.79 -16.68
N ALA C 532 -2.08 -28.70 -17.42
CA ALA C 532 -3.37 -28.07 -17.68
C ALA C 532 -4.07 -28.77 -18.85
N ARG C 533 -3.40 -29.75 -19.43
CA ARG C 533 -3.95 -30.51 -20.54
C ARG C 533 -4.14 -31.97 -20.16
N LEU C 534 -3.43 -32.41 -19.11
CA LEU C 534 -3.52 -33.78 -18.64
C LEU C 534 -4.85 -34.04 -17.94
N ALA C 535 -5.17 -33.19 -16.98
CA ALA C 535 -6.43 -33.31 -16.25
C ALA C 535 -7.57 -32.75 -17.08
N ARG C 536 -7.26 -32.35 -18.31
CA ARG C 536 -8.26 -31.80 -19.22
C ARG C 536 -8.90 -32.91 -20.06
N GLU C 537 -8.07 -33.79 -20.59
CA GLU C 537 -8.54 -34.90 -21.41
C GLU C 537 -9.20 -35.98 -20.55
N ARG C 538 -8.69 -36.15 -19.33
CA ARG C 538 -9.23 -37.13 -18.40
C ARG C 538 -10.66 -36.77 -18.01
N ARG C 539 -10.96 -35.48 -18.03
CA ARG C 539 -12.29 -34.99 -17.68
C ARG C 539 -13.34 -35.46 -18.69
N BET D . -8.90 -6.97 23.17
CA BET D . -8.63 -7.77 24.37
C BET D . -9.91 -7.92 25.20
O BET D . -10.07 -7.12 26.14
OXT BET D . -10.70 -8.83 24.88
C1 BET D . -7.67 -6.79 22.40
C2 BET D . -9.42 -5.65 23.57
C3 BET D . -9.92 -7.64 22.33
N BET E . -16.54 5.17 -18.37
CA BET E . -17.76 4.62 -19.01
C BET E . -17.88 5.18 -20.43
O BET E . -18.62 6.18 -20.58
OXT BET E . -17.26 4.58 -21.33
C1 BET E . -16.45 4.65 -16.99
C2 BET E . -16.63 6.63 -18.33
C3 BET E . -15.35 4.77 -19.12
N BET F . 24.10 3.91 -2.22
CA BET F . 25.08 3.45 -3.22
C BET F . 26.49 3.87 -2.81
O BET F . 26.89 4.99 -3.22
OXT BET F . 27.15 3.06 -2.12
C1 BET F . 22.75 3.50 -2.62
C2 BET F . 24.16 5.38 -2.13
C3 BET F . 24.42 3.32 -0.91
#